data_3K8A
# 
_entry.id   3K8A 
# 
_audit_conform.dict_name       mmcif_pdbx.dic 
_audit_conform.dict_version    5.378 
_audit_conform.dict_location   http://mmcif.pdb.org/dictionaries/ascii/mmcif_pdbx.dic 
# 
loop_
_database_2.database_id 
_database_2.database_code 
_database_2.pdbx_database_accession 
_database_2.pdbx_DOI 
PDB   3K8A         pdb_00003k8a 10.2210/pdb3k8a/pdb 
RCSB  RCSB055671   ?            ?                   
WWPDB D_1000055671 ?            ?                   
# 
_pdbx_database_status.entry_id                        3K8A 
_pdbx_database_status.status_code                     REL 
_pdbx_database_status.deposit_site                    RCSB 
_pdbx_database_status.process_site                    RCSB 
_pdbx_database_status.recvd_initial_deposition_date   2009-10-14 
_pdbx_database_status.status_code_sf                  REL 
_pdbx_database_status.status_code_mr                  ? 
_pdbx_database_status.SG_entry                        ? 
_pdbx_database_status.pdb_format_compatible           Y 
_pdbx_database_status.status_code_cs                  ? 
_pdbx_database_status.methods_development_category    ? 
_pdbx_database_status.status_code_nmr_data            ? 
# 
loop_
_audit_author.name 
_audit_author.pdbx_ordinal 
'Lopper, M.E.'  1 
'Dong, J.'      2 
'George, N.P.'  3 
'Duckett, K.L.' 4 
'DeBeer, M.A.'  5 
# 
_citation.id                        primary 
_citation.title                     
;The crystal structure of Neisseria gonorrhoeae PriB reveals mechanistic differences among bacterial DNA replication restart pathways
;
_citation.journal_abbrev            'Nucleic Acids Res.' 
_citation.journal_volume            38 
_citation.page_first                499 
_citation.page_last                 509 
_citation.year                      2010 
_citation.journal_id_ASTM           NARHAD 
_citation.country                   UK 
_citation.journal_id_ISSN           0305-1048 
_citation.journal_id_CSD            0389 
_citation.book_publisher            ? 
_citation.pdbx_database_id_PubMed   19906704 
_citation.pdbx_database_id_DOI      10.1093/nar/gkp1031 
# 
loop_
_citation_author.citation_id 
_citation_author.name 
_citation_author.ordinal 
_citation_author.identifier_ORCID 
primary 'Dong, J.'      1 ? 
primary 'George, N.P.'  2 ? 
primary 'Duckett, K.L.' 3 ? 
primary 'DeBeer, M.A.'  4 ? 
primary 'Lopper, M.E.'  5 ? 
# 
_cell.length_a           74.240 
_cell.length_b           74.240 
_cell.length_c           140.359 
_cell.angle_alpha        90.000 
_cell.angle_beta         90.000 
_cell.angle_gamma        90.000 
_cell.entry_id           3K8A 
_cell.pdbx_unique_axis   ? 
_cell.Z_PDB              16 
_cell.length_a_esd       ? 
_cell.length_b_esd       ? 
_cell.length_c_esd       ? 
_cell.angle_alpha_esd    ? 
_cell.angle_beta_esd     ? 
_cell.angle_gamma_esd    ? 
# 
_symmetry.space_group_name_H-M             'I 41' 
_symmetry.entry_id                         3K8A 
_symmetry.Int_Tables_number                80 
_symmetry.pdbx_full_space_group_name_H-M   ? 
_symmetry.cell_setting                     ? 
_symmetry.space_group_name_Hall            ? 
# 
loop_
_entity.id 
_entity.type 
_entity.src_method 
_entity.pdbx_description 
_entity.formula_weight 
_entity.pdbx_number_of_molecules 
_entity.pdbx_ec 
_entity.pdbx_mutation 
_entity.pdbx_fragment 
_entity.details 
1 polymer man 'Putative primosomal replication protein' 11740.555 2 ? ? ? ? 
2 water   nat water                                     18.015    8 ? ? ? ? 
# 
_entity_poly.entity_id                      1 
_entity_poly.type                           'polypeptide(L)' 
_entity_poly.nstd_linkage                   no 
_entity_poly.nstd_monomer                   no 
_entity_poly.pdbx_seq_one_letter_code       
;GSHMGFTNLVSLAALIEKAFPIRYTPAGIPVLDIILKHESWQEENGQQCLVQLEIPARILGRQAEEWQYRQGDCATVEGF
LAQKSRRSLMPMLRIQNIKEYKG
;
_entity_poly.pdbx_seq_one_letter_code_can   
;GSHMGFTNLVSLAALIEKAFPIRYTPAGIPVLDIILKHESWQEENGQQCLVQLEIPARILGRQAEEWQYRQGDCATVEGF
LAQKSRRSLMPMLRIQNIKEYKG
;
_entity_poly.pdbx_strand_id                 A,B 
_entity_poly.pdbx_target_identifier         ? 
# 
loop_
_entity_poly_seq.entity_id 
_entity_poly_seq.num 
_entity_poly_seq.mon_id 
_entity_poly_seq.hetero 
1 1   GLY n 
1 2   SER n 
1 3   HIS n 
1 4   MET n 
1 5   GLY n 
1 6   PHE n 
1 7   THR n 
1 8   ASN n 
1 9   LEU n 
1 10  VAL n 
1 11  SER n 
1 12  LEU n 
1 13  ALA n 
1 14  ALA n 
1 15  LEU n 
1 16  ILE n 
1 17  GLU n 
1 18  LYS n 
1 19  ALA n 
1 20  PHE n 
1 21  PRO n 
1 22  ILE n 
1 23  ARG n 
1 24  TYR n 
1 25  THR n 
1 26  PRO n 
1 27  ALA n 
1 28  GLY n 
1 29  ILE n 
1 30  PRO n 
1 31  VAL n 
1 32  LEU n 
1 33  ASP n 
1 34  ILE n 
1 35  ILE n 
1 36  LEU n 
1 37  LYS n 
1 38  HIS n 
1 39  GLU n 
1 40  SER n 
1 41  TRP n 
1 42  GLN n 
1 43  GLU n 
1 44  GLU n 
1 45  ASN n 
1 46  GLY n 
1 47  GLN n 
1 48  GLN n 
1 49  CYS n 
1 50  LEU n 
1 51  VAL n 
1 52  GLN n 
1 53  LEU n 
1 54  GLU n 
1 55  ILE n 
1 56  PRO n 
1 57  ALA n 
1 58  ARG n 
1 59  ILE n 
1 60  LEU n 
1 61  GLY n 
1 62  ARG n 
1 63  GLN n 
1 64  ALA n 
1 65  GLU n 
1 66  GLU n 
1 67  TRP n 
1 68  GLN n 
1 69  TYR n 
1 70  ARG n 
1 71  GLN n 
1 72  GLY n 
1 73  ASP n 
1 74  CYS n 
1 75  ALA n 
1 76  THR n 
1 77  VAL n 
1 78  GLU n 
1 79  GLY n 
1 80  PHE n 
1 81  LEU n 
1 82  ALA n 
1 83  GLN n 
1 84  LYS n 
1 85  SER n 
1 86  ARG n 
1 87  ARG n 
1 88  SER n 
1 89  LEU n 
1 90  MET n 
1 91  PRO n 
1 92  MET n 
1 93  LEU n 
1 94  ARG n 
1 95  ILE n 
1 96  GLN n 
1 97  ASN n 
1 98  ILE n 
1 99  LYS n 
1 100 GLU n 
1 101 TYR n 
1 102 LYS n 
1 103 GLY n 
# 
_entity_src_gen.entity_id                          1 
_entity_src_gen.pdbx_src_id                        1 
_entity_src_gen.pdbx_alt_source_flag               sample 
_entity_src_gen.pdbx_seq_type                      ? 
_entity_src_gen.pdbx_beg_seq_num                   ? 
_entity_src_gen.pdbx_end_seq_num                   ? 
_entity_src_gen.gene_src_common_name               ? 
_entity_src_gen.gene_src_genus                     ? 
_entity_src_gen.pdbx_gene_src_gene                 'NGO0582, prib' 
_entity_src_gen.gene_src_species                   ? 
_entity_src_gen.gene_src_strain                    FA1090 
_entity_src_gen.gene_src_tissue                    ? 
_entity_src_gen.gene_src_tissue_fraction           ? 
_entity_src_gen.gene_src_details                   ? 
_entity_src_gen.pdbx_gene_src_fragment             ? 
_entity_src_gen.pdbx_gene_src_scientific_name      'Neisseria gonorrhoeae FA 1090' 
_entity_src_gen.pdbx_gene_src_ncbi_taxonomy_id     242231 
_entity_src_gen.pdbx_gene_src_variant              ? 
_entity_src_gen.pdbx_gene_src_cell_line            ? 
_entity_src_gen.pdbx_gene_src_atcc                 ? 
_entity_src_gen.pdbx_gene_src_organ                ? 
_entity_src_gen.pdbx_gene_src_organelle            ? 
_entity_src_gen.pdbx_gene_src_cell                 ? 
_entity_src_gen.pdbx_gene_src_cellular_location    ? 
_entity_src_gen.host_org_common_name               ? 
_entity_src_gen.pdbx_host_org_scientific_name      'Escherichia coli' 
_entity_src_gen.pdbx_host_org_ncbi_taxonomy_id     562 
_entity_src_gen.host_org_genus                     ? 
_entity_src_gen.pdbx_host_org_gene                 ? 
_entity_src_gen.pdbx_host_org_organ                ? 
_entity_src_gen.host_org_species                   ? 
_entity_src_gen.pdbx_host_org_tissue               ? 
_entity_src_gen.pdbx_host_org_tissue_fraction      ? 
_entity_src_gen.pdbx_host_org_strain               'BL21(DE3)' 
_entity_src_gen.pdbx_host_org_variant              ? 
_entity_src_gen.pdbx_host_org_cell_line            ? 
_entity_src_gen.pdbx_host_org_atcc                 ? 
_entity_src_gen.pdbx_host_org_culture_collection   ? 
_entity_src_gen.pdbx_host_org_cell                 ? 
_entity_src_gen.pdbx_host_org_organelle            ? 
_entity_src_gen.pdbx_host_org_cellular_location    ? 
_entity_src_gen.pdbx_host_org_vector_type          plasmid 
_entity_src_gen.pdbx_host_org_vector               ? 
_entity_src_gen.host_org_details                   ? 
_entity_src_gen.expression_system_id               ? 
_entity_src_gen.plasmid_name                       pET28b 
_entity_src_gen.plasmid_details                    ? 
_entity_src_gen.pdbx_description                   ? 
# 
_struct_ref.id                         1 
_struct_ref.db_name                    UNP 
_struct_ref.db_code                    Q5F924_NEIG1 
_struct_ref.pdbx_db_accession          Q5F924 
_struct_ref.entity_id                  1 
_struct_ref.pdbx_seq_one_letter_code   
;MGFTNLVSLAALIEKAFPIRYTPAGIPVLDIILKHESWQEENGQQCLVQLEIPARILGRQAEEWQYRQGDCATVEGFLAQ
KSRRSLMPMLRIQNIKEYKG
;
_struct_ref.pdbx_align_begin           1 
_struct_ref.pdbx_db_isoform            ? 
# 
loop_
_struct_ref_seq.align_id 
_struct_ref_seq.ref_id 
_struct_ref_seq.pdbx_PDB_id_code 
_struct_ref_seq.pdbx_strand_id 
_struct_ref_seq.seq_align_beg 
_struct_ref_seq.pdbx_seq_align_beg_ins_code 
_struct_ref_seq.seq_align_end 
_struct_ref_seq.pdbx_seq_align_end_ins_code 
_struct_ref_seq.pdbx_db_accession 
_struct_ref_seq.db_align_beg 
_struct_ref_seq.pdbx_db_align_beg_ins_code 
_struct_ref_seq.db_align_end 
_struct_ref_seq.pdbx_db_align_end_ins_code 
_struct_ref_seq.pdbx_auth_seq_align_beg 
_struct_ref_seq.pdbx_auth_seq_align_end 
1 1 3K8A A 4 ? 103 ? Q5F924 1 ? 100 ? 1 100 
2 1 3K8A B 4 ? 103 ? Q5F924 1 ? 100 ? 1 100 
# 
loop_
_struct_ref_seq_dif.align_id 
_struct_ref_seq_dif.pdbx_pdb_id_code 
_struct_ref_seq_dif.mon_id 
_struct_ref_seq_dif.pdbx_pdb_strand_id 
_struct_ref_seq_dif.seq_num 
_struct_ref_seq_dif.pdbx_pdb_ins_code 
_struct_ref_seq_dif.pdbx_seq_db_name 
_struct_ref_seq_dif.pdbx_seq_db_accession_code 
_struct_ref_seq_dif.db_mon_id 
_struct_ref_seq_dif.pdbx_seq_db_seq_num 
_struct_ref_seq_dif.details 
_struct_ref_seq_dif.pdbx_auth_seq_num 
_struct_ref_seq_dif.pdbx_ordinal 
1 3K8A GLY A 1 ? UNP Q5F924 ? ? 'expression tag' -2 1 
1 3K8A SER A 2 ? UNP Q5F924 ? ? 'expression tag' -1 2 
1 3K8A HIS A 3 ? UNP Q5F924 ? ? 'expression tag' 0  3 
2 3K8A GLY B 1 ? UNP Q5F924 ? ? 'expression tag' -2 4 
2 3K8A SER B 2 ? UNP Q5F924 ? ? 'expression tag' -1 5 
2 3K8A HIS B 3 ? UNP Q5F924 ? ? 'expression tag' 0  6 
# 
loop_
_chem_comp.id 
_chem_comp.type 
_chem_comp.mon_nstd_flag 
_chem_comp.name 
_chem_comp.pdbx_synonyms 
_chem_comp.formula 
_chem_comp.formula_weight 
ALA 'L-peptide linking' y ALANINE         ? 'C3 H7 N O2'     89.093  
ARG 'L-peptide linking' y ARGININE        ? 'C6 H15 N4 O2 1' 175.209 
ASN 'L-peptide linking' y ASPARAGINE      ? 'C4 H8 N2 O3'    132.118 
ASP 'L-peptide linking' y 'ASPARTIC ACID' ? 'C4 H7 N O4'     133.103 
CYS 'L-peptide linking' y CYSTEINE        ? 'C3 H7 N O2 S'   121.158 
GLN 'L-peptide linking' y GLUTAMINE       ? 'C5 H10 N2 O3'   146.144 
GLU 'L-peptide linking' y 'GLUTAMIC ACID' ? 'C5 H9 N O4'     147.129 
GLY 'peptide linking'   y GLYCINE         ? 'C2 H5 N O2'     75.067  
HIS 'L-peptide linking' y HISTIDINE       ? 'C6 H10 N3 O2 1' 156.162 
HOH non-polymer         . WATER           ? 'H2 O'           18.015  
ILE 'L-peptide linking' y ISOLEUCINE      ? 'C6 H13 N O2'    131.173 
LEU 'L-peptide linking' y LEUCINE         ? 'C6 H13 N O2'    131.173 
LYS 'L-peptide linking' y LYSINE          ? 'C6 H15 N2 O2 1' 147.195 
MET 'L-peptide linking' y METHIONINE      ? 'C5 H11 N O2 S'  149.211 
PHE 'L-peptide linking' y PHENYLALANINE   ? 'C9 H11 N O2'    165.189 
PRO 'L-peptide linking' y PROLINE         ? 'C5 H9 N O2'     115.130 
SER 'L-peptide linking' y SERINE          ? 'C3 H7 N O3'     105.093 
THR 'L-peptide linking' y THREONINE       ? 'C4 H9 N O3'     119.119 
TRP 'L-peptide linking' y TRYPTOPHAN      ? 'C11 H12 N2 O2'  204.225 
TYR 'L-peptide linking' y TYROSINE        ? 'C9 H11 N O3'    181.189 
VAL 'L-peptide linking' y VALINE          ? 'C5 H11 N O2'    117.146 
# 
_exptl.crystals_number   1 
_exptl.entry_id          3K8A 
_exptl.method            'X-RAY DIFFRACTION' 
# 
_exptl_crystal.id                    1 
_exptl_crystal.density_Matthews      4.12 
_exptl_crystal.density_meas          ? 
_exptl_crystal.density_percent_sol   70.13 
_exptl_crystal.description           ? 
_exptl_crystal.F_000                 ? 
_exptl_crystal.preparation           ? 
# 
_exptl_crystal_grow.crystal_id      1 
_exptl_crystal_grow.method          'VAPOR DIFFUSION, HANGING DROP' 
_exptl_crystal_grow.pH              4.2 
_exptl_crystal_grow.temp            298 
_exptl_crystal_grow.pdbx_details    '4% (w/v) PEG 4000, pH 4.2, VAPOR DIFFUSION, HANGING DROP, temperature 298K' 
_exptl_crystal_grow.temp_details    ? 
_exptl_crystal_grow.pdbx_pH_range   ? 
# 
_diffrn.id                     1 
_diffrn.ambient_temp           110 
_diffrn.ambient_temp_details   ? 
_diffrn.crystal_id             1 
# 
_diffrn_detector.diffrn_id              1 
_diffrn_detector.detector               CCD 
_diffrn_detector.type                   'MARMOSAIC 225 mm CCD' 
_diffrn_detector.pdbx_collection_date   2008-12-11 
_diffrn_detector.details                ? 
# 
_diffrn_radiation.diffrn_id                        1 
_diffrn_radiation.pdbx_diffrn_protocol             'SINGLE WAVELENGTH' 
_diffrn_radiation.monochromator                    'SI(111) DOUBLE CRYSTAL' 
_diffrn_radiation.wavelength_id                    1 
_diffrn_radiation.pdbx_monochromatic_or_laue_m_l   M 
_diffrn_radiation.pdbx_scattering_type             x-ray 
# 
_diffrn_radiation_wavelength.id           1 
_diffrn_radiation_wavelength.wavelength   0.97872 
_diffrn_radiation_wavelength.wt           1.0 
# 
_diffrn_source.diffrn_id                   1 
_diffrn_source.source                      SYNCHROTRON 
_diffrn_source.type                        'APS BEAMLINE 21-ID-F' 
_diffrn_source.pdbx_wavelength_list        0.97872 
_diffrn_source.pdbx_wavelength             ? 
_diffrn_source.pdbx_synchrotron_site       APS 
_diffrn_source.pdbx_synchrotron_beamline   21-ID-F 
# 
_reflns.entry_id                     3K8A 
_reflns.d_resolution_high            2.700 
_reflns.d_resolution_low             30.000 
_reflns.number_obs                   9741 
_reflns.pdbx_Rmerge_I_obs            0.072 
_reflns.pdbx_netI_over_sigmaI        27.000 
_reflns.pdbx_chi_squared             1.058 
_reflns.pdbx_redundancy              13.300 
_reflns.percent_possible_obs         92.800 
_reflns.observed_criterion_sigma_F   0 
_reflns.observed_criterion_sigma_I   0 
_reflns.number_all                   10124 
_reflns.pdbx_Rsym_value              0.072 
_reflns.B_iso_Wilson_estimate        68.2 
_reflns.R_free_details               ? 
_reflns.limit_h_max                  ? 
_reflns.limit_h_min                  ? 
_reflns.limit_k_max                  ? 
_reflns.limit_k_min                  ? 
_reflns.limit_l_max                  ? 
_reflns.limit_l_min                  ? 
_reflns.observed_criterion_F_max     ? 
_reflns.observed_criterion_F_min     ? 
_reflns.pdbx_scaling_rejects         ? 
_reflns.pdbx_ordinal                 1 
_reflns.pdbx_diffrn_id               1 
# 
_reflns_shell.d_res_high             2.70 
_reflns_shell.d_res_low              2.75 
_reflns_shell.number_measured_obs    ? 
_reflns_shell.number_measured_all    ? 
_reflns_shell.number_unique_obs      ? 
_reflns_shell.Rmerge_I_obs           0.220 
_reflns_shell.meanI_over_sigI_obs    5.5 
_reflns_shell.pdbx_Rsym_value        0.220 
_reflns_shell.pdbx_chi_squared       1.136 
_reflns_shell.pdbx_redundancy        10.40 
_reflns_shell.percent_possible_obs   ? 
_reflns_shell.number_unique_all      354 
_reflns_shell.percent_possible_all   65.20 
_reflns_shell.pdbx_ordinal           1 
_reflns_shell.pdbx_diffrn_id         1 
# 
_refine.entry_id                                 3K8A 
_refine.ls_d_res_high                            2.700 
_refine.ls_d_res_low                             26.250 
_refine.pdbx_ls_sigma_F                          0.00 
_refine.pdbx_data_cutoff_high_absF               ? 
_refine.pdbx_data_cutoff_low_absF                ? 
_refine.ls_percent_reflns_obs                    92.750 
_refine.ls_number_reflns_obs                     9682 
_refine.ls_number_reflns_all                     10439 
_refine.pdbx_ls_cross_valid_method               THROUGHOUT 
_refine.pdbx_R_Free_selection_details            RANDOM 
_refine.details                                  'HYDROGENS HAVE BEEN ADDED IN THE RIDING POSITIONS U VALUES: RESIDUAL ONLY' 
_refine.ls_R_factor_all                          0.245 
_refine.ls_R_factor_obs                          0.245 
_refine.ls_R_factor_R_work                       0.243 
_refine.ls_wR_factor_R_work                      0.294 
_refine.ls_R_factor_R_free                       0.288 
_refine.ls_wR_factor_R_free                      0.357 
_refine.ls_percent_reflns_R_free                 4.700 
_refine.ls_number_reflns_R_free                  456 
_refine.ls_R_factor_R_free_error                 ? 
_refine.B_iso_mean                               56.509 
_refine.solvent_model_param_bsol                 ? 
_refine.solvent_model_param_ksol                 ? 
_refine.pdbx_isotropic_thermal_model             ISOTROPIC 
_refine.aniso_B[1][1]                            -0.710 
_refine.aniso_B[2][2]                            -0.710 
_refine.aniso_B[3][3]                            1.420 
_refine.aniso_B[1][2]                            0.000 
_refine.aniso_B[1][3]                            0.000 
_refine.aniso_B[2][3]                            0.000 
_refine.correlation_coeff_Fo_to_Fc               0.934 
_refine.correlation_coeff_Fo_to_Fc_free          0.917 
_refine.overall_SU_R_Cruickshank_DPI             0.534 
_refine.overall_SU_R_free                        0.342 
_refine.pdbx_overall_ESU_R                       0.534 
_refine.pdbx_overall_ESU_R_Free                  0.341 
_refine.overall_SU_ML                            0.293 
_refine.overall_SU_B                             32.300 
_refine.solvent_model_details                    MASK 
_refine.pdbx_solvent_vdw_probe_radii             1.400 
_refine.pdbx_solvent_ion_probe_radii             0.800 
_refine.pdbx_solvent_shrinkage_radii             0.800 
_refine.ls_number_parameters                     ? 
_refine.ls_number_restraints                     ? 
_refine.pdbx_starting_model                      'PDB entry 1V1Q' 
_refine.pdbx_method_to_determine_struct          'MOLECULAR REPLACEMENT' 
_refine.pdbx_stereochemistry_target_values       'MAXIMUM LIKELIHOOD WITH PHASES' 
_refine.pdbx_stereochem_target_val_spec_case     ? 
_refine.overall_FOM_work_R_set                   0.855 
_refine.B_iso_max                                91.70 
_refine.B_iso_min                                13.64 
_refine.occupancy_max                            1.00 
_refine.occupancy_min                            1.00 
_refine.pdbx_ls_sigma_I                          ? 
_refine.ls_redundancy_reflns_obs                 ? 
_refine.ls_R_factor_R_free_error_details         ? 
_refine.pdbx_data_cutoff_high_rms_absF           ? 
_refine.overall_FOM_free_R_set                   ? 
_refine.pdbx_overall_phase_error                 ? 
_refine.pdbx_refine_id                           'X-RAY DIFFRACTION' 
_refine.pdbx_TLS_residual_ADP_flag               'LIKELY RESIDUAL' 
_refine.pdbx_diffrn_id                           1 
_refine.pdbx_overall_SU_R_free_Cruickshank_DPI   ? 
_refine.pdbx_overall_SU_R_Blow_DPI               ? 
_refine.pdbx_overall_SU_R_free_Blow_DPI          ? 
# 
_refine_hist.pdbx_refine_id                   'X-RAY DIFFRACTION' 
_refine_hist.cycle_id                         LAST 
_refine_hist.pdbx_number_atoms_protein        1626 
_refine_hist.pdbx_number_atoms_nucleic_acid   0 
_refine_hist.pdbx_number_atoms_ligand         0 
_refine_hist.number_atoms_solvent             8 
_refine_hist.number_atoms_total               1634 
_refine_hist.d_res_high                       2.700 
_refine_hist.d_res_low                        26.250 
# 
loop_
_refine_ls_restr.type 
_refine_ls_restr.number 
_refine_ls_restr.dev_ideal 
_refine_ls_restr.dev_ideal_target 
_refine_ls_restr.weight 
_refine_ls_restr.pdbx_refine_id 
_refine_ls_restr.pdbx_restraint_function 
r_bond_refined_d       1657 0.012  0.022  ? 'X-RAY DIFFRACTION' ? 
r_angle_refined_deg    2234 1.440  1.968  ? 'X-RAY DIFFRACTION' ? 
r_dihedral_angle_1_deg 201  6.914  5.000  ? 'X-RAY DIFFRACTION' ? 
r_dihedral_angle_2_deg 79   37.524 24.051 ? 'X-RAY DIFFRACTION' ? 
r_dihedral_angle_3_deg 308  19.802 15.000 ? 'X-RAY DIFFRACTION' ? 
r_dihedral_angle_4_deg 14   19.687 15.000 ? 'X-RAY DIFFRACTION' ? 
r_chiral_restr         242  0.085  0.200  ? 'X-RAY DIFFRACTION' ? 
r_gen_planes_refined   1246 0.005  0.021  ? 'X-RAY DIFFRACTION' ? 
r_mcbond_it            1008 0.562  1.500  ? 'X-RAY DIFFRACTION' ? 
r_mcangle_it           1619 1.047  2.000  ? 'X-RAY DIFFRACTION' ? 
r_scbond_it            649  1.262  3.000  ? 'X-RAY DIFFRACTION' ? 
r_scangle_it           615  2.140  4.500  ? 'X-RAY DIFFRACTION' ? 
# 
_refine_ls_shell.d_res_high                       2.700 
_refine_ls_shell.d_res_low                        2.769 
_refine_ls_shell.pdbx_total_number_of_bins_used   20 
_refine_ls_shell.percent_reflns_obs               66.750 
_refine_ls_shell.number_reflns_R_work             495 
_refine_ls_shell.R_factor_all                     ? 
_refine_ls_shell.R_factor_R_work                  0.388 
_refine_ls_shell.R_factor_R_free                  0.404 
_refine_ls_shell.percent_reflns_R_free            ? 
_refine_ls_shell.number_reflns_R_free             27 
_refine_ls_shell.R_factor_R_free_error            ? 
_refine_ls_shell.number_reflns_all                522 
_refine_ls_shell.number_reflns_obs                ? 
_refine_ls_shell.redundancy_reflns_obs            ? 
_refine_ls_shell.pdbx_refine_id                   'X-RAY DIFFRACTION' 
# 
_struct.entry_id                  3K8A 
_struct.title                     'Neisseria gonorrhoeae PriB' 
_struct.pdbx_model_details        ? 
_struct.pdbx_CASP_flag            ? 
_struct.pdbx_model_type_details   ? 
# 
_struct_keywords.entry_id        3K8A 
_struct_keywords.text            'beta-barrel, OB-fold, DNA binding protein' 
_struct_keywords.pdbx_keywords   'DNA BINDING PROTEIN' 
# 
loop_
_struct_asym.id 
_struct_asym.pdbx_blank_PDB_chainid_flag 
_struct_asym.pdbx_modified 
_struct_asym.entity_id 
_struct_asym.details 
A N N 1 ? 
B N N 1 ? 
C N N 2 ? 
D N N 2 ? 
# 
_struct_biol.id        1 
_struct_biol.details   ? 
# 
loop_
_struct_conf.conf_type_id 
_struct_conf.id 
_struct_conf.pdbx_PDB_helix_id 
_struct_conf.beg_label_comp_id 
_struct_conf.beg_label_asym_id 
_struct_conf.beg_label_seq_id 
_struct_conf.pdbx_beg_PDB_ins_code 
_struct_conf.end_label_comp_id 
_struct_conf.end_label_asym_id 
_struct_conf.end_label_seq_id 
_struct_conf.pdbx_end_PDB_ins_code 
_struct_conf.beg_auth_comp_id 
_struct_conf.beg_auth_asym_id 
_struct_conf.beg_auth_seq_id 
_struct_conf.end_auth_comp_id 
_struct_conf.end_auth_asym_id 
_struct_conf.end_auth_seq_id 
_struct_conf.pdbx_PDB_helix_class 
_struct_conf.details 
_struct_conf.pdbx_PDB_helix_length 
HELX_P HELX_P1 1 GLY A 61 ? TRP A 67 ? GLY A 58 TRP A 64 1 ? 7 
HELX_P HELX_P2 2 GLY B 61 ? TRP B 67 ? GLY B 58 TRP B 64 1 ? 7 
# 
_struct_conf_type.id          HELX_P 
_struct_conf_type.criteria    ? 
_struct_conf_type.reference   ? 
# 
loop_
_struct_sheet.id 
_struct_sheet.type 
_struct_sheet.number_strands 
_struct_sheet.details 
A ? 6 ? 
B ? 5 ? 
C ? 5 ? 
# 
loop_
_struct_sheet_order.sheet_id 
_struct_sheet_order.range_id_1 
_struct_sheet_order.range_id_2 
_struct_sheet_order.offset 
_struct_sheet_order.sense 
A 1 2 ? anti-parallel 
A 2 3 ? anti-parallel 
A 3 4 ? anti-parallel 
A 4 5 ? anti-parallel 
A 5 6 ? anti-parallel 
B 1 2 ? anti-parallel 
B 2 3 ? anti-parallel 
B 3 4 ? parallel      
B 4 5 ? anti-parallel 
C 1 2 ? anti-parallel 
C 2 3 ? parallel      
C 3 4 ? anti-parallel 
C 4 5 ? anti-parallel 
# 
loop_
_struct_sheet_range.sheet_id 
_struct_sheet_range.id 
_struct_sheet_range.beg_label_comp_id 
_struct_sheet_range.beg_label_asym_id 
_struct_sheet_range.beg_label_seq_id 
_struct_sheet_range.pdbx_beg_PDB_ins_code 
_struct_sheet_range.end_label_comp_id 
_struct_sheet_range.end_label_asym_id 
_struct_sheet_range.end_label_seq_id 
_struct_sheet_range.pdbx_end_PDB_ins_code 
_struct_sheet_range.beg_auth_comp_id 
_struct_sheet_range.beg_auth_asym_id 
_struct_sheet_range.beg_auth_seq_id 
_struct_sheet_range.end_auth_comp_id 
_struct_sheet_range.end_auth_asym_id 
_struct_sheet_range.end_auth_seq_id 
A 1 ARG B 23 ? TYR B 24  ? ARG B 20 TYR B 21 
A 2 PRO B 30 ? GLU B 44  ? PRO B 27 GLU B 41 
A 3 ASN B 8  ? ALA B 19  ? ASN B 5  ALA B 16 
A 4 ASN A 8  ? ALA A 19  ? ASN A 5  ALA A 16 
A 5 PRO A 30 ? GLU A 44  ? PRO A 27 GLU A 41 
A 6 ARG A 23 ? TYR A 24  ? ARG A 20 TYR A 21 
B 1 ASN A 8  ? ALA A 19  ? ASN A 5  ALA A 16 
B 2 CYS A 74 ? GLN A 83  ? CYS A 71 GLN A 80 
B 3 PRO A 91 ? GLU A 100 ? PRO A 88 GLU A 97 
B 4 GLN A 47 ? LEU A 60  ? GLN A 44 LEU A 57 
B 5 PRO A 30 ? GLU A 44  ? PRO A 27 GLU A 41 
C 1 PRO B 30 ? GLU B 44  ? PRO B 27 GLU B 41 
C 2 GLN B 47 ? LEU B 60  ? GLN B 44 LEU B 57 
C 3 PRO B 91 ? GLU B 100 ? PRO B 88 GLU B 97 
C 4 CYS B 74 ? GLN B 83  ? CYS B 71 GLN B 80 
C 5 ASN B 8  ? ALA B 19  ? ASN B 5  ALA B 16 
# 
loop_
_pdbx_struct_sheet_hbond.sheet_id 
_pdbx_struct_sheet_hbond.range_id_1 
_pdbx_struct_sheet_hbond.range_id_2 
_pdbx_struct_sheet_hbond.range_1_label_atom_id 
_pdbx_struct_sheet_hbond.range_1_label_comp_id 
_pdbx_struct_sheet_hbond.range_1_label_asym_id 
_pdbx_struct_sheet_hbond.range_1_label_seq_id 
_pdbx_struct_sheet_hbond.range_1_PDB_ins_code 
_pdbx_struct_sheet_hbond.range_1_auth_atom_id 
_pdbx_struct_sheet_hbond.range_1_auth_comp_id 
_pdbx_struct_sheet_hbond.range_1_auth_asym_id 
_pdbx_struct_sheet_hbond.range_1_auth_seq_id 
_pdbx_struct_sheet_hbond.range_2_label_atom_id 
_pdbx_struct_sheet_hbond.range_2_label_comp_id 
_pdbx_struct_sheet_hbond.range_2_label_asym_id 
_pdbx_struct_sheet_hbond.range_2_label_seq_id 
_pdbx_struct_sheet_hbond.range_2_PDB_ins_code 
_pdbx_struct_sheet_hbond.range_2_auth_atom_id 
_pdbx_struct_sheet_hbond.range_2_auth_comp_id 
_pdbx_struct_sheet_hbond.range_2_auth_asym_id 
_pdbx_struct_sheet_hbond.range_2_auth_seq_id 
A 1 2 N ARG B 23 ? N ARG B 20 O VAL B 31 ? O VAL B 28 
A 2 3 O ILE B 35 ? O ILE B 32 N LYS B 18 ? N LYS B 15 
A 3 4 O SER B 11 ? O SER B 8  N LEU A 9  ? N LEU A 6  
A 4 5 N GLU A 17 ? N GLU A 14 O ILE A 35 ? O ILE A 32 
A 5 6 O VAL A 31 ? O VAL A 28 N ARG A 23 ? N ARG A 20 
B 1 2 N ALA A 14 ? N ALA A 11 O ALA A 75 ? O ALA A 72 
B 2 3 N ALA A 82 ? N ALA A 79 O MET A 92 ? O MET A 89 
B 3 4 O LEU A 93 ? O LEU A 90 N ARG A 58 ? N ARG A 55 
B 4 5 O LEU A 53 ? O LEU A 50 N HIS A 38 ? N HIS A 35 
C 1 2 N SER B 40 ? N SER B 37 O VAL B 51 ? O VAL B 48 
C 2 3 N ARG B 58 ? N ARG B 55 O LEU B 93 ? O LEU B 90 
C 3 4 O MET B 92 ? O MET B 89 N ALA B 82 ? N ALA B 79 
C 4 5 O ALA B 75 ? O ALA B 72 N ALA B 14 ? N ALA B 11 
# 
_atom_sites.entry_id                    3K8A 
_atom_sites.fract_transf_matrix[1][1]   -0.01131541 
_atom_sites.fract_transf_matrix[1][2]   0.00668098 
_atom_sites.fract_transf_matrix[1][3]   -0.00296089 
_atom_sites.fract_transf_matrix[2][1]   0.00703229 
_atom_sites.fract_transf_matrix[2][2]   0.01143931 
_atom_sites.fract_transf_matrix[2][3]   -0.00106298 
_atom_sites.fract_transf_matrix[3][1]   0.00105118 
_atom_sites.fract_transf_matrix[3][2]   -0.00128998 
_atom_sites.fract_transf_matrix[3][3]   -0.00692796 
_atom_sites.fract_transf_vector[1]      0.243243 
_atom_sites.fract_transf_vector[2]      -0.256353 
_atom_sites.fract_transf_vector[3]      0.007866 
# 
loop_
_atom_type.symbol 
C 
N 
O 
S 
# 
loop_
_atom_site.group_PDB 
_atom_site.id 
_atom_site.type_symbol 
_atom_site.label_atom_id 
_atom_site.label_alt_id 
_atom_site.label_comp_id 
_atom_site.label_asym_id 
_atom_site.label_entity_id 
_atom_site.label_seq_id 
_atom_site.pdbx_PDB_ins_code 
_atom_site.Cartn_x 
_atom_site.Cartn_y 
_atom_site.Cartn_z 
_atom_site.occupancy 
_atom_site.B_iso_or_equiv 
_atom_site.pdbx_formal_charge 
_atom_site.auth_seq_id 
_atom_site.auth_comp_id 
_atom_site.auth_asym_id 
_atom_site.auth_atom_id 
_atom_site.pdbx_PDB_model_num 
ATOM   1    N N   . MET A 1 4   ? -11.977 12.538  11.787  1.00 50.25 ? 1   MET A N   1 
ATOM   2    C CA  . MET A 1 4   ? -10.609 12.997  12.138  1.00 50.24 ? 1   MET A CA  1 
ATOM   3    C C   . MET A 1 4   ? -9.676  11.766  12.064  1.00 50.21 ? 1   MET A C   1 
ATOM   4    O O   . MET A 1 4   ? -9.028  11.380  13.038  1.00 50.90 ? 1   MET A O   1 
ATOM   5    C CB  . MET A 1 4   ? -10.623 13.709  13.518  1.00 49.87 ? 1   MET A CB  1 
ATOM   6    C CG  . MET A 1 4   ? -9.258  14.209  14.053  1.00 50.18 ? 1   MET A CG  1 
ATOM   7    S SD  . MET A 1 4   ? -8.061  15.066  12.946  1.00 51.70 ? 1   MET A SD  1 
ATOM   8    C CE  . MET A 1 4   ? -7.417  13.760  11.874  1.00 48.20 ? 1   MET A CE  1 
ATOM   9    N N   . GLY A 1 5   ? -9.616  11.144  10.891  1.00 49.82 ? 2   GLY A N   1 
ATOM   10   C CA  . GLY A 1 5   ? -8.938  9.849   10.741  1.00 49.01 ? 2   GLY A CA  1 
ATOM   11   C C   . GLY A 1 5   ? -7.413  9.839   10.776  1.00 48.51 ? 2   GLY A C   1 
ATOM   12   O O   . GLY A 1 5   ? -6.760  10.912  10.711  1.00 48.58 ? 2   GLY A O   1 
ATOM   13   N N   . PHE A 1 6   ? -6.859  8.620   10.913  1.00 47.01 ? 3   PHE A N   1 
ATOM   14   C CA  . PHE A 1 6   ? -5.428  8.354   10.761  1.00 45.01 ? 3   PHE A CA  1 
ATOM   15   C C   . PHE A 1 6   ? -5.246  7.927   9.296   1.00 44.78 ? 3   PHE A C   1 
ATOM   16   O O   . PHE A 1 6   ? -5.960  7.046   8.817   1.00 44.20 ? 3   PHE A O   1 
ATOM   17   C CB  . PHE A 1 6   ? -4.978  7.229   11.706  1.00 44.36 ? 3   PHE A CB  1 
ATOM   18   C CG  . PHE A 1 6   ? -4.738  7.670   13.131  1.00 42.93 ? 3   PHE A CG  1 
ATOM   19   C CD1 . PHE A 1 6   ? -5.675  7.419   14.125  1.00 40.06 ? 3   PHE A CD1 1 
ATOM   20   C CD2 . PHE A 1 6   ? -3.566  8.318   13.484  1.00 41.43 ? 3   PHE A CD2 1 
ATOM   21   C CE1 . PHE A 1 6   ? -5.463  7.821   15.410  1.00 39.30 ? 3   PHE A CE1 1 
ATOM   22   C CE2 . PHE A 1 6   ? -3.347  8.722   14.791  1.00 40.87 ? 3   PHE A CE2 1 
ATOM   23   C CZ  . PHE A 1 6   ? -4.299  8.472   15.754  1.00 40.51 ? 3   PHE A CZ  1 
ATOM   24   N N   . THR A 1 7   ? -4.294  8.543   8.600   1.00 44.21 ? 4   THR A N   1 
ATOM   25   C CA  . THR A 1 7   ? -4.189  8.429   7.144   1.00 43.93 ? 4   THR A CA  1 
ATOM   26   C C   . THR A 1 7   ? -3.882  7.018   6.654   1.00 44.03 ? 4   THR A C   1 
ATOM   27   O O   . THR A 1 7   ? -2.879  6.407   7.007   1.00 44.57 ? 4   THR A O   1 
ATOM   28   C CB  . THR A 1 7   ? -3.134  9.416   6.562   1.00 43.85 ? 4   THR A CB  1 
ATOM   29   O OG1 . THR A 1 7   ? -3.066  10.580  7.385   1.00 43.34 ? 4   THR A OG1 1 
ATOM   30   C CG2 . THR A 1 7   ? -3.496  9.836   5.168   1.00 42.82 ? 4   THR A CG2 1 
ATOM   31   N N   . ASN A 1 8   ? -4.760  6.491   5.830   1.00 43.89 ? 5   ASN A N   1 
ATOM   32   C CA  . ASN A 1 8   ? -4.473  5.247   5.172   1.00 44.10 ? 5   ASN A CA  1 
ATOM   33   C C   . ASN A 1 8   ? -4.850  5.377   3.681   1.00 44.67 ? 5   ASN A C   1 
ATOM   34   O O   . ASN A 1 8   ? -5.930  4.973   3.287   1.00 45.25 ? 5   ASN A O   1 
ATOM   35   C CB  . ASN A 1 8   ? -5.208  4.111   5.874   1.00 42.97 ? 5   ASN A CB  1 
ATOM   36   C CG  . ASN A 1 8   ? -4.680  2.727   5.469   1.00 42.63 ? 5   ASN A CG  1 
ATOM   37   O OD1 . ASN A 1 8   ? -4.315  2.483   4.292   1.00 36.89 ? 5   ASN A OD1 1 
ATOM   38   N ND2 . ASN A 1 8   ? -4.642  1.807   6.444   1.00 39.30 ? 5   ASN A ND2 1 
ATOM   39   N N   . LEU A 1 9   ? -3.994  6.000   2.872   1.00 45.33 ? 6   LEU A N   1 
ATOM   40   C CA  . LEU A 1 9   ? -4.353  6.255   1.470   1.00 46.90 ? 6   LEU A CA  1 
ATOM   41   C C   . LEU A 1 9   ? -3.434  5.633   0.426   1.00 46.50 ? 6   LEU A C   1 
ATOM   42   O O   . LEU A 1 9   ? -2.293  6.045   0.280   1.00 46.65 ? 6   LEU A O   1 
ATOM   43   C CB  . LEU A 1 9   ? -4.493  7.752   1.199   1.00 47.12 ? 6   LEU A CB  1 
ATOM   44   C CG  . LEU A 1 9   ? -5.946  8.238   1.309   1.00 51.81 ? 6   LEU A CG  1 
ATOM   45   C CD1 . LEU A 1 9   ? -6.050  9.604   2.030   1.00 54.06 ? 6   LEU A CD1 1 
ATOM   46   C CD2 . LEU A 1 9   ? -6.711  8.217   -0.072  1.00 54.11 ? 6   LEU A CD2 1 
ATOM   47   N N   . VAL A 1 10  ? -3.931  4.643   -0.295  1.00 46.66 ? 7   VAL A N   1 
ATOM   48   C CA  . VAL A 1 10  ? -3.235  4.179   -1.503  1.00 47.58 ? 7   VAL A CA  1 
ATOM   49   C C   . VAL A 1 10  ? -3.898  4.621   -2.808  1.00 47.21 ? 7   VAL A C   1 
ATOM   50   O O   . VAL A 1 10  ? -5.086  4.459   -2.961  1.00 47.04 ? 7   VAL A O   1 
ATOM   51   C CB  . VAL A 1 10  ? -3.129  2.651   -1.517  1.00 47.45 ? 7   VAL A CB  1 
ATOM   52   C CG1 . VAL A 1 10  ? -2.119  2.227   -2.507  1.00 46.72 ? 7   VAL A CG1 1 
ATOM   53   C CG2 . VAL A 1 10  ? -2.708  2.179   -0.149  1.00 49.48 ? 7   VAL A CG2 1 
ATOM   54   N N   . SER A 1 11  ? -3.138  5.203   -3.731  1.00 48.29 ? 8   SER A N   1 
ATOM   55   C CA  . SER A 1 11  ? -3.559  5.284   -5.160  1.00 48.98 ? 8   SER A CA  1 
ATOM   56   C C   . SER A 1 11  ? -2.572  4.456   -5.916  1.00 49.05 ? 8   SER A C   1 
ATOM   57   O O   . SER A 1 11  ? -1.351  4.699   -5.831  1.00 48.18 ? 8   SER A O   1 
ATOM   58   C CB  . SER A 1 11  ? -3.473  6.692   -5.762  1.00 49.16 ? 8   SER A CB  1 
ATOM   59   O OG  . SER A 1 11  ? -4.048  7.670   -4.914  1.00 51.52 ? 8   SER A OG  1 
ATOM   60   N N   . LEU A 1 12  ? -3.095  3.492   -6.663  1.00 49.48 ? 9   LEU A N   1 
ATOM   61   C CA  . LEU A 1 12  ? -2.271  2.584   -7.444  1.00 49.64 ? 9   LEU A CA  1 
ATOM   62   C C   . LEU A 1 12  ? -2.890  2.398   -8.800  1.00 49.83 ? 9   LEU A C   1 
ATOM   63   O O   . LEU A 1 12  ? -4.099  2.212   -8.919  1.00 49.78 ? 9   LEU A O   1 
ATOM   64   C CB  . LEU A 1 12  ? -2.203  1.232   -6.742  1.00 49.48 ? 9   LEU A CB  1 
ATOM   65   C CG  . LEU A 1 12  ? -1.199  0.220   -7.286  1.00 50.57 ? 9   LEU A CG  1 
ATOM   66   C CD1 . LEU A 1 12  ? 0.270   0.598   -6.920  1.00 48.15 ? 9   LEU A CD1 1 
ATOM   67   C CD2 . LEU A 1 12  ? -1.561  -1.190  -6.797  1.00 48.92 ? 9   LEU A CD2 1 
ATOM   68   N N   . ALA A 1 13  ? -2.056  2.463   -9.827  1.00 50.34 ? 10  ALA A N   1 
ATOM   69   C CA  . ALA A 1 13  ? -2.462  2.160   -11.189 1.00 50.17 ? 10  ALA A CA  1 
ATOM   70   C C   . ALA A 1 13  ? -1.940  0.769   -11.384 1.00 51.11 ? 10  ALA A C   1 
ATOM   71   O O   . ALA A 1 13  ? -0.809  0.504   -10.998 1.00 52.03 ? 10  ALA A O   1 
ATOM   72   C CB  . ALA A 1 13  ? -1.803  3.082   -12.123 1.00 49.37 ? 10  ALA A CB  1 
ATOM   73   N N   . ALA A 1 14  ? -2.745  -0.128  -11.957 1.00 52.01 ? 11  ALA A N   1 
ATOM   74   C CA  . ALA A 1 14  ? -2.403  -1.554  -11.977 1.00 52.38 ? 11  ALA A CA  1 
ATOM   75   C C   . ALA A 1 14  ? -3.355  -2.395  -12.825 1.00 52.87 ? 11  ALA A C   1 
ATOM   76   O O   . ALA A 1 14  ? -4.537  -2.095  -12.904 1.00 53.21 ? 11  ALA A O   1 
ATOM   77   C CB  . ALA A 1 14  ? -2.365  -2.084  -10.562 1.00 52.16 ? 11  ALA A CB  1 
ATOM   78   N N   . LEU A 1 15  ? -2.830  -3.444  -13.455 1.00 53.33 ? 12  LEU A N   1 
ATOM   79   C CA  . LEU A 1 15  ? -3.635  -4.356  -14.273 1.00 53.79 ? 12  LEU A CA  1 
ATOM   80   C C   . LEU A 1 15  ? -4.351  -5.394  -13.406 1.00 53.54 ? 12  LEU A C   1 
ATOM   81   O O   . LEU A 1 15  ? -3.728  -6.070  -12.583 1.00 53.48 ? 12  LEU A O   1 
ATOM   82   C CB  . LEU A 1 15  ? -2.764  -5.094  -15.317 1.00 54.34 ? 12  LEU A CB  1 
ATOM   83   C CG  . LEU A 1 15  ? -1.918  -4.361  -16.398 1.00 56.21 ? 12  LEU A CG  1 
ATOM   84   C CD1 . LEU A 1 15  ? -2.775  -3.681  -17.501 1.00 56.66 ? 12  LEU A CD1 1 
ATOM   85   C CD2 . LEU A 1 15  ? -0.857  -3.360  -15.820 1.00 56.61 ? 12  LEU A CD2 1 
ATOM   86   N N   . ILE A 1 16  ? -5.653  -5.532  -13.616 1.00 53.11 ? 13  ILE A N   1 
ATOM   87   C CA  . ILE A 1 16  ? -6.349  -6.534  -12.860 1.00 52.73 ? 13  ILE A CA  1 
ATOM   88   C C   . ILE A 1 16  ? -5.815  -7.793  -13.499 1.00 52.37 ? 13  ILE A C   1 
ATOM   89   O O   . ILE A 1 16  ? -5.985  -8.026  -14.696 1.00 52.07 ? 13  ILE A O   1 
ATOM   90   C CB  . ILE A 1 16  ? -7.867  -6.453  -13.065 1.00 52.78 ? 13  ILE A CB  1 
ATOM   91   C CG1 . ILE A 1 16  ? -8.385  -5.065  -12.679 1.00 53.15 ? 13  ILE A CG1 1 
ATOM   92   C CG2 . ILE A 1 16  ? -8.573  -7.532  -12.257 1.00 51.93 ? 13  ILE A CG2 1 
ATOM   93   C CD1 . ILE A 1 16  ? -9.878  -4.900  -12.850 1.00 54.22 ? 13  ILE A CD1 1 
ATOM   94   N N   . GLU A 1 17  ? -5.166  -8.603  -12.681 1.00 52.79 ? 14  GLU A N   1 
ATOM   95   C CA  . GLU A 1 17  ? -4.585  -9.870  -13.130 1.00 53.07 ? 14  GLU A CA  1 
ATOM   96   C C   . GLU A 1 17  ? -5.569  -11.052 -13.091 1.00 52.80 ? 14  GLU A C   1 
ATOM   97   O O   . GLU A 1 17  ? -5.642  -11.840 -14.034 1.00 52.55 ? 14  GLU A O   1 
ATOM   98   C CB  . GLU A 1 17  ? -3.312  -10.189 -12.354 1.00 53.09 ? 14  GLU A CB  1 
ATOM   99   C CG  . GLU A 1 17  ? -2.464  -11.233 -13.039 1.00 54.36 ? 14  GLU A CG  1 
ATOM   100  C CD  . GLU A 1 17  ? -1.384  -11.800 -12.132 1.00 56.45 ? 14  GLU A CD  1 
ATOM   101  O OE1 . GLU A 1 17  ? -1.042  -11.146 -11.126 1.00 55.61 ? 14  GLU A OE1 1 
ATOM   102  O OE2 . GLU A 1 17  ? -0.876  -12.906 -12.433 1.00 58.55 ? 14  GLU A OE2 1 
ATOM   103  N N   . LYS A 1 18  ? -6.318  -11.167 -11.996 1.00 52.50 ? 15  LYS A N   1 
ATOM   104  C CA  . LYS A 1 18  ? -7.354  -12.171 -11.871 1.00 52.29 ? 15  LYS A CA  1 
ATOM   105  C C   . LYS A 1 18  ? -8.529  -11.590 -11.122 1.00 52.32 ? 15  LYS A C   1 
ATOM   106  O O   . LYS A 1 18  ? -8.347  -10.788 -10.209 1.00 52.62 ? 15  LYS A O   1 
ATOM   107  C CB  . LYS A 1 18  ? -6.845  -13.381 -11.103 1.00 52.23 ? 15  LYS A CB  1 
ATOM   108  C CG  . LYS A 1 18  ? -7.931  -14.431 -10.866 1.00 52.46 ? 15  LYS A CG  1 
ATOM   109  C CD  . LYS A 1 18  ? -7.316  -15.753 -10.469 1.00 53.18 ? 15  LYS A CD  1 
ATOM   110  C CE  . LYS A 1 18  ? -8.366  -16.852 -10.382 1.00 54.82 ? 15  LYS A CE  1 
ATOM   111  N NZ  . LYS A 1 18  ? -9.093  -17.080 -11.669 1.00 55.77 ? 15  LYS A NZ  1 
ATOM   112  N N   . ALA A 1 19  ? -9.737  -12.012 -11.475 1.00 52.31 ? 16  ALA A N   1 
ATOM   113  C CA  . ALA A 1 19  ? -10.927 -11.568 -10.736 1.00 52.10 ? 16  ALA A CA  1 
ATOM   114  C C   . ALA A 1 19  ? -11.825 -12.736 -10.391 1.00 51.55 ? 16  ALA A C   1 
ATOM   115  O O   . ALA A 1 19  ? -12.506 -13.246 -11.263 1.00 51.92 ? 16  ALA A O   1 
ATOM   116  C CB  . ALA A 1 19  ? -11.699 -10.549 -11.544 1.00 52.22 ? 16  ALA A CB  1 
ATOM   117  N N   . PHE A 1 20  ? -11.848 -13.151 -9.130  1.00 51.05 ? 17  PHE A N   1 
ATOM   118  C CA  . PHE A 1 20  ? -12.613 -14.350 -8.747  1.00 51.01 ? 17  PHE A CA  1 
ATOM   119  C C   . PHE A 1 20  ? -14.137 -14.223 -8.994  1.00 50.81 ? 17  PHE A C   1 
ATOM   120  O O   . PHE A 1 20  ? -14.721 -13.146 -8.839  1.00 50.83 ? 17  PHE A O   1 
ATOM   121  C CB  . PHE A 1 20  ? -12.333 -14.710 -7.282  1.00 51.06 ? 17  PHE A CB  1 
ATOM   122  C CG  . PHE A 1 20  ? -10.881 -14.992 -6.985  1.00 50.88 ? 17  PHE A CG  1 
ATOM   123  C CD1 . PHE A 1 20  ? -10.412 -16.297 -6.930  1.00 50.68 ? 17  PHE A CD1 1 
ATOM   124  C CD2 . PHE A 1 20  ? -9.987  -13.956 -6.767  1.00 50.68 ? 17  PHE A CD2 1 
ATOM   125  C CE1 . PHE A 1 20  ? -9.071  -16.565 -6.654  1.00 50.78 ? 17  PHE A CE1 1 
ATOM   126  C CE2 . PHE A 1 20  ? -8.654  -14.214 -6.505  1.00 50.30 ? 17  PHE A CE2 1 
ATOM   127  C CZ  . PHE A 1 20  ? -8.194  -15.521 -6.439  1.00 50.83 ? 17  PHE A CZ  1 
ATOM   128  N N   . PRO A 1 21  ? -14.798 -15.321 -9.372  1.00 50.57 ? 18  PRO A N   1 
ATOM   129  C CA  . PRO A 1 21  ? -16.245 -15.119 -9.546  1.00 50.54 ? 18  PRO A CA  1 
ATOM   130  C C   . PRO A 1 21  ? -16.834 -14.267 -8.400  1.00 50.60 ? 18  PRO A C   1 
ATOM   131  O O   . PRO A 1 21  ? -16.464 -14.451 -7.251  1.00 50.51 ? 18  PRO A O   1 
ATOM   132  C CB  . PRO A 1 21  ? -16.804 -16.543 -9.518  1.00 50.01 ? 18  PRO A CB  1 
ATOM   133  C CG  . PRO A 1 21  ? -15.662 -17.413 -9.971  1.00 49.95 ? 18  PRO A CG  1 
ATOM   134  C CD  . PRO A 1 21  ? -14.394 -16.732 -9.514  1.00 50.67 ? 18  PRO A CD  1 
ATOM   135  N N   . ILE A 1 22  ? -17.724 -13.327 -8.717  1.00 50.72 ? 19  ILE A N   1 
ATOM   136  C CA  . ILE A 1 22  ? -18.394 -12.491 -7.706  1.00 50.79 ? 19  ILE A CA  1 
ATOM   137  C C   . ILE A 1 22  ? -19.025 -13.318 -6.561  1.00 50.75 ? 19  ILE A C   1 
ATOM   138  O O   . ILE A 1 22  ? -19.470 -14.446 -6.780  1.00 50.63 ? 19  ILE A O   1 
ATOM   139  C CB  . ILE A 1 22  ? -19.543 -11.690 -8.360  1.00 50.98 ? 19  ILE A CB  1 
ATOM   140  C CG1 . ILE A 1 22  ? -19.583 -11.962 -9.873  1.00 51.45 ? 19  ILE A CG1 1 
ATOM   141  C CG2 . ILE A 1 22  ? -19.467 -10.195 -7.992  1.00 50.69 ? 19  ILE A CG2 1 
ATOM   142  C CD1 . ILE A 1 22  ? -20.319 -13.278 -10.263 1.00 51.77 ? 19  ILE A CD1 1 
ATOM   143  N N   . ARG A 1 23  ? -19.104 -12.732 -5.363  1.00 50.42 ? 20  ARG A N   1 
ATOM   144  C CA  . ARG A 1 23  ? -19.659 -13.402 -4.186  1.00 49.95 ? 20  ARG A CA  1 
ATOM   145  C C   . ARG A 1 23  ? -20.609 -12.468 -3.410  1.00 49.43 ? 20  ARG A C   1 
ATOM   146  O O   . ARG A 1 23  ? -20.830 -11.333 -3.834  1.00 49.46 ? 20  ARG A O   1 
ATOM   147  C CB  . ARG A 1 23  ? -18.523 -13.877 -3.290  1.00 50.34 ? 20  ARG A CB  1 
ATOM   148  C CG  . ARG A 1 23  ? -18.965 -14.795 -2.173  1.00 52.27 ? 20  ARG A CG  1 
ATOM   149  C CD  . ARG A 1 23  ? -17.755 -15.273 -1.389  1.00 55.39 ? 20  ARG A CD  1 
ATOM   150  N NE  . ARG A 1 23  ? -17.161 -14.209 -0.584  1.00 56.58 ? 20  ARG A NE  1 
ATOM   151  C CZ  . ARG A 1 23  ? -16.091 -13.505 -0.926  1.00 56.31 ? 20  ARG A CZ  1 
ATOM   152  N NH1 . ARG A 1 23  ? -15.480 -13.740 -2.075  1.00 57.33 ? 20  ARG A NH1 1 
ATOM   153  N NH2 . ARG A 1 23  ? -15.633 -12.570 -0.112  1.00 55.69 ? 20  ARG A NH2 1 
ATOM   154  N N   . TYR A 1 24  ? -21.161 -12.929 -2.279  1.00 48.60 ? 21  TYR A N   1 
ATOM   155  C CA  . TYR A 1 24  ? -22.152 -12.134 -1.526  1.00 48.08 ? 21  TYR A CA  1 
ATOM   156  C C   . TYR A 1 24  ? -22.125 -12.319 -0.002  1.00 47.76 ? 21  TYR A C   1 
ATOM   157  O O   . TYR A 1 24  ? -22.087 -13.438 0.487   1.00 47.64 ? 21  TYR A O   1 
ATOM   158  C CB  . TYR A 1 24  ? -23.577 -12.427 -2.040  1.00 48.17 ? 21  TYR A CB  1 
ATOM   159  C CG  . TYR A 1 24  ? -23.729 -12.243 -3.534  1.00 47.97 ? 21  TYR A CG  1 
ATOM   160  C CD1 . TYR A 1 24  ? -24.032 -10.999 -4.077  1.00 48.05 ? 21  TYR A CD1 1 
ATOM   161  C CD2 . TYR A 1 24  ? -23.550 -13.310 -4.400  1.00 48.52 ? 21  TYR A CD2 1 
ATOM   162  C CE1 . TYR A 1 24  ? -24.143 -10.827 -5.434  1.00 47.77 ? 21  TYR A CE1 1 
ATOM   163  C CE2 . TYR A 1 24  ? -23.674 -13.154 -5.754  1.00 49.00 ? 21  TYR A CE2 1 
ATOM   164  C CZ  . TYR A 1 24  ? -23.965 -11.909 -6.266  1.00 49.15 ? 21  TYR A CZ  1 
ATOM   165  O OH  . TYR A 1 24  ? -24.095 -11.770 -7.622  1.00 50.72 ? 21  TYR A OH  1 
ATOM   166  N N   . THR A 1 25  ? -22.179 -11.225 0.749   1.00 47.58 ? 22  THR A N   1 
ATOM   167  C CA  . THR A 1 25  ? -22.232 -11.333 2.198   1.00 47.34 ? 22  THR A CA  1 
ATOM   168  C C   . THR A 1 25  ? -23.560 -11.959 2.531   1.00 47.81 ? 22  THR A C   1 
ATOM   169  O O   . THR A 1 25  ? -24.491 -11.922 1.708   1.00 48.21 ? 22  THR A O   1 
ATOM   170  C CB  . THR A 1 25  ? -22.117 -9.954  2.903   1.00 47.76 ? 22  THR A CB  1 
ATOM   171  O OG1 . THR A 1 25  ? -23.359 -9.231  2.818   1.00 45.93 ? 22  THR A OG1 1 
ATOM   172  C CG2 . THR A 1 25  ? -20.965 -9.115  2.304   1.00 46.63 ? 22  THR A CG2 1 
ATOM   173  N N   . PRO A 1 26  ? -23.672 -12.560 3.727   1.00 47.69 ? 23  PRO A N   1 
ATOM   174  C CA  . PRO A 1 26  ? -24.982 -13.109 4.078   1.00 47.10 ? 23  PRO A CA  1 
ATOM   175  C C   . PRO A 1 26  ? -26.073 -12.068 3.834   1.00 47.05 ? 23  PRO A C   1 
ATOM   176  O O   . PRO A 1 26  ? -27.187 -12.418 3.468   1.00 47.07 ? 23  PRO A O   1 
ATOM   177  C CB  . PRO A 1 26  ? -24.837 -13.410 5.565   1.00 47.00 ? 23  PRO A CB  1 
ATOM   178  C CG  . PRO A 1 26  ? -23.368 -13.717 5.735   1.00 47.30 ? 23  PRO A CG  1 
ATOM   179  C CD  . PRO A 1 26  ? -22.649 -12.822 4.757   1.00 47.50 ? 23  PRO A CD  1 
ATOM   180  N N   . ALA A 1 27  ? -25.738 -10.792 4.012   1.00 47.17 ? 24  ALA A N   1 
ATOM   181  C CA  . ALA A 1 27  ? -26.708 -9.694  3.862   1.00 47.16 ? 24  ALA A CA  1 
ATOM   182  C C   . ALA A 1 27  ? -27.034 -9.268  2.425   1.00 47.36 ? 24  ALA A C   1 
ATOM   183  O O   . ALA A 1 27  ? -27.886 -8.413  2.236   1.00 47.44 ? 24  ALA A O   1 
ATOM   184  C CB  . ALA A 1 27  ? -26.287 -8.467  4.698   1.00 46.82 ? 24  ALA A CB  1 
ATOM   185  N N   . GLY A 1 28  ? -26.377 -9.846  1.417   1.00 47.67 ? 25  GLY A N   1 
ATOM   186  C CA  . GLY A 1 28  ? -26.708 -9.538  0.010   1.00 48.00 ? 25  GLY A CA  1 
ATOM   187  C C   . GLY A 1 28  ? -25.642 -8.772  -0.778  1.00 48.48 ? 25  GLY A C   1 
ATOM   188  O O   . GLY A 1 28  ? -25.444 -9.014  -1.981  1.00 48.22 ? 25  GLY A O   1 
ATOM   189  N N   . ILE A 1 29  ? -24.966 -7.848  -0.094  1.00 48.51 ? 26  ILE A N   1 
ATOM   190  C CA  . ILE A 1 29  ? -23.905 -7.024  -0.668  1.00 48.80 ? 26  ILE A CA  1 
ATOM   191  C C   . ILE A 1 29  ? -22.898 -7.795  -1.547  1.00 48.87 ? 26  ILE A C   1 
ATOM   192  O O   . ILE A 1 29  ? -22.338 -8.814  -1.130  1.00 49.07 ? 26  ILE A O   1 
ATOM   193  C CB  . ILE A 1 29  ? -23.121 -6.327  0.462   1.00 49.16 ? 26  ILE A CB  1 
ATOM   194  C CG1 . ILE A 1 29  ? -24.084 -5.585  1.394   1.00 49.53 ? 26  ILE A CG1 1 
ATOM   195  C CG2 . ILE A 1 29  ? -22.044 -5.417  -0.108  1.00 48.81 ? 26  ILE A CG2 1 
ATOM   196  C CD1 . ILE A 1 29  ? -23.608 -5.517  2.839   1.00 48.94 ? 26  ILE A CD1 1 
ATOM   197  N N   . PRO A 1 30  ? -22.644 -7.289  -2.763  1.00 48.64 ? 27  PRO A N   1 
ATOM   198  C CA  . PRO A 1 30  ? -21.734 -7.938  -3.708  1.00 48.45 ? 27  PRO A CA  1 
ATOM   199  C C   . PRO A 1 30  ? -20.282 -7.716  -3.341  1.00 48.41 ? 27  PRO A C   1 
ATOM   200  O O   . PRO A 1 30  ? -19.867 -6.589  -3.084  1.00 48.73 ? 27  PRO A O   1 
ATOM   201  C CB  . PRO A 1 30  ? -22.030 -7.245  -5.040  1.00 48.37 ? 27  PRO A CB  1 
ATOM   202  C CG  . PRO A 1 30  ? -23.211 -6.325  -4.785  1.00 48.50 ? 27  PRO A CG  1 
ATOM   203  C CD  . PRO A 1 30  ? -23.254 -6.069  -3.317  1.00 48.71 ? 27  PRO A CD  1 
ATOM   204  N N   . VAL A 1 31  ? -19.511 -8.791  -3.326  1.00 48.18 ? 28  VAL A N   1 
ATOM   205  C CA  . VAL A 1 31  ? -18.117 -8.713  -2.956  1.00 47.69 ? 28  VAL A CA  1 
ATOM   206  C C   . VAL A 1 31  ? -17.274 -9.251  -4.092  1.00 47.57 ? 28  VAL A C   1 
ATOM   207  O O   . VAL A 1 31  ? -17.560 -10.309 -4.654  1.00 47.77 ? 28  VAL A O   1 
ATOM   208  C CB  . VAL A 1 31  ? -17.856 -9.543  -1.711  1.00 47.87 ? 28  VAL A CB  1 
ATOM   209  C CG1 . VAL A 1 31  ? -16.384 -9.485  -1.331  1.00 47.26 ? 28  VAL A CG1 1 
ATOM   210  C CG2 . VAL A 1 31  ? -18.741 -9.069  -0.572  1.00 47.97 ? 28  VAL A CG2 1 
ATOM   211  N N   . LEU A 1 32  ? -16.235 -8.521  -4.439  1.00 47.33 ? 29  LEU A N   1 
ATOM   212  C CA  . LEU A 1 32  ? -15.412 -8.911  -5.558  1.00 47.64 ? 29  LEU A CA  1 
ATOM   213  C C   . LEU A 1 32  ? -13.914 -8.889  -5.236  1.00 48.34 ? 29  LEU A C   1 
ATOM   214  O O   . LEU A 1 32  ? -13.297 -7.819  -5.138  1.00 48.49 ? 29  LEU A O   1 
ATOM   215  C CB  . LEU A 1 32  ? -15.716 -8.029  -6.756  1.00 47.34 ? 29  LEU A CB  1 
ATOM   216  C CG  . LEU A 1 32  ? -14.783 -8.297  -7.929  1.00 46.53 ? 29  LEU A CG  1 
ATOM   217  C CD1 . LEU A 1 32  ? -15.041 -9.689  -8.512  1.00 45.59 ? 29  LEU A CD1 1 
ATOM   218  C CD2 . LEU A 1 32  ? -14.911 -7.206  -8.992  1.00 45.80 ? 29  LEU A CD2 1 
ATOM   219  N N   . ASP A 1 33  ? -13.361 -10.089 -5.069  1.00 49.00 ? 30  ASP A N   1 
ATOM   220  C CA  . ASP A 1 33  ? -11.949 -10.331 -4.817  1.00 49.56 ? 30  ASP A CA  1 
ATOM   221  C C   . ASP A 1 33  ? -11.156 -10.278 -6.107  1.00 50.12 ? 30  ASP A C   1 
ATOM   222  O O   . ASP A 1 33  ? -11.617 -10.737 -7.149  1.00 50.48 ? 30  ASP A O   1 
ATOM   223  C CB  . ASP A 1 33  ? -11.763 -11.706 -4.187  1.00 49.58 ? 30  ASP A CB  1 
ATOM   224  C CG  . ASP A 1 33  ? -12.348 -11.785 -2.798  1.00 50.98 ? 30  ASP A CG  1 
ATOM   225  O OD1 . ASP A 1 33  ? -12.228 -10.773 -2.065  1.00 52.18 ? 30  ASP A OD1 1 
ATOM   226  O OD2 . ASP A 1 33  ? -12.944 -12.841 -2.455  1.00 51.60 ? 30  ASP A OD2 1 
ATOM   227  N N   . ILE A 1 34  ? -9.935  -9.764  -6.017  1.00 50.53 ? 31  ILE A N   1 
ATOM   228  C CA  . ILE A 1 34  ? -9.166  -9.446  -7.189  1.00 50.82 ? 31  ILE A CA  1 
ATOM   229  C C   . ILE A 1 34  ? -7.683  -9.571  -6.884  1.00 50.88 ? 31  ILE A C   1 
ATOM   230  O O   . ILE A 1 34  ? -7.269  -9.434  -5.731  1.00 50.43 ? 31  ILE A O   1 
ATOM   231  C CB  . ILE A 1 34  ? -9.560  -8.013  -7.626  1.00 51.37 ? 31  ILE A CB  1 
ATOM   232  C CG1 . ILE A 1 34  ? -10.667 -8.095  -8.672  1.00 52.28 ? 31  ILE A CG1 1 
ATOM   233  C CG2 . ILE A 1 34  ? -8.393  -7.196  -8.146  1.00 50.97 ? 31  ILE A CG2 1 
ATOM   234  C CD1 . ILE A 1 34  ? -11.453 -6.822  -8.806  1.00 54.16 ? 31  ILE A CD1 1 
ATOM   235  N N   . ILE A 1 35  ? -6.883  -9.866  -7.904  1.00 51.04 ? 32  ILE A N   1 
ATOM   236  C CA  . ILE A 1 35  ? -5.423  -9.758  -7.764  1.00 51.52 ? 32  ILE A CA  1 
ATOM   237  C C   . ILE A 1 35  ? -4.853  -8.650  -8.672  1.00 52.05 ? 32  ILE A C   1 
ATOM   238  O O   . ILE A 1 35  ? -5.116  -8.634  -9.879  1.00 52.21 ? 32  ILE A O   1 
ATOM   239  C CB  . ILE A 1 35  ? -4.667  -11.110 -8.015  1.00 51.43 ? 32  ILE A CB  1 
ATOM   240  C CG1 . ILE A 1 35  ? -5.129  -12.207 -7.051  1.00 50.61 ? 32  ILE A CG1 1 
ATOM   241  C CG2 . ILE A 1 35  ? -3.164  -10.936 -7.871  1.00 49.84 ? 32  ILE A CG2 1 
ATOM   242  C CD1 . ILE A 1 35  ? -4.253  -13.470 -7.129  1.00 50.42 ? 32  ILE A CD1 1 
ATOM   243  N N   . LEU A 1 36  ? -4.065  -7.747  -8.081  1.00 52.27 ? 33  LEU A N   1 
ATOM   244  C CA  . LEU A 1 36  ? -3.530  -6.591  -8.779  1.00 52.43 ? 33  LEU A CA  1 
ATOM   245  C C   . LEU A 1 36  ? -2.040  -6.724  -9.099  1.00 53.05 ? 33  LEU A C   1 
ATOM   246  O O   . LEU A 1 36  ? -1.222  -7.003  -8.225  1.00 53.27 ? 33  LEU A O   1 
ATOM   247  C CB  . LEU A 1 36  ? -3.753  -5.349  -7.941  1.00 52.23 ? 33  LEU A CB  1 
ATOM   248  C CG  . LEU A 1 36  ? -5.162  -4.785  -7.874  1.00 51.86 ? 33  LEU A CG  1 
ATOM   249  C CD1 . LEU A 1 36  ? -5.137  -3.594  -6.977  1.00 52.12 ? 33  LEU A CD1 1 
ATOM   250  C CD2 . LEU A 1 36  ? -5.646  -4.376  -9.244  1.00 51.92 ? 33  LEU A CD2 1 
ATOM   251  N N   . LYS A 1 37  ? -1.689  -6.501  -10.361 1.00 53.65 ? 34  LYS A N   1 
ATOM   252  C CA  . LYS A 1 37  ? -0.314  -6.643  -10.806 1.00 54.03 ? 34  LYS A CA  1 
ATOM   253  C C   . LYS A 1 37  ? 0.199   -5.301  -11.300 1.00 54.58 ? 34  LYS A C   1 
ATOM   254  O O   . LYS A 1 37  ? -0.254  -4.774  -12.326 1.00 54.49 ? 34  LYS A O   1 
ATOM   255  C CB  . LYS A 1 37  ? -0.200  -7.693  -11.908 1.00 53.82 ? 34  LYS A CB  1 
ATOM   256  C CG  . LYS A 1 37  ? 1.220   -8.028  -12.298 1.00 53.93 ? 34  LYS A CG  1 
ATOM   257  C CD  . LYS A 1 37  ? 1.791   -9.128  -11.408 1.00 54.36 ? 34  LYS A CD  1 
ATOM   258  C CE  . LYS A 1 37  ? 3.281   -9.357  -11.658 1.00 53.62 ? 34  LYS A CE  1 
ATOM   259  N NZ  . LYS A 1 37  ? 4.061   -8.129  -11.382 1.00 53.10 ? 34  LYS A NZ  1 
ATOM   260  N N   . HIS A 1 38  ? 1.155   -4.759  -10.555 1.00 54.98 ? 35  HIS A N   1 
ATOM   261  C CA  . HIS A 1 38  ? 1.648   -3.430  -10.809 1.00 55.14 ? 35  HIS A CA  1 
ATOM   262  C C   . HIS A 1 38  ? 3.113   -3.446  -11.214 1.00 55.45 ? 35  HIS A C   1 
ATOM   263  O O   . HIS A 1 38  ? 3.869   -4.334  -10.837 1.00 55.75 ? 35  HIS A O   1 
ATOM   264  C CB  . HIS A 1 38  ? 1.469   -2.567  -9.582  1.00 54.98 ? 35  HIS A CB  1 
ATOM   265  C CG  . HIS A 1 38  ? 2.148   -1.250  -9.701  1.00 54.77 ? 35  HIS A CG  1 
ATOM   266  N ND1 . HIS A 1 38  ? 3.471   -1.068  -9.358  1.00 53.97 ? 35  HIS A ND1 1 
ATOM   267  C CD2 . HIS A 1 38  ? 1.701   -0.057  -10.164 1.00 54.69 ? 35  HIS A CD2 1 
ATOM   268  C CE1 . HIS A 1 38  ? 3.801   0.194   -9.581  1.00 55.38 ? 35  HIS A CE1 1 
ATOM   269  N NE2 . HIS A 1 38  ? 2.750   0.825   -10.080 1.00 55.47 ? 35  HIS A NE2 1 
ATOM   270  N N   . GLU A 1 39  ? 3.528   -2.444  -11.969 1.00 55.52 ? 36  GLU A N   1 
ATOM   271  C CA  . GLU A 1 39  ? 4.763   -2.588  -12.706 1.00 55.68 ? 36  GLU A CA  1 
ATOM   272  C C   . GLU A 1 39  ? 5.223   -1.234  -13.238 1.00 55.64 ? 36  GLU A C   1 
ATOM   273  O O   . GLU A 1 39  ? 4.894   -0.876  -14.377 1.00 55.85 ? 36  GLU A O   1 
ATOM   274  C CB  . GLU A 1 39  ? 4.513   -3.571  -13.845 1.00 55.28 ? 36  GLU A CB  1 
ATOM   275  C CG  . GLU A 1 39  ? 5.734   -4.020  -14.602 1.00 57.45 ? 36  GLU A CG  1 
ATOM   276  C CD  . GLU A 1 39  ? 6.888   -4.465  -13.706 1.00 58.78 ? 36  GLU A CD  1 
ATOM   277  O OE1 . GLU A 1 39  ? 7.334   -3.627  -12.893 1.00 60.29 ? 36  GLU A OE1 1 
ATOM   278  O OE2 . GLU A 1 39  ? 7.371   -5.623  -13.841 1.00 57.17 ? 36  GLU A OE2 1 
ATOM   279  N N   . SER A 1 40  ? 5.984   -0.496  -12.417 1.00 55.19 ? 37  SER A N   1 
ATOM   280  C CA  . SER A 1 40  ? 6.394   0.885   -12.745 1.00 54.77 ? 37  SER A CA  1 
ATOM   281  C C   . SER A 1 40  ? 7.859   1.253   -12.460 1.00 54.40 ? 37  SER A C   1 
ATOM   282  O O   . SER A 1 40  ? 8.590   0.527   -11.787 1.00 54.33 ? 37  SER A O   1 
ATOM   283  C CB  . SER A 1 40  ? 5.513   1.883   -12.002 1.00 54.73 ? 37  SER A CB  1 
ATOM   284  O OG  . SER A 1 40  ? 5.737   1.801   -10.596 1.00 54.64 ? 37  SER A OG  1 
ATOM   285  N N   . TRP A 1 41  ? 8.262   2.410   -12.983 1.00 54.18 ? 38  TRP A N   1 
ATOM   286  C CA  . TRP A 1 41  ? 9.530   3.057   -12.622 1.00 53.69 ? 38  TRP A CA  1 
ATOM   287  C C   . TRP A 1 41  ? 9.284   4.260   -11.683 1.00 53.58 ? 38  TRP A C   1 
ATOM   288  O O   . TRP A 1 41  ? 8.682   5.254   -12.083 1.00 53.40 ? 38  TRP A O   1 
ATOM   289  C CB  . TRP A 1 41  ? 10.292  3.509   -13.875 1.00 53.45 ? 38  TRP A CB  1 
ATOM   290  C CG  . TRP A 1 41  ? 10.884  2.388   -14.729 1.00 53.42 ? 38  TRP A CG  1 
ATOM   291  C CD1 . TRP A 1 41  ? 10.295  1.780   -15.799 1.00 53.33 ? 38  TRP A CD1 1 
ATOM   292  C CD2 . TRP A 1 41  ? 12.181  1.772   -14.587 1.00 52.39 ? 38  TRP A CD2 1 
ATOM   293  N NE1 . TRP A 1 41  ? 11.133  0.829   -16.328 1.00 53.25 ? 38  TRP A NE1 1 
ATOM   294  C CE2 . TRP A 1 41  ? 12.296  0.804   -15.602 1.00 52.88 ? 38  TRP A CE2 1 
ATOM   295  C CE3 . TRP A 1 41  ? 13.246  1.941   -13.697 1.00 51.85 ? 38  TRP A CE3 1 
ATOM   296  C CZ2 . TRP A 1 41  ? 13.436  0.008   -15.753 1.00 52.40 ? 38  TRP A CZ2 1 
ATOM   297  C CZ3 . TRP A 1 41  ? 14.371  1.149   -13.845 1.00 50.57 ? 38  TRP A CZ3 1 
ATOM   298  C CH2 . TRP A 1 41  ? 14.456  0.196   -14.860 1.00 51.26 ? 38  TRP A CH2 1 
ATOM   299  N N   . GLN A 1 42  ? 9.735   4.150   -10.433 1.00 53.37 ? 39  GLN A N   1 
ATOM   300  C CA  . GLN A 1 42  ? 9.615   5.224   -9.456  1.00 53.25 ? 39  GLN A CA  1 
ATOM   301  C C   . GLN A 1 42  ? 10.976  5.852   -9.168  1.00 53.02 ? 39  GLN A C   1 
ATOM   302  O O   . GLN A 1 42  ? 12.010  5.251   -9.438  1.00 52.56 ? 39  GLN A O   1 
ATOM   303  C CB  . GLN A 1 42  ? 9.008   4.704   -8.156  1.00 53.58 ? 39  GLN A CB  1 
ATOM   304  C CG  . GLN A 1 42  ? 7.660   3.998   -8.324  1.00 55.13 ? 39  GLN A CG  1 
ATOM   305  C CD  . GLN A 1 42  ? 6.596   4.916   -8.869  1.00 55.43 ? 39  GLN A CD  1 
ATOM   306  O OE1 . GLN A 1 42  ? 6.388   5.996   -8.336  1.00 57.01 ? 39  GLN A OE1 1 
ATOM   307  N NE2 . GLN A 1 42  ? 5.925   4.500   -9.942  1.00 54.84 ? 39  GLN A NE2 1 
ATOM   308  N N   . GLU A 1 43  ? 10.950  7.074   -8.635  1.00 53.22 ? 40  GLU A N   1 
ATOM   309  C CA  . GLU A 1 43  ? 12.146  7.830   -8.273  1.00 53.23 ? 40  GLU A CA  1 
ATOM   310  C C   . GLU A 1 43  ? 12.545  7.469   -6.844  1.00 53.04 ? 40  GLU A C   1 
ATOM   311  O O   . GLU A 1 43  ? 11.689  7.434   -5.961  1.00 53.04 ? 40  GLU A O   1 
ATOM   312  C CB  . GLU A 1 43  ? 11.861  9.336   -8.373  1.00 53.22 ? 40  GLU A CB  1 
ATOM   313  C CG  . GLU A 1 43  ? 13.099  10.203  -8.363  1.00 54.54 ? 40  GLU A CG  1 
ATOM   314  C CD  . GLU A 1 43  ? 13.949  9.979   -9.605  1.00 57.56 ? 40  GLU A CD  1 
ATOM   315  O OE1 . GLU A 1 43  ? 13.407  9.425   -10.594 1.00 59.68 ? 40  GLU A OE1 1 
ATOM   316  O OE2 . GLU A 1 43  ? 15.150  10.344  -9.607  1.00 57.60 ? 40  GLU A OE2 1 
ATOM   317  N N   . GLU A 1 44  ? 13.818  7.160   -6.607  1.00 52.79 ? 41  GLU A N   1 
ATOM   318  C CA  . GLU A 1 44  ? 14.263  6.935   -5.231  1.00 52.75 ? 41  GLU A CA  1 
ATOM   319  C C   . GLU A 1 44  ? 15.670  7.401   -4.970  1.00 52.43 ? 41  GLU A C   1 
ATOM   320  O O   . GLU A 1 44  ? 16.624  6.893   -5.536  1.00 52.42 ? 41  GLU A O   1 
ATOM   321  C CB  . GLU A 1 44  ? 14.097  5.484   -4.762  1.00 52.72 ? 41  GLU A CB  1 
ATOM   322  C CG  . GLU A 1 44  ? 13.941  5.410   -3.224  1.00 54.24 ? 41  GLU A CG  1 
ATOM   323  C CD  . GLU A 1 44  ? 14.045  3.999   -2.606  1.00 55.55 ? 41  GLU A CD  1 
ATOM   324  O OE1 . GLU A 1 44  ? 15.055  3.295   -2.836  1.00 57.16 ? 41  GLU A OE1 1 
ATOM   325  O OE2 . GLU A 1 44  ? 13.133  3.615   -1.840  1.00 54.36 ? 41  GLU A OE2 1 
ATOM   326  N N   . ASN A 1 45  ? 15.789  8.370   -4.082  1.00 52.59 ? 42  ASN A N   1 
ATOM   327  C CA  . ASN A 1 45  ? 17.089  8.843   -3.700  1.00 52.90 ? 42  ASN A CA  1 
ATOM   328  C C   . ASN A 1 45  ? 17.917  9.127   -4.946  1.00 53.17 ? 42  ASN A C   1 
ATOM   329  O O   . ASN A 1 45  ? 19.067  8.728   -5.030  1.00 53.24 ? 42  ASN A O   1 
ATOM   330  C CB  . ASN A 1 45  ? 17.773  7.793   -2.833  1.00 52.60 ? 42  ASN A CB  1 
ATOM   331  C CG  . ASN A 1 45  ? 19.027  8.311   -2.176  1.00 53.36 ? 42  ASN A CG  1 
ATOM   332  O OD1 . ASN A 1 45  ? 19.023  9.354   -1.518  1.00 53.53 ? 42  ASN A OD1 1 
ATOM   333  N ND2 . ASN A 1 45  ? 20.117  7.583   -2.349  1.00 54.37 ? 42  ASN A ND2 1 
ATOM   334  N N   . GLY A 1 46  ? 17.322  9.792   -5.929  1.00 53.58 ? 43  GLY A N   1 
ATOM   335  C CA  . GLY A 1 46  ? 18.070  10.230  -7.094  1.00 54.25 ? 43  GLY A CA  1 
ATOM   336  C C   . GLY A 1 46  ? 18.056  9.381   -8.362  1.00 54.89 ? 43  GLY A C   1 
ATOM   337  O O   . GLY A 1 46  ? 18.403  9.881   -9.429  1.00 54.79 ? 43  GLY A O   1 
ATOM   338  N N   . GLN A 1 47  ? 17.694  8.101   -8.282  1.00 55.51 ? 44  GLN A N   1 
ATOM   339  C CA  . GLN A 1 47  ? 17.613  7.305   -9.519  1.00 56.17 ? 44  GLN A CA  1 
ATOM   340  C C   . GLN A 1 47  ? 16.298  6.591   -9.702  1.00 56.02 ? 44  GLN A C   1 
ATOM   341  O O   . GLN A 1 47  ? 15.479  6.549   -8.805  1.00 56.09 ? 44  GLN A O   1 
ATOM   342  C CB  . GLN A 1 47  ? 18.755  6.312   -9.655  1.00 56.43 ? 44  GLN A CB  1 
ATOM   343  C CG  . GLN A 1 47  ? 18.842  5.347   -8.515  1.00 58.40 ? 44  GLN A CG  1 
ATOM   344  C CD  . GLN A 1 47  ? 19.681  5.893   -7.378  1.00 61.04 ? 44  GLN A CD  1 
ATOM   345  O OE1 . GLN A 1 47  ? 20.767  6.472   -7.595  1.00 60.92 ? 44  GLN A OE1 1 
ATOM   346  N NE2 . GLN A 1 47  ? 19.188  5.713   -6.153  1.00 61.57 ? 44  GLN A NE2 1 
ATOM   347  N N   . GLN A 1 48  ? 16.101  6.032   -10.885 1.00 56.21 ? 45  GLN A N   1 
ATOM   348  C CA  . GLN A 1 48  ? 14.842  5.405   -11.208 1.00 56.34 ? 45  GLN A CA  1 
ATOM   349  C C   . GLN A 1 48  ? 14.909  3.923   -10.929 1.00 56.07 ? 45  GLN A C   1 
ATOM   350  O O   . GLN A 1 48  ? 15.968  3.328   -11.021 1.00 56.08 ? 45  GLN A O   1 
ATOM   351  C CB  . GLN A 1 48  ? 14.464  5.692   -12.653 1.00 56.58 ? 45  GLN A CB  1 
ATOM   352  C CG  . GLN A 1 48  ? 14.481  7.178   -12.969 1.00 57.78 ? 45  GLN A CG  1 
ATOM   353  C CD  . GLN A 1 48  ? 13.499  7.548   -14.060 1.00 60.32 ? 45  GLN A CD  1 
ATOM   354  O OE1 . GLN A 1 48  ? 12.345  7.119   -14.038 1.00 60.00 ? 45  GLN A OE1 1 
ATOM   355  N NE2 . GLN A 1 48  ? 13.953  8.351   -15.028 1.00 62.24 ? 45  GLN A NE2 1 
ATOM   356  N N   . CYS A 1 49  ? 13.761  3.343   -10.589 1.00 56.13 ? 46  CYS A N   1 
ATOM   357  C CA  . CYS A 1 49  ? 13.675  1.989   -10.048 1.00 55.92 ? 46  CYS A CA  1 
ATOM   358  C C   . CYS A 1 49  ? 12.589  1.155   -10.659 1.00 54.95 ? 46  CYS A C   1 
ATOM   359  O O   . CYS A 1 49  ? 11.437  1.563   -10.687 1.00 54.73 ? 46  CYS A O   1 
ATOM   360  C CB  . CYS A 1 49  ? 13.352  2.065   -8.570  1.00 55.78 ? 46  CYS A CB  1 
ATOM   361  S SG  . CYS A 1 49  ? 14.758  2.610   -7.722  1.00 59.52 ? 46  CYS A SG  1 
ATOM   362  N N   . LEU A 1 50  ? 12.946  -0.040  -11.098 1.00 53.93 ? 47  LEU A N   1 
ATOM   363  C CA  . LEU A 1 50  ? 11.938  -0.962  -11.543 1.00 52.90 ? 47  LEU A CA  1 
ATOM   364  C C   . LEU A 1 50  ? 11.182  -1.456  -10.316 1.00 52.57 ? 47  LEU A C   1 
ATOM   365  O O   . LEU A 1 50  ? 11.776  -2.057  -9.434  1.00 52.83 ? 47  LEU A O   1 
ATOM   366  C CB  . LEU A 1 50  ? 12.564  -2.125  -12.306 1.00 52.35 ? 47  LEU A CB  1 
ATOM   367  C CG  . LEU A 1 50  ? 11.511  -2.936  -13.052 1.00 51.46 ? 47  LEU A CG  1 
ATOM   368  C CD1 . LEU A 1 50  ? 10.404  -2.006  -13.569 1.00 50.29 ? 47  LEU A CD1 1 
ATOM   369  C CD2 . LEU A 1 50  ? 12.130  -3.731  -14.179 1.00 49.83 ? 47  LEU A CD2 1 
ATOM   370  N N   . VAL A 1 51  ? 9.881   -1.186  -10.257 1.00 51.76 ? 48  VAL A N   1 
ATOM   371  C CA  . VAL A 1 51  ? 9.043   -1.655  -9.160  1.00 51.33 ? 48  VAL A CA  1 
ATOM   372  C C   . VAL A 1 51  ? 8.040   -2.729  -9.616  1.00 51.05 ? 48  VAL A C   1 
ATOM   373  O O   . VAL A 1 51  ? 7.301   -2.515  -10.565 1.00 50.66 ? 48  VAL A O   1 
ATOM   374  C CB  . VAL A 1 51  ? 8.267   -0.486  -8.511  1.00 51.27 ? 48  VAL A CB  1 
ATOM   375  C CG1 . VAL A 1 51  ? 7.307   -1.003  -7.504  1.00 50.07 ? 48  VAL A CG1 1 
ATOM   376  C CG2 . VAL A 1 51  ? 9.230   0.495   -7.863  1.00 51.93 ? 48  VAL A CG2 1 
ATOM   377  N N   . GLN A 1 52  ? 8.037   -3.869  -8.926  1.00 51.02 ? 49  GLN A N   1 
ATOM   378  C CA  . GLN A 1 52  ? 7.110   -4.965  -9.158  1.00 51.47 ? 49  GLN A CA  1 
ATOM   379  C C   . GLN A 1 52  ? 6.214   -5.108  -7.944  1.00 51.46 ? 49  GLN A C   1 
ATOM   380  O O   . GLN A 1 52  ? 6.676   -5.024  -6.823  1.00 51.09 ? 49  GLN A O   1 
ATOM   381  C CB  . GLN A 1 52  ? 7.848   -6.290  -9.312  1.00 51.61 ? 49  GLN A CB  1 
ATOM   382  C CG  . GLN A 1 52  ? 8.753   -6.429  -10.528 1.00 54.00 ? 49  GLN A CG  1 
ATOM   383  C CD  . GLN A 1 52  ? 9.085   -7.900  -10.818 1.00 57.14 ? 49  GLN A CD  1 
ATOM   384  O OE1 . GLN A 1 52  ? 8.194   -8.709  -11.119 1.00 57.64 ? 49  GLN A OE1 1 
ATOM   385  N NE2 . GLN A 1 52  ? 10.367  -8.248  -10.721 1.00 57.66 ? 49  GLN A NE2 1 
ATOM   386  N N   . LEU A 1 53  ? 4.930   -5.350  -8.164  1.00 51.82 ? 50  LEU A N   1 
ATOM   387  C CA  . LEU A 1 53  ? 4.013   -5.539  -7.052  1.00 52.04 ? 50  LEU A CA  1 
ATOM   388  C C   . LEU A 1 53  ? 2.759   -6.317  -7.431  1.00 52.59 ? 50  LEU A C   1 
ATOM   389  O O   . LEU A 1 53  ? 2.043   -5.954  -8.365  1.00 52.88 ? 50  LEU A O   1 
ATOM   390  C CB  . LEU A 1 53  ? 3.632   -4.196  -6.459  1.00 52.01 ? 50  LEU A CB  1 
ATOM   391  C CG  . LEU A 1 53  ? 2.602   -4.256  -5.353  1.00 51.13 ? 50  LEU A CG  1 
ATOM   392  C CD1 . LEU A 1 53  ? 3.183   -4.946  -4.162  1.00 50.48 ? 50  LEU A CD1 1 
ATOM   393  C CD2 . LEU A 1 53  ? 2.235   -2.859  -5.016  1.00 51.73 ? 50  LEU A CD2 1 
ATOM   394  N N   . GLU A 1 54  ? 2.508   -7.395  -6.694  1.00 52.86 ? 51  GLU A N   1 
ATOM   395  C CA  . GLU A 1 54  ? 1.298   -8.180  -6.858  1.00 52.96 ? 51  GLU A CA  1 
ATOM   396  C C   . GLU A 1 54  ? 0.596   -8.181  -5.529  1.00 52.72 ? 51  GLU A C   1 
ATOM   397  O O   . GLU A 1 54  ? 1.169   -8.618  -4.537  1.00 53.11 ? 51  GLU A O   1 
ATOM   398  C CB  . GLU A 1 54  ? 1.638   -9.608  -7.236  1.00 53.09 ? 51  GLU A CB  1 
ATOM   399  C CG  . GLU A 1 54  ? 0.600   -10.259 -8.108  1.00 54.42 ? 51  GLU A CG  1 
ATOM   400  C CD  . GLU A 1 54  ? 0.999   -11.653 -8.531  1.00 56.70 ? 51  GLU A CD  1 
ATOM   401  O OE1 . GLU A 1 54  ? 0.947   -12.542 -7.669  1.00 57.64 ? 51  GLU A OE1 1 
ATOM   402  O OE2 . GLU A 1 54  ? 1.355   -11.872 -9.714  1.00 58.79 ? 51  GLU A OE2 1 
ATOM   403  N N   . ILE A 1 55  ? -0.636  -7.684  -5.501  1.00 52.39 ? 52  ILE A N   1 
ATOM   404  C CA  . ILE A 1 55  ? -1.340  -7.444  -4.243  1.00 51.97 ? 52  ILE A CA  1 
ATOM   405  C C   . ILE A 1 55  ? -2.818  -7.822  -4.367  1.00 52.09 ? 52  ILE A C   1 
ATOM   406  O O   . ILE A 1 55  ? -3.497  -7.375  -5.291  1.00 52.10 ? 52  ILE A O   1 
ATOM   407  C CB  . ILE A 1 55  ? -1.192  -5.948  -3.826  1.00 51.95 ? 52  ILE A CB  1 
ATOM   408  C CG1 . ILE A 1 55  ? -1.588  -5.712  -2.360  1.00 51.85 ? 52  ILE A CG1 1 
ATOM   409  C CG2 . ILE A 1 55  ? -1.975  -5.032  -4.761  1.00 51.15 ? 52  ILE A CG2 1 
ATOM   410  C CD1 . ILE A 1 55  ? -1.346  -4.282  -1.892  1.00 50.44 ? 52  ILE A CD1 1 
ATOM   411  N N   . PRO A 1 56  ? -3.326  -8.646  -3.440  1.00 52.10 ? 53  PRO A N   1 
ATOM   412  C CA  . PRO A 1 56  ? -4.748  -8.977  -3.515  1.00 52.28 ? 53  PRO A CA  1 
ATOM   413  C C   . PRO A 1 56  ? -5.536  -7.730  -3.192  1.00 52.42 ? 53  PRO A C   1 
ATOM   414  O O   . PRO A 1 56  ? -5.001  -6.856  -2.530  1.00 52.54 ? 53  PRO A O   1 
ATOM   415  C CB  . PRO A 1 56  ? -4.956  -10.036 -2.419  1.00 51.66 ? 53  PRO A CB  1 
ATOM   416  C CG  . PRO A 1 56  ? -3.691  -10.086 -1.628  1.00 52.87 ? 53  PRO A CG  1 
ATOM   417  C CD  . PRO A 1 56  ? -2.691  -9.107  -2.194  1.00 52.25 ? 53  PRO A CD  1 
ATOM   418  N N   . ALA A 1 57  ? -6.782  -7.654  -3.651  1.00 52.63 ? 54  ALA A N   1 
ATOM   419  C CA  . ALA A 1 57  ? -7.634  -6.500  -3.418  1.00 53.27 ? 54  ALA A CA  1 
ATOM   420  C C   . ALA A 1 57  ? -9.126  -6.870  -3.459  1.00 54.39 ? 54  ALA A C   1 
ATOM   421  O O   . ALA A 1 57  ? -9.517  -7.928  -3.995  1.00 54.06 ? 54  ALA A O   1 
ATOM   422  C CB  . ALA A 1 57  ? -7.340  -5.428  -4.439  1.00 53.04 ? 54  ALA A CB  1 
ATOM   423  N N   . ARG A 1 58  ? -9.958  -5.978  -2.926  1.00 54.89 ? 55  ARG A N   1 
ATOM   424  C CA  . ARG A 1 58  ? -11.361 -6.277  -2.744  1.00 56.10 ? 55  ARG A CA  1 
ATOM   425  C C   . ARG A 1 58  ? -12.214 -5.075  -3.083  1.00 56.35 ? 55  ARG A C   1 
ATOM   426  O O   . ARG A 1 58  ? -11.904 -3.975  -2.648  1.00 57.25 ? 55  ARG A O   1 
ATOM   427  C CB  . ARG A 1 58  ? -11.638 -6.667  -1.296  1.00 56.36 ? 55  ARG A CB  1 
ATOM   428  C CG  . ARG A 1 58  ? -12.947 -7.402  -1.147  1.00 58.95 ? 55  ARG A CG  1 
ATOM   429  C CD  . ARG A 1 58  ? -13.420 -7.371  0.280   1.00 63.33 ? 55  ARG A CD  1 
ATOM   430  N NE  . ARG A 1 58  ? -12.824 -8.442  1.063   1.00 67.10 ? 55  ARG A NE  1 
ATOM   431  C CZ  . ARG A 1 58  ? -12.682 -8.401  2.385   1.00 69.19 ? 55  ARG A CZ  1 
ATOM   432  N NH1 . ARG A 1 58  ? -13.101 -7.333  3.063   1.00 69.10 ? 55  ARG A NH1 1 
ATOM   433  N NH2 . ARG A 1 58  ? -12.114 -9.424  3.029   1.00 69.39 ? 55  ARG A NH2 1 
ATOM   434  N N   . ILE A 1 59  ? -13.291 -5.282  -3.841  1.00 55.92 ? 56  ILE A N   1 
ATOM   435  C CA  . ILE A 1 59  ? -14.205 -4.200  -4.206  1.00 55.45 ? 56  ILE A CA  1 
ATOM   436  C C   . ILE A 1 59  ? -15.602 -4.553  -3.712  1.00 55.12 ? 56  ILE A C   1 
ATOM   437  O O   . ILE A 1 59  ? -15.996 -5.709  -3.769  1.00 54.97 ? 56  ILE A O   1 
ATOM   438  C CB  . ILE A 1 59  ? -14.274 -4.034  -5.734  1.00 55.44 ? 56  ILE A CB  1 
ATOM   439  C CG1 . ILE A 1 59  ? -12.880 -3.874  -6.319  1.00 55.84 ? 56  ILE A CG1 1 
ATOM   440  C CG2 . ILE A 1 59  ? -15.102 -2.853  -6.107  1.00 55.67 ? 56  ILE A CG2 1 
ATOM   441  C CD1 . ILE A 1 59  ? -12.880 -3.396  -7.749  1.00 55.42 ? 56  ILE A CD1 1 
ATOM   442  N N   . LEU A 1 60  ? -16.358 -3.566  -3.243  1.00 54.89 ? 57  LEU A N   1 
ATOM   443  C CA  . LEU A 1 60  ? -17.739 -3.822  -2.772  1.00 54.39 ? 57  LEU A CA  1 
ATOM   444  C C   . LEU A 1 60  ? -18.834 -3.195  -3.613  1.00 53.76 ? 57  LEU A C   1 
ATOM   445  O O   . LEU A 1 60  ? -18.577 -2.327  -4.442  1.00 53.52 ? 57  LEU A O   1 
ATOM   446  C CB  . LEU A 1 60  ? -17.930 -3.361  -1.322  1.00 54.37 ? 57  LEU A CB  1 
ATOM   447  C CG  . LEU A 1 60  ? -17.583 -4.406  -0.276  1.00 54.18 ? 57  LEU A CG  1 
ATOM   448  C CD1 . LEU A 1 60  ? -16.216 -4.941  -0.614  1.00 53.64 ? 57  LEU A CD1 1 
ATOM   449  C CD2 . LEU A 1 60  ? -17.631 -3.787  1.117   1.00 54.61 ? 57  LEU A CD2 1 
ATOM   450  N N   . GLY A 1 61  ? -20.060 -3.665  -3.373  1.00 53.59 ? 58  GLY A N   1 
ATOM   451  C CA  . GLY A 1 61  ? -21.279 -3.071  -3.907  1.00 52.67 ? 58  GLY A CA  1 
ATOM   452  C C   . GLY A 1 61  ? -21.233 -2.758  -5.380  1.00 52.44 ? 58  GLY A C   1 
ATOM   453  O O   . GLY A 1 61  ? -20.798 -3.550  -6.195  1.00 52.15 ? 58  GLY A O   1 
ATOM   454  N N   . ARG A 1 62  ? -21.699 -1.575  -5.717  1.00 52.84 ? 59  ARG A N   1 
ATOM   455  C CA  . ARG A 1 62  ? -21.956 -1.231  -7.094  1.00 53.73 ? 59  ARG A CA  1 
ATOM   456  C C   . ARG A 1 62  ? -20.758 -1.487  -8.014  1.00 53.94 ? 59  ARG A C   1 
ATOM   457  O O   . ARG A 1 62  ? -20.859 -2.217  -8.997  1.00 53.57 ? 59  ARG A O   1 
ATOM   458  C CB  . ARG A 1 62  ? -22.393 0.221   -7.133  1.00 53.95 ? 59  ARG A CB  1 
ATOM   459  C CG  . ARG A 1 62  ? -22.562 0.776   -8.492  1.00 56.07 ? 59  ARG A CG  1 
ATOM   460  C CD  . ARG A 1 62  ? -23.269 2.081   -8.353  1.00 59.39 ? 59  ARG A CD  1 
ATOM   461  N NE  . ARG A 1 62  ? -23.045 2.923   -9.516  1.00 62.88 ? 59  ARG A NE  1 
ATOM   462  C CZ  . ARG A 1 62  ? -24.022 3.466   -10.233 1.00 64.61 ? 59  ARG A CZ  1 
ATOM   463  N NH1 . ARG A 1 62  ? -25.289 3.248   -9.898  1.00 65.66 ? 59  ARG A NH1 1 
ATOM   464  N NH2 . ARG A 1 62  ? -23.733 4.234   -11.277 1.00 65.47 ? 59  ARG A NH2 1 
ATOM   465  N N   . GLN A 1 63  ? -19.616 -0.882  -7.687  1.00 54.54 ? 60  GLN A N   1 
ATOM   466  C CA  . GLN A 1 63  ? -18.404 -1.041  -8.486  1.00 54.40 ? 60  GLN A CA  1 
ATOM   467  C C   . GLN A 1 63  ? -17.930 -2.495  -8.567  1.00 54.54 ? 60  GLN A C   1 
ATOM   468  O O   . GLN A 1 63  ? -17.283 -2.891  -9.534  1.00 54.80 ? 60  GLN A O   1 
ATOM   469  C CB  . GLN A 1 63  ? -17.300 -0.167  -7.917  1.00 54.61 ? 60  GLN A CB  1 
ATOM   470  C CG  . GLN A 1 63  ? -17.702 1.281   -7.787  1.00 53.98 ? 60  GLN A CG  1 
ATOM   471  C CD  . GLN A 1 63  ? -16.601 2.135   -7.211  1.00 52.91 ? 60  GLN A CD  1 
ATOM   472  O OE1 . GLN A 1 63  ? -16.325 3.221   -7.718  1.00 54.05 ? 60  GLN A OE1 1 
ATOM   473  N NE2 . GLN A 1 63  ? -15.974 1.660   -6.135  1.00 49.79 ? 60  GLN A NE2 1 
ATOM   474  N N   . ALA A 1 64  ? -18.250 -3.294  -7.556  1.00 54.35 ? 61  ALA A N   1 
ATOM   475  C CA  . ALA A 1 64  ? -17.910 -4.707  -7.609  1.00 54.22 ? 61  ALA A CA  1 
ATOM   476  C C   . ALA A 1 64  ? -18.625 -5.445  -8.733  1.00 54.53 ? 61  ALA A C   1 
ATOM   477  O O   . ALA A 1 64  ? -18.156 -6.501  -9.142  1.00 55.12 ? 61  ALA A O   1 
ATOM   478  C CB  . ALA A 1 64  ? -18.161 -5.388  -6.282  1.00 53.78 ? 61  ALA A CB  1 
ATOM   479  N N   . GLU A 1 65  ? -19.744 -4.911  -9.231  1.00 54.28 ? 62  GLU A N   1 
ATOM   480  C CA  . GLU A 1 65  ? -20.460 -5.580  -10.318 1.00 54.55 ? 62  GLU A CA  1 
ATOM   481  C C   . GLU A 1 65  ? -20.076 -5.018  -11.658 1.00 54.54 ? 62  GLU A C   1 
ATOM   482  O O   . GLU A 1 65  ? -19.996 -5.753  -12.636 1.00 54.55 ? 62  GLU A O   1 
ATOM   483  C CB  . GLU A 1 65  ? -21.976 -5.437  -10.193 1.00 54.59 ? 62  GLU A CB  1 
ATOM   484  C CG  . GLU A 1 65  ? -22.427 -4.783  -8.937  1.00 55.74 ? 62  GLU A CG  1 
ATOM   485  C CD  . GLU A 1 65  ? -23.619 -5.477  -8.377  1.00 58.56 ? 62  GLU A CD  1 
ATOM   486  O OE1 . GLU A 1 65  ? -23.415 -6.595  -7.853  1.00 60.27 ? 62  GLU A OE1 1 
ATOM   487  O OE2 . GLU A 1 65  ? -24.756 -4.933  -8.467  1.00 59.62 ? 62  GLU A OE2 1 
ATOM   488  N N   . GLU A 1 66  ? -19.887 -3.705  -11.710 1.00 54.70 ? 63  GLU A N   1 
ATOM   489  C CA  . GLU A 1 66  ? -19.463 -3.051  -12.943 1.00 54.83 ? 63  GLU A CA  1 
ATOM   490  C C   . GLU A 1 66  ? -18.057 -3.504  -13.334 1.00 54.83 ? 63  GLU A C   1 
ATOM   491  O O   . GLU A 1 66  ? -17.653 -3.370  -14.481 1.00 54.81 ? 63  GLU A O   1 
ATOM   492  C CB  . GLU A 1 66  ? -19.483 -1.529  -12.781 1.00 55.05 ? 63  GLU A CB  1 
ATOM   493  C CG  . GLU A 1 66  ? -20.851 -0.915  -12.514 1.00 55.34 ? 63  GLU A CG  1 
ATOM   494  C CD  . GLU A 1 66  ? -20.744 0.402   -11.768 1.00 56.97 ? 63  GLU A CD  1 
ATOM   495  O OE1 . GLU A 1 66  ? -19.603 0.799   -11.430 1.00 59.48 ? 63  GLU A OE1 1 
ATOM   496  O OE2 . GLU A 1 66  ? -21.782 1.043   -11.510 1.00 56.27 ? 63  GLU A OE2 1 
ATOM   497  N N   . TRP A 1 67  ? -17.319 -4.055  -12.381 1.00 54.81 ? 64  TRP A N   1 
ATOM   498  C CA  . TRP A 1 67  ? -15.912 -4.365  -12.627 1.00 55.44 ? 64  TRP A CA  1 
ATOM   499  C C   . TRP A 1 67  ? -15.568 -5.852  -12.645 1.00 55.12 ? 64  TRP A C   1 
ATOM   500  O O   . TRP A 1 67  ? -14.437 -6.214  -12.950 1.00 55.13 ? 64  TRP A O   1 
ATOM   501  C CB  . TRP A 1 67  ? -15.001 -3.598  -11.639 1.00 55.77 ? 64  TRP A CB  1 
ATOM   502  C CG  . TRP A 1 67  ? -14.824 -2.162  -12.048 1.00 57.07 ? 64  TRP A CG  1 
ATOM   503  C CD1 . TRP A 1 67  ? -15.653 -1.112  -11.760 1.00 57.78 ? 64  TRP A CD1 1 
ATOM   504  C CD2 . TRP A 1 67  ? -13.792 -1.637  -12.883 1.00 58.07 ? 64  TRP A CD2 1 
ATOM   505  N NE1 . TRP A 1 67  ? -15.188 0.036   -12.348 1.00 57.50 ? 64  TRP A NE1 1 
ATOM   506  C CE2 . TRP A 1 67  ? -14.046 -0.257  -13.043 1.00 58.24 ? 64  TRP A CE2 1 
ATOM   507  C CE3 . TRP A 1 67  ? -12.667 -2.198  -13.497 1.00 57.26 ? 64  TRP A CE3 1 
ATOM   508  C CZ2 . TRP A 1 67  ? -13.214 0.572   -13.783 1.00 58.19 ? 64  TRP A CZ2 1 
ATOM   509  C CZ3 . TRP A 1 67  ? -11.848 -1.380  -14.230 1.00 58.02 ? 64  TRP A CZ3 1 
ATOM   510  C CH2 . TRP A 1 67  ? -12.121 -0.003  -14.368 1.00 58.39 ? 64  TRP A CH2 1 
ATOM   511  N N   . GLN A 1 68  ? -16.548 -6.704  -12.351 1.00 54.57 ? 65  GLN A N   1 
ATOM   512  C CA  . GLN A 1 68  ? -16.313 -8.139  -12.198 1.00 53.94 ? 65  GLN A CA  1 
ATOM   513  C C   . GLN A 1 68  ? -15.910 -8.813  -13.496 1.00 53.70 ? 65  GLN A C   1 
ATOM   514  O O   . GLN A 1 68  ? -15.437 -9.943  -13.497 1.00 53.69 ? 65  GLN A O   1 
ATOM   515  C CB  . GLN A 1 68  ? -17.585 -8.807  -11.714 1.00 53.72 ? 65  GLN A CB  1 
ATOM   516  C CG  . GLN A 1 68  ? -18.667 -8.726  -12.751 1.00 53.32 ? 65  GLN A CG  1 
ATOM   517  C CD  . GLN A 1 68  ? -19.970 -9.264  -12.262 1.00 52.38 ? 65  GLN A CD  1 
ATOM   518  O OE1 . GLN A 1 68  ? -20.072 -10.434 -11.927 1.00 52.76 ? 65  GLN A OE1 1 
ATOM   519  N NE2 . GLN A 1 68  ? -20.986 -8.417  -12.225 1.00 52.47 ? 65  GLN A NE2 1 
ATOM   520  N N   . TYR A 1 69  ? -16.115 -8.128  -14.605 1.00 53.45 ? 66  TYR A N   1 
ATOM   521  C CA  . TYR A 1 69  ? -15.986 -8.756  -15.904 1.00 53.50 ? 66  TYR A CA  1 
ATOM   522  C C   . TYR A 1 69  ? -14.656 -8.346  -16.540 1.00 53.43 ? 66  TYR A C   1 
ATOM   523  O O   . TYR A 1 69  ? -14.341 -8.756  -17.654 1.00 53.35 ? 66  TYR A O   1 
ATOM   524  C CB  . TYR A 1 69  ? -17.130 -8.250  -16.765 1.00 53.53 ? 66  TYR A CB  1 
ATOM   525  C CG  . TYR A 1 69  ? -17.908 -9.266  -17.552 1.00 53.48 ? 66  TYR A CG  1 
ATOM   526  C CD1 . TYR A 1 69  ? -17.970 -9.171  -18.951 1.00 55.16 ? 66  TYR A CD1 1 
ATOM   527  C CD2 . TYR A 1 69  ? -18.639 -10.276 -16.922 1.00 53.02 ? 66  TYR A CD2 1 
ATOM   528  C CE1 . TYR A 1 69  ? -18.718 -10.077 -19.727 1.00 53.79 ? 66  TYR A CE1 1 
ATOM   529  C CE2 . TYR A 1 69  ? -19.392 -11.191 -17.688 1.00 53.23 ? 66  TYR A CE2 1 
ATOM   530  C CZ  . TYR A 1 69  ? -19.417 -11.076 -19.092 1.00 52.68 ? 66  TYR A CZ  1 
ATOM   531  O OH  . TYR A 1 69  ? -20.129 -11.937 -19.874 1.00 50.92 ? 66  TYR A OH  1 
ATOM   532  N N   . ARG A 1 70  ? -13.870 -7.545  -15.827 1.00 53.37 ? 67  ARG A N   1 
ATOM   533  C CA  . ARG A 1 70  ? -12.725 -6.876  -16.450 1.00 53.36 ? 67  ARG A CA  1 
ATOM   534  C C   . ARG A 1 70  ? -11.319 -7.386  -16.103 1.00 53.50 ? 67  ARG A C   1 
ATOM   535  O O   . ARG A 1 70  ? -10.423 -6.603  -15.823 1.00 53.26 ? 67  ARG A O   1 
ATOM   536  C CB  . ARG A 1 70  ? -12.809 -5.378  -16.197 1.00 53.15 ? 67  ARG A CB  1 
ATOM   537  C CG  . ARG A 1 70  ? -13.858 -4.690  -17.020 1.00 52.40 ? 67  ARG A CG  1 
ATOM   538  C CD  . ARG A 1 70  ? -14.477 -3.621  -16.197 1.00 52.37 ? 67  ARG A CD  1 
ATOM   539  N NE  . ARG A 1 70  ? -15.029 -2.520  -16.982 1.00 53.96 ? 67  ARG A NE  1 
ATOM   540  C CZ  . ARG A 1 70  ? -14.309 -1.554  -17.556 1.00 54.95 ? 67  ARG A CZ  1 
ATOM   541  N NH1 . ARG A 1 70  ? -12.977 -1.549  -17.496 1.00 54.92 ? 67  ARG A NH1 1 
ATOM   542  N NH2 . ARG A 1 70  ? -14.931 -0.590  -18.220 1.00 55.53 ? 67  ARG A NH2 1 
ATOM   543  N N   . GLN A 1 71  ? -11.111 -8.683  -16.222 1.00 53.86 ? 68  GLN A N   1 
ATOM   544  C CA  . GLN A 1 71  ? -9.832  -9.260  -15.860 1.00 54.28 ? 68  GLN A CA  1 
ATOM   545  C C   . GLN A 1 71  ? -8.675  -8.667  -16.656 1.00 55.28 ? 68  GLN A C   1 
ATOM   546  O O   . GLN A 1 71  ? -7.569  -8.533  -16.131 1.00 55.18 ? 68  GLN A O   1 
ATOM   547  C CB  . GLN A 1 71  ? -9.865  -10.780 -16.036 1.00 53.87 ? 68  GLN A CB  1 
ATOM   548  C CG  . GLN A 1 71  ? -8.564  -11.475 -15.666 1.00 53.22 ? 68  GLN A CG  1 
ATOM   549  C CD  . GLN A 1 71  ? -8.636  -12.978 -15.847 1.00 51.88 ? 68  GLN A CD  1 
ATOM   550  O OE1 . GLN A 1 71  ? -9.662  -13.518 -16.261 1.00 53.02 ? 68  GLN A OE1 1 
ATOM   551  N NE2 . GLN A 1 71  ? -7.542  -13.665 -15.533 1.00 52.83 ? 68  GLN A NE2 1 
ATOM   552  N N   . GLY A 1 72  ? -8.902  -8.340  -17.925 1.00 56.19 ? 69  GLY A N   1 
ATOM   553  C CA  . GLY A 1 72  ? -7.785  -7.905  -18.778 1.00 57.35 ? 69  GLY A CA  1 
ATOM   554  C C   . GLY A 1 72  ? -7.320  -6.449  -18.710 1.00 58.03 ? 69  GLY A C   1 
ATOM   555  O O   . GLY A 1 72  ? -6.491  -6.027  -19.517 1.00 58.14 ? 69  GLY A O   1 
ATOM   556  N N   . ASP A 1 73  ? -7.810  -5.684  -17.737 1.00 58.64 ? 70  ASP A N   1 
ATOM   557  C CA  . ASP A 1 73  ? -7.764  -4.222  -17.827 1.00 59.11 ? 70  ASP A CA  1 
ATOM   558  C C   . ASP A 1 73  ? -6.800  -3.513  -16.883 1.00 59.31 ? 70  ASP A C   1 
ATOM   559  O O   . ASP A 1 73  ? -6.420  -4.045  -15.847 1.00 59.80 ? 70  ASP A O   1 
ATOM   560  C CB  . ASP A 1 73  ? -9.167  -3.647  -17.604 1.00 59.12 ? 70  ASP A CB  1 
ATOM   561  C CG  . ASP A 1 73  ? -10.113 -3.957  -18.732 1.00 59.61 ? 70  ASP A CG  1 
ATOM   562  O OD1 . ASP A 1 73  ? -9.643  -4.128  -19.879 1.00 60.89 ? 70  ASP A OD1 1 
ATOM   563  O OD2 . ASP A 1 73  ? -11.334 -4.015  -18.468 1.00 60.48 ? 70  ASP A OD2 1 
ATOM   564  N N   . CYS A 1 74  ? -6.455  -2.278  -17.239 1.00 59.47 ? 71  CYS A N   1 
ATOM   565  C CA  . CYS A 1 74  ? -5.601  -1.431  -16.418 1.00 59.96 ? 71  CYS A CA  1 
ATOM   566  C C   . CYS A 1 74  ? -6.398  -0.338  -15.694 1.00 59.75 ? 71  CYS A C   1 
ATOM   567  O O   . CYS A 1 74  ? -7.088  0.459   -16.314 1.00 60.10 ? 71  CYS A O   1 
ATOM   568  C CB  . CYS A 1 74  ? -4.505  -0.797  -17.281 1.00 59.76 ? 71  CYS A CB  1 
ATOM   569  S SG  . CYS A 1 74  ? -3.384  0.231   -16.318 1.00 62.67 ? 71  CYS A SG  1 
ATOM   570  N N   . ALA A 1 75  ? -6.294  -0.282  -14.376 1.00 59.80 ? 72  ALA A N   1 
ATOM   571  C CA  . ALA A 1 75  ? -7.143  0.626   -13.613 1.00 59.73 ? 72  ALA A CA  1 
ATOM   572  C C   . ALA A 1 75  ? -6.356  1.551   -12.672 1.00 60.01 ? 72  ALA A C   1 
ATOM   573  O O   . ALA A 1 75  ? -5.288  1.184   -12.198 1.00 60.20 ? 72  ALA A O   1 
ATOM   574  C CB  . ALA A 1 75  ? -8.155  -0.182  -12.826 1.00 59.04 ? 72  ALA A CB  1 
ATOM   575  N N   . THR A 1 76  ? -6.863  2.755   -12.415 1.00 60.27 ? 73  THR A N   1 
ATOM   576  C CA  . THR A 1 76  ? -6.405  3.501   -11.255 1.00 60.48 ? 73  THR A CA  1 
ATOM   577  C C   . THR A 1 76  ? -7.314  3.128   -10.115 1.00 60.18 ? 73  THR A C   1 
ATOM   578  O O   . THR A 1 76  ? -8.512  2.987   -10.284 1.00 60.13 ? 73  THR A O   1 
ATOM   579  C CB  . THR A 1 76  ? -6.507  5.017   -11.403 1.00 60.79 ? 73  THR A CB  1 
ATOM   580  O OG1 . THR A 1 76  ? -5.945  5.422   -12.653 1.00 61.80 ? 73  THR A OG1 1 
ATOM   581  C CG2 . THR A 1 76  ? -5.758  5.702   -10.242 1.00 60.12 ? 73  THR A CG2 1 
ATOM   582  N N   . VAL A 1 77  ? -6.732  3.004   -8.943  1.00 60.37 ? 74  VAL A N   1 
ATOM   583  C CA  . VAL A 1 77  ? -7.449  2.518   -7.792  1.00 60.52 ? 74  VAL A CA  1 
ATOM   584  C C   . VAL A 1 77  ? -7.086  3.385   -6.604  1.00 60.53 ? 74  VAL A C   1 
ATOM   585  O O   . VAL A 1 77  ? -5.932  3.787   -6.448  1.00 61.40 ? 74  VAL A O   1 
ATOM   586  C CB  . VAL A 1 77  ? -7.068  1.051   -7.498  1.00 60.43 ? 74  VAL A CB  1 
ATOM   587  C CG1 . VAL A 1 77  ? -7.638  0.629   -6.191  1.00 62.05 ? 74  VAL A CG1 1 
ATOM   588  C CG2 . VAL A 1 77  ? -7.603  0.146   -8.574  1.00 59.93 ? 74  VAL A CG2 1 
ATOM   589  N N   . GLU A 1 78  ? -8.069  3.671   -5.767  1.00 60.45 ? 75  GLU A N   1 
ATOM   590  C CA  . GLU A 1 78  ? -7.866  4.484   -4.582  1.00 60.71 ? 75  GLU A CA  1 
ATOM   591  C C   . GLU A 1 78  ? -8.484  3.742   -3.404  1.00 60.03 ? 75  GLU A C   1 
ATOM   592  O O   . GLU A 1 78  ? -9.602  3.239   -3.499  1.00 59.94 ? 75  GLU A O   1 
ATOM   593  C CB  . GLU A 1 78  ? -8.531  5.847   -4.784  1.00 61.22 ? 75  GLU A CB  1 
ATOM   594  C CG  . GLU A 1 78  ? -8.086  6.934   -3.829  1.00 65.36 ? 75  GLU A CG  1 
ATOM   595  C CD  . GLU A 1 78  ? -8.583  8.328   -4.258  1.00 70.22 ? 75  GLU A CD  1 
ATOM   596  O OE1 . GLU A 1 78  ? -8.024  9.348   -3.776  1.00 72.09 ? 75  GLU A OE1 1 
ATOM   597  O OE2 . GLU A 1 78  ? -9.529  8.402   -5.081  1.00 71.91 ? 75  GLU A OE2 1 
ATOM   598  N N   . GLY A 1 79  ? -7.753  3.636   -2.301  1.00 59.38 ? 76  GLY A N   1 
ATOM   599  C CA  . GLY A 1 79  ? -8.319  2.992   -1.117  1.00 58.49 ? 76  GLY A CA  1 
ATOM   600  C C   . GLY A 1 79  ? -7.437  3.012   0.111   1.00 57.50 ? 76  GLY A C   1 
ATOM   601  O O   . GLY A 1 79  ? -6.661  3.929   0.293   1.00 56.97 ? 76  GLY A O   1 
ATOM   602  N N   . PHE A 1 80  ? -7.572  1.984   0.946   1.00 57.03 ? 77  PHE A N   1 
ATOM   603  C CA  . PHE A 1 80  ? -6.704  1.802   2.096   1.00 57.00 ? 77  PHE A CA  1 
ATOM   604  C C   . PHE A 1 80  ? -6.183  0.364   2.253   1.00 57.19 ? 77  PHE A C   1 
ATOM   605  O O   . PHE A 1 80  ? -6.769  -0.584  1.762   1.00 56.91 ? 77  PHE A O   1 
ATOM   606  C CB  . PHE A 1 80  ? -7.384  2.288   3.381   1.00 56.32 ? 77  PHE A CB  1 
ATOM   607  C CG  . PHE A 1 80  ? -8.646  1.534   3.740   1.00 56.89 ? 77  PHE A CG  1 
ATOM   608  C CD1 . PHE A 1 80  ? -8.582  0.275   4.333   1.00 56.52 ? 77  PHE A CD1 1 
ATOM   609  C CD2 . PHE A 1 80  ? -9.898  2.090   3.511   1.00 55.41 ? 77  PHE A CD2 1 
ATOM   610  C CE1 . PHE A 1 80  ? -9.751  -0.420  4.683   1.00 55.18 ? 77  PHE A CE1 1 
ATOM   611  C CE2 . PHE A 1 80  ? -11.055 1.397   3.853   1.00 55.96 ? 77  PHE A CE2 1 
ATOM   612  C CZ  . PHE A 1 80  ? -10.976 0.140   4.443   1.00 55.21 ? 77  PHE A CZ  1 
ATOM   613  N N   . LEU A 1 81  ? -5.067  0.232   2.958   1.00 58.16 ? 78  LEU A N   1 
ATOM   614  C CA  . LEU A 1 81  ? -4.378  -1.035  3.160   1.00 58.77 ? 78  LEU A CA  1 
ATOM   615  C C   . LEU A 1 81  ? -4.801  -1.705  4.442   1.00 59.44 ? 78  LEU A C   1 
ATOM   616  O O   . LEU A 1 81  ? -4.994  -1.039  5.455   1.00 59.65 ? 78  LEU A O   1 
ATOM   617  C CB  . LEU A 1 81  ? -2.885  -0.777  3.238   1.00 58.37 ? 78  LEU A CB  1 
ATOM   618  C CG  . LEU A 1 81  ? -2.240  -0.641  1.874   1.00 58.99 ? 78  LEU A CG  1 
ATOM   619  C CD1 . LEU A 1 81  ? -0.818  -0.056  1.980   1.00 59.87 ? 78  LEU A CD1 1 
ATOM   620  C CD2 . LEU A 1 81  ? -2.236  -2.014  1.218   1.00 60.26 ? 78  LEU A CD2 1 
ATOM   621  N N   . ALA A 1 82  ? -4.901  -3.027  4.415   1.00 60.59 ? 79  ALA A N   1 
ATOM   622  C CA  . ALA A 1 82  ? -5.391  -3.784  5.579   1.00 62.06 ? 79  ALA A CA  1 
ATOM   623  C C   . ALA A 1 82  ? -4.945  -5.225  5.489   1.00 63.08 ? 79  ALA A C   1 
ATOM   624  O O   . ALA A 1 82  ? -4.594  -5.698  4.424   1.00 63.05 ? 79  ALA A O   1 
ATOM   625  C CB  . ALA A 1 82  ? -6.918  -3.707  5.671   1.00 61.37 ? 79  ALA A CB  1 
ATOM   626  N N   . GLN A 1 83  ? -4.940  -5.929  6.603   1.00 65.24 ? 80  GLN A N   1 
ATOM   627  C CA  . GLN A 1 83  ? -4.565  -7.322  6.544   1.00 67.87 ? 80  GLN A CA  1 
ATOM   628  C C   . GLN A 1 83  ? -5.776  -8.198  6.369   1.00 69.67 ? 80  GLN A C   1 
ATOM   629  O O   . GLN A 1 83  ? -6.606  -8.282  7.265   1.00 70.17 ? 80  GLN A O   1 
ATOM   630  C CB  . GLN A 1 83  ? -3.792  -7.715  7.784   1.00 67.63 ? 80  GLN A CB  1 
ATOM   631  C CG  . GLN A 1 83  ? -2.515  -6.917  7.873   1.00 68.91 ? 80  GLN A CG  1 
ATOM   632  C CD  . GLN A 1 83  ? -1.437  -7.646  8.599   1.00 69.40 ? 80  GLN A CD  1 
ATOM   633  O OE1 . GLN A 1 83  ? -1.493  -7.798  9.820   1.00 71.40 ? 80  GLN A OE1 1 
ATOM   634  N NE2 . GLN A 1 83  ? -0.445  -8.117  7.858   1.00 68.56 ? 80  GLN A NE2 1 
ATOM   635  N N   . LYS A 1 84  ? -5.883  -8.832  5.204   1.00 71.96 ? 81  LYS A N   1 
ATOM   636  C CA  . LYS A 1 84  ? -6.876  -9.886  4.978   1.00 74.30 ? 81  LYS A CA  1 
ATOM   637  C C   . LYS A 1 84  ? -6.921  -10.881 6.155   1.00 75.61 ? 81  LYS A C   1 
ATOM   638  O O   . LYS A 1 84  ? -6.037  -11.725 6.306   1.00 75.92 ? 81  LYS A O   1 
ATOM   639  C CB  . LYS A 1 84  ? -6.572  -10.608 3.655   1.00 74.37 ? 81  LYS A CB  1 
ATOM   640  C CG  . LYS A 1 84  ? -6.949  -12.094 3.618   1.00 74.79 ? 81  LYS A CG  1 
ATOM   641  C CD  . LYS A 1 84  ? -8.398  -12.340 3.208   1.00 74.87 ? 81  LYS A CD  1 
ATOM   642  C CE  . LYS A 1 84  ? -8.655  -13.835 3.043   1.00 75.43 ? 81  LYS A CE  1 
ATOM   643  N NZ  . LYS A 1 84  ? -10.053 -14.206 3.406   1.00 75.93 ? 81  LYS A NZ  1 
ATOM   644  N N   . SER A 1 85  ? -7.939  -10.763 6.996   1.00 77.44 ? 82  SER A N   1 
ATOM   645  C CA  . SER A 1 85  ? -8.086  -11.650 8.157   1.00 79.56 ? 82  SER A CA  1 
ATOM   646  C C   . SER A 1 85  ? -7.104  -11.376 9.299   1.00 80.84 ? 82  SER A C   1 
ATOM   647  O O   . SER A 1 85  ? -5.884  -11.495 9.129   1.00 81.10 ? 82  SER A O   1 
ATOM   648  C CB  . SER A 1 85  ? -7.985  -13.116 7.735   1.00 79.42 ? 82  SER A CB  1 
ATOM   649  O OG  . SER A 1 85  ? -9.244  -13.585 7.291   1.00 79.93 ? 82  SER A OG  1 
ATOM   650  N N   . ARG A 1 86  ? -7.650  -11.019 10.461  1.00 82.38 ? 83  ARG A N   1 
ATOM   651  C CA  . ARG A 1 86  ? -6.856  -10.897 11.682  1.00 83.76 ? 83  ARG A CA  1 
ATOM   652  C C   . ARG A 1 86  ? -5.928  -12.110 11.793  1.00 84.38 ? 83  ARG A C   1 
ATOM   653  O O   . ARG A 1 86  ? -6.338  -13.241 11.517  1.00 84.51 ? 83  ARG A O   1 
ATOM   654  C CB  . ARG A 1 86  ? -7.775  -10.802 12.912  1.00 83.94 ? 83  ARG A CB  1 
ATOM   655  C CG  . ARG A 1 86  ? -7.054  -10.792 14.264  1.00 84.96 ? 83  ARG A CG  1 
ATOM   656  C CD  . ARG A 1 86  ? -6.041  -9.638  14.369  1.00 87.15 ? 83  ARG A CD  1 
ATOM   657  N NE  . ARG A 1 86  ? -5.404  -9.549  15.694  1.00 88.27 ? 83  ARG A NE  1 
ATOM   658  C CZ  . ARG A 1 86  ? -4.178  -9.990  15.984  1.00 88.67 ? 83  ARG A CZ  1 
ATOM   659  N NH1 . ARG A 1 86  ? -3.429  -10.562 15.053  1.00 89.50 ? 83  ARG A NH1 1 
ATOM   660  N NH2 . ARG A 1 86  ? -3.692  -9.859  17.212  1.00 88.23 ? 83  ARG A NH2 1 
ATOM   661  N N   . ARG A 1 87  ? -4.673  -11.867 12.177  1.00 85.15 ? 84  ARG A N   1 
ATOM   662  C CA  . ARG A 1 87  ? -3.672  -12.940 12.326  1.00 85.68 ? 84  ARG A CA  1 
ATOM   663  C C   . ARG A 1 87  ? -3.180  -13.462 10.961  1.00 85.76 ? 84  ARG A C   1 
ATOM   664  O O   . ARG A 1 87  ? -3.011  -14.674 10.778  1.00 85.84 ? 84  ARG A O   1 
ATOM   665  C CB  . ARG A 1 87  ? -4.239  -14.087 13.183  1.00 85.80 ? 84  ARG A CB  1 
ATOM   666  C CG  . ARG A 1 87  ? -3.226  -15.168 13.560  1.00 86.64 ? 84  ARG A CG  1 
ATOM   667  C CD  . ARG A 1 87  ? -2.011  -14.577 14.270  1.00 87.89 ? 84  ARG A CD  1 
ATOM   668  N NE  . ARG A 1 87  ? -0.800  -15.352 14.002  1.00 88.83 ? 84  ARG A NE  1 
ATOM   669  C CZ  . ARG A 1 87  ? -0.039  -15.202 12.919  1.00 89.45 ? 84  ARG A CZ  1 
ATOM   670  N NH1 . ARG A 1 87  ? -0.355  -14.301 11.992  1.00 89.63 ? 84  ARG A NH1 1 
ATOM   671  N NH2 . ARG A 1 87  ? 1.040   -15.954 12.759  1.00 89.57 ? 84  ARG A NH2 1 
ATOM   672  N N   . SER A 1 88  ? -2.933  -12.540 10.023  1.00 85.61 ? 85  SER A N   1 
ATOM   673  C CA  . SER A 1 88  ? -2.715  -12.897 8.614   1.00 85.26 ? 85  SER A CA  1 
ATOM   674  C C   . SER A 1 88  ? -1.347  -12.510 8.042   1.00 85.01 ? 85  SER A C   1 
ATOM   675  O O   . SER A 1 88  ? -0.909  -13.062 7.030   1.00 85.07 ? 85  SER A O   1 
ATOM   676  C CB  . SER A 1 88  ? -3.824  -12.292 7.752   1.00 85.11 ? 85  SER A CB  1 
ATOM   677  O OG  . SER A 1 88  ? -3.529  -12.464 6.381   1.00 85.37 ? 85  SER A OG  1 
ATOM   678  N N   . LEU A 1 89  ? -0.691  -11.546 8.679   1.00 84.64 ? 86  LEU A N   1 
ATOM   679  C CA  . LEU A 1 89  ? 0.646   -11.104 8.280   1.00 84.16 ? 86  LEU A CA  1 
ATOM   680  C C   . LEU A 1 89  ? 0.744   -10.712 6.791   1.00 83.73 ? 86  LEU A C   1 
ATOM   681  O O   . LEU A 1 89  ? 1.848   -10.506 6.268   1.00 83.94 ? 86  LEU A O   1 
ATOM   682  C CB  . LEU A 1 89  ? 1.693   -12.182 8.606   1.00 84.28 ? 86  LEU A CB  1 
ATOM   683  C CG  . LEU A 1 89  ? 1.613   -12.824 10.008  1.00 85.11 ? 86  LEU A CG  1 
ATOM   684  C CD1 . LEU A 1 89  ? 2.812   -13.738 10.314  1.00 84.68 ? 86  LEU A CD1 1 
ATOM   685  C CD2 . LEU A 1 89  ? 1.446   -11.778 11.115  1.00 85.19 ? 86  LEU A CD2 1 
ATOM   686  N N   . MET A 1 90  ? -0.404  -10.580 6.124   1.00 82.61 ? 87  MET A N   1 
ATOM   687  C CA  . MET A 1 90  ? -0.437  -10.272 4.689   1.00 81.52 ? 87  MET A CA  1 
ATOM   688  C C   . MET A 1 90  ? -1.410  -9.121  4.378   1.00 79.85 ? 87  MET A C   1 
ATOM   689  O O   . MET A 1 90  ? -2.592  -9.191  4.743   1.00 80.02 ? 87  MET A O   1 
ATOM   690  C CB  . MET A 1 90  ? -0.803  -11.510 3.857   1.00 82.13 ? 87  MET A CB  1 
ATOM   691  C CG  . MET A 1 90  ? -0.994  -11.227 2.361   1.00 84.79 ? 87  MET A CG  1 
ATOM   692  S SD  . MET A 1 90  ? 0.523   -10.665 1.517   1.00 91.28 ? 87  MET A SD  1 
ATOM   693  C CE  . MET A 1 90  ? -0.035  -10.408 -0.177  1.00 89.44 ? 87  MET A CE  1 
ATOM   694  N N   . PRO A 1 91  ? -0.920  -8.058  3.699   1.00 77.94 ? 88  PRO A N   1 
ATOM   695  C CA  . PRO A 1 91  ? -1.755  -6.902  3.454   1.00 75.96 ? 88  PRO A CA  1 
ATOM   696  C C   . PRO A 1 91  ? -2.578  -7.030  2.185   1.00 74.11 ? 88  PRO A C   1 
ATOM   697  O O   . PRO A 1 91  ? -2.233  -7.765  1.274   1.00 73.76 ? 88  PRO A O   1 
ATOM   698  C CB  . PRO A 1 91  ? -0.742  -5.755  3.313   1.00 75.83 ? 88  PRO A CB  1 
ATOM   699  C CG  . PRO A 1 91  ? 0.604   -6.361  3.379   1.00 76.48 ? 88  PRO A CG  1 
ATOM   700  C CD  . PRO A 1 91  ? 0.446   -7.827  3.205   1.00 77.91 ? 88  PRO A CD  1 
ATOM   701  N N   . MET A 1 92  ? -3.664  -6.287  2.139   1.00 72.29 ? 89  MET A N   1 
ATOM   702  C CA  . MET A 1 92  ? -4.555  -6.311  1.008   1.00 70.69 ? 89  MET A CA  1 
ATOM   703  C C   . MET A 1 92  ? -5.087  -4.907  0.748   1.00 68.76 ? 89  MET A C   1 
ATOM   704  O O   . MET A 1 92  ? -5.140  -4.085  1.649   1.00 68.59 ? 89  MET A O   1 
ATOM   705  C CB  . MET A 1 92  ? -5.697  -7.253  1.306   1.00 71.00 ? 89  MET A CB  1 
ATOM   706  C CG  . MET A 1 92  ? -6.961  -6.872  0.630   1.00 72.99 ? 89  MET A CG  1 
ATOM   707  S SD  . MET A 1 92  ? -8.359  -7.648  1.449   1.00 78.40 ? 89  MET A SD  1 
ATOM   708  C CE  . MET A 1 92  ? -8.194  -6.980  3.115   1.00 78.49 ? 89  MET A CE  1 
ATOM   709  N N   . LEU A 1 93  ? -5.453  -4.620  -0.491  1.00 66.56 ? 90  LEU A N   1 
ATOM   710  C CA  . LEU A 1 93  ? -6.004  -3.318  -0.808  1.00 64.99 ? 90  LEU A CA  1 
ATOM   711  C C   . LEU A 1 93  ? -7.555  -3.308  -0.877  1.00 64.04 ? 90  LEU A C   1 
ATOM   712  O O   . LEU A 1 93  ? -8.175  -4.056  -1.639  1.00 63.86 ? 90  LEU A O   1 
ATOM   713  C CB  . LEU A 1 93  ? -5.384  -2.805  -2.099  1.00 64.95 ? 90  LEU A CB  1 
ATOM   714  C CG  . LEU A 1 93  ? -5.858  -1.434  -2.572  1.00 65.56 ? 90  LEU A CG  1 
ATOM   715  C CD1 . LEU A 1 93  ? -5.758  -0.383  -1.476  1.00 65.62 ? 90  LEU A CD1 1 
ATOM   716  C CD2 . LEU A 1 93  ? -5.047  -1.028  -3.749  1.00 65.03 ? 90  LEU A CD2 1 
ATOM   717  N N   . ARG A 1 94  ? -8.170  -2.465  -0.056  1.00 62.62 ? 91  ARG A N   1 
ATOM   718  C CA  . ARG A 1 94  ? -9.617  -2.312  -0.030  1.00 61.13 ? 91  ARG A CA  1 
ATOM   719  C C   . ARG A 1 94  ? -10.012 -1.077  -0.802  1.00 60.92 ? 91  ARG A C   1 
ATOM   720  O O   . ARG A 1 94  ? -9.988  0.042   -0.284  1.00 60.56 ? 91  ARG A O   1 
ATOM   721  C CB  . ARG A 1 94  ? -10.088 -2.143  1.392   1.00 60.68 ? 91  ARG A CB  1 
ATOM   722  C CG  . ARG A 1 94  ? -9.613  -3.241  2.270   1.00 59.40 ? 91  ARG A CG  1 
ATOM   723  C CD  . ARG A 1 94  ? -10.727 -4.180  2.615   1.00 55.04 ? 91  ARG A CD  1 
ATOM   724  N NE  . ARG A 1 94  ? -10.570 -4.595  3.994   1.00 55.04 ? 91  ARG A NE  1 
ATOM   725  C CZ  . ARG A 1 94  ? -11.305 -4.143  5.004   1.00 55.14 ? 91  ARG A CZ  1 
ATOM   726  N NH1 . ARG A 1 94  ? -12.298 -3.292  4.798   1.00 53.84 ? 91  ARG A NH1 1 
ATOM   727  N NH2 . ARG A 1 94  ? -11.057 -4.579  6.222   1.00 56.41 ? 91  ARG A NH2 1 
ATOM   728  N N   . ILE A 1 95  ? -10.393 -1.314  -2.046  1.00 60.54 ? 92  ILE A N   1 
ATOM   729  C CA  . ILE A 1 95  ? -10.714 -0.284  -3.009  1.00 60.24 ? 92  ILE A CA  1 
ATOM   730  C C   . ILE A 1 95  ? -12.015 0.458   -2.688  1.00 60.09 ? 92  ILE A C   1 
ATOM   731  O O   . ILE A 1 95  ? -13.038 -0.171  -2.486  1.00 59.46 ? 92  ILE A O   1 
ATOM   732  C CB  . ILE A 1 95  ? -10.801 -0.934  -4.391  1.00 59.87 ? 92  ILE A CB  1 
ATOM   733  C CG1 . ILE A 1 95  ? -9.491  -1.671  -4.667  1.00 59.43 ? 92  ILE A CG1 1 
ATOM   734  C CG2 . ILE A 1 95  ? -11.150 0.090   -5.462  1.00 60.41 ? 92  ILE A CG2 1 
ATOM   735  C CD1 . ILE A 1 95  ? -9.567  -2.727  -5.730  1.00 58.72 ? 92  ILE A CD1 1 
ATOM   736  N N   . GLN A 1 96  ? -11.933 1.792   -2.625  1.00 60.30 ? 93  GLN A N   1 
ATOM   737  C CA  . GLN A 1 96  ? -13.068 2.677   -2.407  1.00 60.64 ? 93  GLN A CA  1 
ATOM   738  C C   . GLN A 1 96  ? -13.515 3.252   -3.738  1.00 60.62 ? 93  GLN A C   1 
ATOM   739  O O   . GLN A 1 96  ? -14.692 3.551   -3.955  1.00 61.07 ? 93  GLN A O   1 
ATOM   740  C CB  . GLN A 1 96  ? -12.679 3.839   -1.492  1.00 61.11 ? 93  GLN A CB  1 
ATOM   741  C CG  . GLN A 1 96  ? -12.327 3.435   -0.082  1.00 63.77 ? 93  GLN A CG  1 
ATOM   742  C CD  . GLN A 1 96  ? -12.932 2.098   0.268   1.00 68.84 ? 93  GLN A CD  1 
ATOM   743  O OE1 . GLN A 1 96  ? -13.804 2.000   1.130   1.00 70.75 ? 93  GLN A OE1 1 
ATOM   744  N NE2 . GLN A 1 96  ? -12.487 1.050   -0.427  1.00 71.95 ? 93  GLN A NE2 1 
ATOM   745  N N   . ASN A 1 97  ? -12.572 3.422   -4.643  1.00 60.22 ? 94  ASN A N   1 
ATOM   746  C CA  . ASN A 1 97  ? -12.927 3.914   -5.936  1.00 60.19 ? 94  ASN A CA  1 
ATOM   747  C C   . ASN A 1 97  ? -12.029 3.309   -6.997  1.00 59.97 ? 94  ASN A C   1 
ATOM   748  O O   . ASN A 1 97  ? -10.877 3.034   -6.733  1.00 59.77 ? 94  ASN A O   1 
ATOM   749  C CB  . ASN A 1 97  ? -12.859 5.440   -5.963  1.00 60.30 ? 94  ASN A CB  1 
ATOM   750  C CG  . ASN A 1 97  ? -13.431 6.003   -7.240  1.00 60.75 ? 94  ASN A CG  1 
ATOM   751  O OD1 . ASN A 1 97  ? -14.645 5.985   -7.444  1.00 62.56 ? 94  ASN A OD1 1 
ATOM   752  N ND2 . ASN A 1 97  ? -12.564 6.470   -8.127  1.00 60.98 ? 94  ASN A ND2 1 
ATOM   753  N N   . ILE A 1 98  ? -12.552 3.110   -8.202  1.00 60.05 ? 95  ILE A N   1 
ATOM   754  C CA  . ILE A 1 98  ? -11.781 2.446   -9.251  1.00 60.00 ? 95  ILE A CA  1 
ATOM   755  C C   . ILE A 1 98  ? -12.150 2.946   -10.661 1.00 60.07 ? 95  ILE A C   1 
ATOM   756  O O   . ILE A 1 98  ? -13.237 2.682   -11.147 1.00 60.24 ? 95  ILE A O   1 
ATOM   757  C CB  . ILE A 1 98  ? -11.930 0.901   -9.129  1.00 60.13 ? 95  ILE A CB  1 
ATOM   758  C CG1 . ILE A 1 98  ? -11.317 0.194   -10.332 1.00 59.85 ? 95  ILE A CG1 1 
ATOM   759  C CG2 . ILE A 1 98  ? -13.396 0.501   -8.989  1.00 59.51 ? 95  ILE A CG2 1 
ATOM   760  C CD1 . ILE A 1 98  ? -11.346 -1.292  -10.191 1.00 59.27 ? 95  ILE A CD1 1 
ATOM   761  N N   . LYS A 1 99  ? -11.242 3.685   -11.301 1.00 60.07 ? 96  LYS A N   1 
ATOM   762  C CA  . LYS A 1 99  ? -11.482 4.261   -12.627 1.00 59.74 ? 96  LYS A CA  1 
ATOM   763  C C   . LYS A 1 99  ? -10.730 3.370   -13.585 1.00 59.60 ? 96  LYS A C   1 
ATOM   764  O O   . LYS A 1 99  ? -9.962  2.543   -13.149 1.00 59.44 ? 96  LYS A O   1 
ATOM   765  C CB  . LYS A 1 99  ? -10.888 5.674   -12.712 1.00 59.77 ? 96  LYS A CB  1 
ATOM   766  C CG  . LYS A 1 99  ? -11.312 6.633   -11.621 1.00 60.44 ? 96  LYS A CG  1 
ATOM   767  C CD  . LYS A 1 99  ? -12.571 7.367   -12.072 1.00 64.45 ? 96  LYS A CD  1 
ATOM   768  C CE  . LYS A 1 99  ? -13.486 7.777   -10.918 1.00 65.36 ? 96  LYS A CE  1 
ATOM   769  N NZ  . LYS A 1 99  ? -12.939 8.907   -10.119 1.00 66.00 ? 96  LYS A NZ  1 
ATOM   770  N N   . GLU A 1 100 ? -10.931 3.545   -14.887 1.00 59.87 ? 97  GLU A N   1 
ATOM   771  C CA  . GLU A 1 100 ? -9.991  3.014   -15.881 1.00 60.09 ? 97  GLU A CA  1 
ATOM   772  C C   . GLU A 1 100 ? -8.824  3.984   -15.982 1.00 59.86 ? 97  GLU A C   1 
ATOM   773  O O   . GLU A 1 100 ? -9.041  5.167   -16.219 1.00 59.47 ? 97  GLU A O   1 
ATOM   774  C CB  . GLU A 1 100 ? -10.630 2.931   -17.267 1.00 60.01 ? 97  GLU A CB  1 
ATOM   775  C CG  . GLU A 1 100 ? -11.501 1.735   -17.511 1.00 61.49 ? 97  GLU A CG  1 
ATOM   776  C CD  . GLU A 1 100 ? -12.557 2.030   -18.564 1.00 64.52 ? 97  GLU A CD  1 
ATOM   777  O OE1 . GLU A 1 100 ? -12.192 2.584   -19.625 1.00 65.74 ? 97  GLU A OE1 1 
ATOM   778  O OE2 . GLU A 1 100 ? -13.753 1.729   -18.330 1.00 65.09 ? 97  GLU A OE2 1 
ATOM   779  N N   . TYR A 1 101 ? -7.595  3.493   -15.832 1.00 59.96 ? 98  TYR A N   1 
ATOM   780  C CA  . TYR A 1 101 ? -6.420  4.366   -15.946 1.00 60.07 ? 98  TYR A CA  1 
ATOM   781  C C   . TYR A 1 101 ? -6.402  5.175   -17.234 1.00 60.41 ? 98  TYR A C   1 
ATOM   782  O O   . TYR A 1 101 ? -6.475  4.621   -18.328 1.00 60.33 ? 98  TYR A O   1 
ATOM   783  C CB  . TYR A 1 101 ? -5.125  3.565   -15.869 1.00 60.00 ? 98  TYR A CB  1 
ATOM   784  C CG  . TYR A 1 101 ? -3.871  4.413   -15.933 1.00 59.17 ? 98  TYR A CG  1 
ATOM   785  C CD1 . TYR A 1 101 ? -3.402  5.062   -14.806 1.00 59.57 ? 98  TYR A CD1 1 
ATOM   786  C CD2 . TYR A 1 101 ? -3.147  4.549   -17.113 1.00 58.77 ? 98  TYR A CD2 1 
ATOM   787  C CE1 . TYR A 1 101 ? -2.248  5.834   -14.835 1.00 60.01 ? 98  TYR A CE1 1 
ATOM   788  C CE2 . TYR A 1 101 ? -1.990  5.323   -17.161 1.00 59.19 ? 98  TYR A CE2 1 
ATOM   789  C CZ  . TYR A 1 101 ? -1.544  5.964   -16.007 1.00 60.01 ? 98  TYR A CZ  1 
ATOM   790  O OH  . TYR A 1 101 ? -0.407  6.742   -16.004 1.00 59.64 ? 98  TYR A OH  1 
ATOM   791  N N   . LYS A 1 102 ? -6.301  6.490   -17.100 1.00 60.68 ? 99  LYS A N   1 
ATOM   792  C CA  . LYS A 1 102 ? -5.989  7.322   -18.244 1.00 61.17 ? 99  LYS A CA  1 
ATOM   793  C C   . LYS A 1 102 ? -4.889  8.315   -17.878 1.00 61.25 ? 99  LYS A C   1 
ATOM   794  O O   . LYS A 1 102 ? -4.434  9.083   -18.725 1.00 61.51 ? 99  LYS A O   1 
ATOM   795  C CB  . LYS A 1 102 ? -7.233  8.029   -18.779 1.00 61.17 ? 99  LYS A CB  1 
ATOM   796  C CG  . LYS A 1 102 ? -7.150  8.302   -20.276 1.00 62.16 ? 99  LYS A CG  1 
ATOM   797  C CD  . LYS A 1 102 ? -8.534  8.316   -20.924 1.00 62.84 ? 99  LYS A CD  1 
ATOM   798  C CE  . LYS A 1 102 ? -9.322  7.052   -20.598 1.00 62.22 ? 99  LYS A CE  1 
ATOM   799  N NZ  . LYS A 1 102 ? -10.607 7.016   -21.347 1.00 61.80 ? 99  LYS A NZ  1 
ATOM   800  N N   . GLY A 1 103 ? -4.453  8.262   -16.620 1.00 61.18 ? 100 GLY A N   1 
ATOM   801  C CA  . GLY A 1 103 ? -3.443  9.166   -16.089 1.00 61.36 ? 100 GLY A CA  1 
ATOM   802  C C   . GLY A 1 103 ? -2.813  10.052  -17.147 1.00 61.62 ? 100 GLY A C   1 
ATOM   803  O O   . GLY A 1 103 ? -3.257  11.180  -17.386 1.00 61.76 ? 100 GLY A O   1 
ATOM   804  N N   . GLY B 1 1   ? -1.691  13.307  -21.673 1.00 63.67 ? -2  GLY B N   1 
ATOM   805  C CA  . GLY B 1 1   ? -0.364  13.814  -21.215 1.00 63.72 ? -2  GLY B CA  1 
ATOM   806  C C   . GLY B 1 1   ? -0.022  13.400  -19.793 1.00 63.79 ? -2  GLY B C   1 
ATOM   807  O O   . GLY B 1 1   ? -0.817  13.591  -18.873 1.00 63.96 ? -2  GLY B O   1 
ATOM   808  N N   . SER B 1 2   ? 1.160   12.804  -19.624 1.00 63.77 ? -1  SER B N   1 
ATOM   809  C CA  . SER B 1 2   ? 1.754   12.542  -18.304 1.00 63.41 ? -1  SER B CA  1 
ATOM   810  C C   . SER B 1 2   ? 2.990   11.639  -18.492 1.00 63.57 ? -1  SER B C   1 
ATOM   811  O O   . SER B 1 2   ? 2.877   10.500  -18.963 1.00 63.67 ? -1  SER B O   1 
ATOM   812  C CB  . SER B 1 2   ? 0.724   12.004  -17.288 1.00 63.19 ? -1  SER B CB  1 
ATOM   813  O OG  . SER B 1 2   ? 0.881   10.621  -17.030 1.00 61.96 ? -1  SER B OG  1 
ATOM   814  N N   . HIS B 1 3   ? 4.165   12.181  -18.157 1.00 63.43 ? 0   HIS B N   1 
ATOM   815  C CA  . HIS B 1 3   ? 5.440   11.442  -18.190 1.00 62.90 ? 0   HIS B CA  1 
ATOM   816  C C   . HIS B 1 3   ? 5.710   10.837  -16.819 1.00 62.05 ? 0   HIS B C   1 
ATOM   817  O O   . HIS B 1 3   ? 6.676   10.104  -16.640 1.00 62.20 ? 0   HIS B O   1 
ATOM   818  C CB  . HIS B 1 3   ? 6.617   12.344  -18.593 1.00 63.28 ? 0   HIS B CB  1 
ATOM   819  C CG  . HIS B 1 3   ? 6.631   13.673  -17.894 1.00 64.51 ? 0   HIS B CG  1 
ATOM   820  N ND1 . HIS B 1 3   ? 6.891   14.859  -18.552 1.00 65.47 ? 0   HIS B ND1 1 
ATOM   821  C CD2 . HIS B 1 3   ? 6.400   14.003  -16.598 1.00 64.62 ? 0   HIS B CD2 1 
ATOM   822  C CE1 . HIS B 1 3   ? 6.828   15.860  -17.689 1.00 65.52 ? 0   HIS B CE1 1 
ATOM   823  N NE2 . HIS B 1 3   ? 6.530   15.368  -16.498 1.00 65.13 ? 0   HIS B NE2 1 
ATOM   824  N N   . MET B 1 4   ? 4.868   11.169  -15.844 1.00 60.87 ? 1   MET B N   1 
ATOM   825  C CA  . MET B 1 4   ? 4.900   10.492  -14.555 1.00 59.55 ? 1   MET B CA  1 
ATOM   826  C C   . MET B 1 4   ? 4.950   8.983   -14.851 1.00 58.20 ? 1   MET B C   1 
ATOM   827  O O   . MET B 1 4   ? 4.655   8.551   -15.977 1.00 57.96 ? 1   MET B O   1 
ATOM   828  C CB  . MET B 1 4   ? 3.642   10.848  -13.737 1.00 59.85 ? 1   MET B CB  1 
ATOM   829  C CG  . MET B 1 4   ? 2.424   9.897   -13.961 1.00 61.45 ? 1   MET B CG  1 
ATOM   830  S SD  . MET B 1 4   ? 0.785   10.660  -14.238 1.00 64.43 ? 1   MET B SD  1 
ATOM   831  C CE  . MET B 1 4   ? -0.334  9.313   -13.791 1.00 62.89 ? 1   MET B CE  1 
ATOM   832  N N   . GLY B 1 5   ? 5.328   8.183   -13.852 1.00 56.52 ? 2   GLY B N   1 
ATOM   833  C CA  . GLY B 1 5   ? 5.248   6.727   -13.972 1.00 53.43 ? 2   GLY B CA  1 
ATOM   834  C C   . GLY B 1 5   ? 3.796   6.308   -13.846 1.00 51.42 ? 2   GLY B C   1 
ATOM   835  O O   . GLY B 1 5   ? 2.876   7.126   -14.016 1.00 51.32 ? 2   GLY B O   1 
ATOM   836  N N   . PHE B 1 6   ? 3.582   5.028   -13.564 1.00 48.96 ? 3   PHE B N   1 
ATOM   837  C CA  . PHE B 1 6   ? 2.256   4.564   -13.231 1.00 46.32 ? 3   PHE B CA  1 
ATOM   838  C C   . PHE B 1 6   ? 2.066   4.852   -11.726 1.00 45.18 ? 3   PHE B C   1 
ATOM   839  O O   . PHE B 1 6   ? 3.016   4.761   -10.960 1.00 44.45 ? 3   PHE B O   1 
ATOM   840  C CB  . PHE B 1 6   ? 2.102   3.083   -13.609 1.00 46.22 ? 3   PHE B CB  1 
ATOM   841  C CG  . PHE B 1 6   ? 2.033   2.836   -15.110 1.00 45.47 ? 3   PHE B CG  1 
ATOM   842  C CD1 . PHE B 1 6   ? 3.166   2.508   -15.832 1.00 43.13 ? 3   PHE B CD1 1 
ATOM   843  C CD2 . PHE B 1 6   ? 0.829   2.949   -15.789 1.00 45.12 ? 3   PHE B CD2 1 
ATOM   844  C CE1 . PHE B 1 6   ? 3.106   2.307   -17.181 1.00 44.71 ? 3   PHE B CE1 1 
ATOM   845  C CE2 . PHE B 1 6   ? 0.758   2.748   -17.154 1.00 45.19 ? 3   PHE B CE2 1 
ATOM   846  C CZ  . PHE B 1 6   ? 1.901   2.424   -17.858 1.00 45.60 ? 3   PHE B CZ  1 
ATOM   847  N N   . THR B 1 7   ? 0.859   5.234   -11.320 1.00 43.57 ? 4   THR B N   1 
ATOM   848  C CA  . THR B 1 7   ? 0.653   5.778   -9.985  1.00 42.87 ? 4   THR B CA  1 
ATOM   849  C C   . THR B 1 7   ? 0.909   4.760   -8.882  1.00 42.67 ? 4   THR B C   1 
ATOM   850  O O   . THR B 1 7   ? 0.247   3.736   -8.781  1.00 42.97 ? 4   THR B O   1 
ATOM   851  C CB  . THR B 1 7   ? -0.761  6.425   -9.810  1.00 42.62 ? 4   THR B CB  1 
ATOM   852  O OG1 . THR B 1 7   ? -1.126  7.101   -11.011 1.00 42.20 ? 4   THR B OG1 1 
ATOM   853  C CG2 . THR B 1 7   ? -0.751  7.438   -8.701  1.00 41.11 ? 4   THR B CG2 1 
ATOM   854  N N   . ASN B 1 8   ? 1.874   5.041   -8.038  1.00 42.63 ? 5   ASN B N   1 
ATOM   855  C CA  . ASN B 1 8   ? 2.063   4.210   -6.871  1.00 42.85 ? 5   ASN B CA  1 
ATOM   856  C C   . ASN B 1 8   ? 2.229   5.097   -5.620  1.00 43.13 ? 5   ASN B C   1 
ATOM   857  O O   . ASN B 1 8   ? 3.344   5.475   -5.271  1.00 43.65 ? 5   ASN B O   1 
ATOM   858  C CB  . ASN B 1 8   ? 3.256   3.286   -7.093  1.00 42.08 ? 5   ASN B CB  1 
ATOM   859  C CG  . ASN B 1 8   ? 3.335   2.156   -6.058  1.00 41.91 ? 5   ASN B CG  1 
ATOM   860  O OD1 . ASN B 1 8   ? 2.996   2.332   -4.874  1.00 41.02 ? 5   ASN B OD1 1 
ATOM   861  N ND2 . ASN B 1 8   ? 3.807   1.000   -6.497  1.00 38.65 ? 5   ASN B ND2 1 
ATOM   862  N N   . LEU B 1 9   ? 1.120   5.465   -4.988  1.00 43.62 ? 6   LEU B N   1 
ATOM   863  C CA  . LEU B 1 9   ? 1.151   6.386   -3.841  1.00 45.04 ? 6   LEU B CA  1 
ATOM   864  C C   . LEU B 1 9   ? 0.488   5.866   -2.576  1.00 45.09 ? 6   LEU B C   1 
ATOM   865  O O   . LEU B 1 9   ? -0.731  5.744   -2.526  1.00 44.93 ? 6   LEU B O   1 
ATOM   866  C CB  . LEU B 1 9   ? 0.445   7.679   -4.190  1.00 45.17 ? 6   LEU B CB  1 
ATOM   867  C CG  . LEU B 1 9   ? 1.224   8.854   -4.720  1.00 47.99 ? 6   LEU B CG  1 
ATOM   868  C CD1 . LEU B 1 9   ? 0.308   9.672   -5.636  1.00 46.98 ? 6   LEU B CD1 1 
ATOM   869  C CD2 . LEU B 1 9   ? 1.730   9.659   -3.511  1.00 51.10 ? 6   LEU B CD2 1 
ATOM   870  N N   . VAL B 1 10  ? 1.292   5.591   -1.562  1.00 46.19 ? 7   VAL B N   1 
ATOM   871  C CA  . VAL B 1 10  ? 0.800   5.383   -0.199  1.00 47.53 ? 7   VAL B CA  1 
ATOM   872  C C   . VAL B 1 10  ? 1.111   6.571   0.705   1.00 48.01 ? 7   VAL B C   1 
ATOM   873  O O   . VAL B 1 10  ? 2.240   7.012   0.759   1.00 48.27 ? 7   VAL B O   1 
ATOM   874  C CB  . VAL B 1 10  ? 1.459   4.152   0.457   1.00 47.27 ? 7   VAL B CB  1 
ATOM   875  C CG1 . VAL B 1 10  ? 0.655   3.705   1.625   1.00 46.39 ? 7   VAL B CG1 1 
ATOM   876  C CG2 . VAL B 1 10  ? 1.563   3.020   -0.536  1.00 49.05 ? 7   VAL B CG2 1 
ATOM   877  N N   . SER B 1 11  ? 0.104   7.084   1.405   1.00 49.59 ? 8   SER B N   1 
ATOM   878  C CA  . SER B 1 11  ? 0.281   7.918   2.621   1.00 50.40 ? 8   SER B CA  1 
ATOM   879  C C   . SER B 1 11  ? -0.327  7.091   3.717   1.00 50.94 ? 8   SER B C   1 
ATOM   880  O O   . SER B 1 11  ? -1.478  6.608   3.572   1.00 50.73 ? 8   SER B O   1 
ATOM   881  C CB  . SER B 1 11  ? -0.551  9.202   2.596   1.00 50.56 ? 8   SER B CB  1 
ATOM   882  O OG  . SER B 1 11  ? -0.134  10.099  1.597   1.00 52.80 ? 8   SER B OG  1 
ATOM   883  N N   . LEU B 1 12  ? 0.409   6.976   4.819   1.00 51.17 ? 9   LEU B N   1 
ATOM   884  C CA  . LEU B 1 12  ? 0.026   6.142   5.946   1.00 51.13 ? 9   LEU B CA  1 
ATOM   885  C C   . LEU B 1 12  ? 0.572   6.759   7.213   1.00 51.41 ? 9   LEU B C   1 
ATOM   886  O O   . LEU B 1 12  ? 1.747   7.119   7.278   1.00 51.61 ? 9   LEU B O   1 
ATOM   887  C CB  . LEU B 1 12  ? 0.618   4.742   5.781   1.00 50.97 ? 9   LEU B CB  1 
ATOM   888  C CG  . LEU B 1 12  ? 0.175   3.641   6.760   1.00 51.46 ? 9   LEU B CG  1 
ATOM   889  C CD1 . LEU B 1 12  ? -1.340  3.250   6.617   1.00 48.88 ? 9   LEU B CD1 1 
ATOM   890  C CD2 . LEU B 1 12  ? 1.083   2.416   6.612   1.00 48.87 ? 9   LEU B CD2 1 
ATOM   891  N N   . ALA B 1 13  ? -0.282  6.879   8.221   1.00 51.44 ? 10  ALA B N   1 
ATOM   892  C CA  . ALA B 1 13  ? 0.129   7.331   9.534   1.00 50.81 ? 10  ALA B CA  1 
ATOM   893  C C   . ALA B 1 13  ? 0.222   6.104   10.409  1.00 51.06 ? 10  ALA B C   1 
ATOM   894  O O   . ALA B 1 13  ? -0.795  5.565   10.797  1.00 51.94 ? 10  ALA B O   1 
ATOM   895  C CB  . ALA B 1 13  ? -0.887  8.256   10.084  1.00 50.08 ? 10  ALA B CB  1 
ATOM   896  N N   . ALA B 1 14  ? 1.431   5.649   10.724  1.00 51.10 ? 11  ALA B N   1 
ATOM   897  C CA  . ALA B 1 14  ? 1.581   4.476   11.579  1.00 50.53 ? 11  ALA B CA  1 
ATOM   898  C C   . ALA B 1 14  ? 2.607   4.636   12.718  1.00 50.34 ? 11  ALA B C   1 
ATOM   899  O O   . ALA B 1 14  ? 3.270   5.662   12.848  1.00 50.05 ? 11  ALA B O   1 
ATOM   900  C CB  . ALA B 1 14  ? 1.899   3.274   10.735  1.00 50.11 ? 11  ALA B CB  1 
ATOM   901  N N   . LEU B 1 15  ? 2.709   3.608   13.549  1.00 50.41 ? 12  LEU B N   1 
ATOM   902  C CA  . LEU B 1 15  ? 3.738   3.542   14.573  1.00 50.79 ? 12  LEU B CA  1 
ATOM   903  C C   . LEU B 1 15  ? 4.968   2.814   14.106  1.00 50.72 ? 12  LEU B C   1 
ATOM   904  O O   . LEU B 1 15  ? 4.878   1.724   13.532  1.00 50.93 ? 12  LEU B O   1 
ATOM   905  C CB  . LEU B 1 15  ? 3.214   2.818   15.797  1.00 51.20 ? 12  LEU B CB  1 
ATOM   906  C CG  . LEU B 1 15  ? 2.595   3.792   16.778  1.00 52.07 ? 12  LEU B CG  1 
ATOM   907  C CD1 . LEU B 1 15  ? 1.220   3.308   17.263  1.00 52.19 ? 12  LEU B CD1 1 
ATOM   908  C CD2 . LEU B 1 15  ? 3.595   4.013   17.899  1.00 53.09 ? 12  LEU B CD2 1 
ATOM   909  N N   . ILE B 1 16  ? 6.117   3.428   14.342  1.00 50.43 ? 13  ILE B N   1 
ATOM   910  C CA  . ILE B 1 16  ? 7.388   2.759   14.132  1.00 50.22 ? 13  ILE B CA  1 
ATOM   911  C C   . ILE B 1 16  ? 7.460   1.640   15.162  1.00 49.80 ? 13  ILE B C   1 
ATOM   912  O O   . ILE B 1 16  ? 7.945   1.838   16.270  1.00 49.20 ? 13  ILE B O   1 
ATOM   913  C CB  . ILE B 1 16  ? 8.571   3.732   14.359  1.00 50.65 ? 13  ILE B CB  1 
ATOM   914  C CG1 . ILE B 1 16  ? 8.280   5.108   13.728  1.00 51.97 ? 13  ILE B CG1 1 
ATOM   915  C CG2 . ILE B 1 16  ? 9.889   3.136   13.872  1.00 49.64 ? 13  ILE B CG2 1 
ATOM   916  C CD1 . ILE B 1 16  ? 8.430   5.172   12.210  1.00 53.36 ? 13  ILE B CD1 1 
ATOM   917  N N   . GLU B 1 17  ? 7.004   0.490   14.905  1.00 50.05 ? 14  GLU B N   1 
ATOM   918  C CA  . GLU B 1 17  ? 7.007   -0.607  15.876  1.00 50.18 ? 14  GLU B CA  1 
ATOM   919  C C   . GLU B 1 17  ? 8.424   -1.137  16.118  1.00 49.85 ? 14  GLU B C   1 
ATOM   920  O O   . GLU B 1 17  ? 8.844   -1.308  17.259  1.00 49.65 ? 14  GLU B O   1 
ATOM   921  C CB  . GLU B 1 17  ? 6.064   -1.731  15.439  1.00 49.96 ? 14  GLU B CB  1 
ATOM   922  C CG  . GLU B 1 17  ? 6.020   -2.902  16.400  1.00 50.84 ? 14  GLU B CG  1 
ATOM   923  C CD  . GLU B 1 17  ? 5.216   -4.084  15.857  1.00 52.25 ? 14  GLU B CD  1 
ATOM   924  O OE1 . GLU B 1 17  ? 4.453   -3.902  14.883  1.00 51.32 ? 14  GLU B OE1 1 
ATOM   925  O OE2 . GLU B 1 17  ? 5.338   -5.203  16.410  1.00 53.27 ? 14  GLU B OE2 1 
ATOM   926  N N   . LYS B 1 18  ? 9.156   -1.377  15.036  1.00 49.63 ? 15  LYS B N   1 
ATOM   927  C CA  . LYS B 1 18  ? 10.515  -1.887  15.127  1.00 49.43 ? 15  LYS B CA  1 
ATOM   928  C C   . LYS B 1 18  ? 11.417  -1.123  14.169  1.00 49.27 ? 15  LYS B C   1 
ATOM   929  O O   . LYS B 1 18  ? 11.047  -0.891  13.008  1.00 49.82 ? 15  LYS B O   1 
ATOM   930  C CB  . LYS B 1 18  ? 10.536  -3.385  14.804  1.00 49.24 ? 15  LYS B CB  1 
ATOM   931  C CG  . LYS B 1 18  ? 11.912  -4.064  14.885  1.00 49.52 ? 15  LYS B CG  1 
ATOM   932  C CD  . LYS B 1 18  ? 12.475  -4.045  16.298  1.00 49.95 ? 15  LYS B CD  1 
ATOM   933  C CE  . LYS B 1 18  ? 13.662  -5.000  16.450  1.00 50.89 ? 15  LYS B CE  1 
ATOM   934  N NZ  . LYS B 1 18  ? 14.561  -4.647  17.600  1.00 49.59 ? 15  LYS B NZ  1 
ATOM   935  N N   . ALA B 1 19  ? 12.591  -0.723  14.653  1.00 48.87 ? 16  ALA B N   1 
ATOM   936  C CA  . ALA B 1 19  ? 13.632  -0.153  13.789  1.00 48.29 ? 16  ALA B CA  1 
ATOM   937  C C   . ALA B 1 19  ? 14.882  -0.991  13.904  1.00 48.00 ? 16  ALA B C   1 
ATOM   938  O O   . ALA B 1 19  ? 15.518  -0.977  14.939  1.00 48.05 ? 16  ALA B O   1 
ATOM   939  C CB  . ALA B 1 19  ? 13.936  1.269   14.191  1.00 48.19 ? 16  ALA B CB  1 
ATOM   940  N N   . PHE B 1 20  ? 15.246  -1.722  12.857  1.00 47.86 ? 17  PHE B N   1 
ATOM   941  C CA  . PHE B 1 20  ? 16.440  -2.576  12.935  1.00 48.08 ? 17  PHE B CA  1 
ATOM   942  C C   . PHE B 1 20  ? 17.754  -1.786  13.094  1.00 47.92 ? 17  PHE B C   1 
ATOM   943  O O   . PHE B 1 20  ? 17.840  -0.608  12.717  1.00 47.98 ? 17  PHE B O   1 
ATOM   944  C CB  . PHE B 1 20  ? 16.518  -3.470  11.703  1.00 48.14 ? 17  PHE B CB  1 
ATOM   945  C CG  . PHE B 1 20  ? 15.474  -4.528  11.667  1.00 48.48 ? 17  PHE B CG  1 
ATOM   946  C CD1 . PHE B 1 20  ? 15.724  -5.783  12.196  1.00 48.51 ? 17  PHE B CD1 1 
ATOM   947  C CD2 . PHE B 1 20  ? 14.232  -4.270  11.118  1.00 48.26 ? 17  PHE B CD2 1 
ATOM   948  C CE1 . PHE B 1 20  ? 14.740  -6.763  12.174  1.00 49.13 ? 17  PHE B CE1 1 
ATOM   949  C CE2 . PHE B 1 20  ? 13.254  -5.244  11.098  1.00 47.57 ? 17  PHE B CE2 1 
ATOM   950  C CZ  . PHE B 1 20  ? 13.509  -6.492  11.620  1.00 47.83 ? 17  PHE B CZ  1 
ATOM   951  N N   . PRO B 1 21  ? 18.796  -2.425  13.642  1.00 47.79 ? 18  PRO B N   1 
ATOM   952  C CA  . PRO B 1 21  ? 20.036  -1.622  13.599  1.00 47.67 ? 18  PRO B CA  1 
ATOM   953  C C   . PRO B 1 21  ? 20.254  -1.092  12.164  1.00 47.62 ? 18  PRO B C   1 
ATOM   954  O O   . PRO B 1 21  ? 19.995  -1.802  11.200  1.00 47.94 ? 18  PRO B O   1 
ATOM   955  C CB  . PRO B 1 21  ? 21.131  -2.622  13.999  1.00 47.25 ? 18  PRO B CB  1 
ATOM   956  C CG  . PRO B 1 21  ? 20.403  -3.762  14.696  1.00 47.22 ? 18  PRO B CG  1 
ATOM   957  C CD  . PRO B 1 21  ? 19.006  -3.803  14.131  1.00 47.76 ? 18  PRO B CD  1 
ATOM   958  N N   . ILE B 1 22  ? 20.684  0.153   12.016  1.00 47.30 ? 19  ILE B N   1 
ATOM   959  C CA  . ILE B 1 22  ? 20.959  0.707   10.693  1.00 46.98 ? 19  ILE B CA  1 
ATOM   960  C C   . ILE B 1 22  ? 22.099  -0.054  9.964   1.00 47.07 ? 19  ILE B C   1 
ATOM   961  O O   . ILE B 1 22  ? 23.092  -0.422  10.577  1.00 46.67 ? 19  ILE B O   1 
ATOM   962  C CB  . ILE B 1 22  ? 21.307  2.205   10.818  1.00 47.08 ? 19  ILE B CB  1 
ATOM   963  C CG1 . ILE B 1 22  ? 21.328  2.887   9.451   1.00 47.22 ? 19  ILE B CG1 1 
ATOM   964  C CG2 . ILE B 1 22  ? 22.650  2.399   11.531  1.00 46.55 ? 19  ILE B CG2 1 
ATOM   965  C CD1 . ILE B 1 22  ? 21.087  4.385   9.527   1.00 45.59 ? 19  ILE B CD1 1 
ATOM   966  N N   . ARG B 1 23  ? 21.941  -0.282  8.656   1.00 47.19 ? 20  ARG B N   1 
ATOM   967  C CA  . ARG B 1 23  ? 22.920  -0.998  7.812   1.00 46.80 ? 20  ARG B CA  1 
ATOM   968  C C   . ARG B 1 23  ? 23.399  -0.022  6.716   1.00 46.15 ? 20  ARG B C   1 
ATOM   969  O O   . ARG B 1 23  ? 22.977  1.140   6.708   1.00 46.11 ? 20  ARG B O   1 
ATOM   970  C CB  . ARG B 1 23  ? 22.246  -2.230  7.190   1.00 46.92 ? 20  ARG B CB  1 
ATOM   971  C CG  . ARG B 1 23  ? 20.824  -1.886  6.684   1.00 50.19 ? 20  ARG B CG  1 
ATOM   972  C CD  . ARG B 1 23  ? 19.914  -3.102  6.425   1.00 54.26 ? 20  ARG B CD  1 
ATOM   973  N NE  . ARG B 1 23  ? 20.488  -4.021  5.447   1.00 57.56 ? 20  ARG B NE  1 
ATOM   974  C CZ  . ARG B 1 23  ? 20.147  -4.073  4.161   1.00 58.14 ? 20  ARG B CZ  1 
ATOM   975  N NH1 . ARG B 1 23  ? 19.222  -3.258  3.679   1.00 56.66 ? 20  ARG B NH1 1 
ATOM   976  N NH2 . ARG B 1 23  ? 20.739  -4.952  3.358   1.00 59.67 ? 20  ARG B NH2 1 
ATOM   977  N N   . TYR B 1 24  ? 24.250  -0.479  5.793   1.00 45.31 ? 21  TYR B N   1 
ATOM   978  C CA  . TYR B 1 24  ? 24.787  0.385   4.721   1.00 44.68 ? 21  TYR B CA  1 
ATOM   979  C C   . TYR B 1 24  ? 25.046  -0.386  3.419   1.00 44.50 ? 21  TYR B C   1 
ATOM   980  O O   . TYR B 1 24  ? 25.617  -1.469  3.444   1.00 44.28 ? 21  TYR B O   1 
ATOM   981  C CB  . TYR B 1 24  ? 26.122  1.055   5.142   1.00 44.38 ? 21  TYR B CB  1 
ATOM   982  C CG  . TYR B 1 24  ? 26.101  1.856   6.431   1.00 43.38 ? 21  TYR B CG  1 
ATOM   983  C CD1 . TYR B 1 24  ? 25.846  3.229   6.422   1.00 43.19 ? 21  TYR B CD1 1 
ATOM   984  C CD2 . TYR B 1 24  ? 26.374  1.241   7.654   1.00 43.44 ? 21  TYR B CD2 1 
ATOM   985  C CE1 . TYR B 1 24  ? 25.826  3.960   7.603   1.00 42.85 ? 21  TYR B CE1 1 
ATOM   986  C CE2 . TYR B 1 24  ? 26.374  1.958   8.835   1.00 43.98 ? 21  TYR B CE2 1 
ATOM   987  C CZ  . TYR B 1 24  ? 26.099  3.320   8.811   1.00 44.51 ? 21  TYR B CZ  1 
ATOM   988  O OH  . TYR B 1 24  ? 26.114  4.023   10.008  1.00 45.23 ? 21  TYR B OH  1 
ATOM   989  N N   . THR B 1 25  ? 24.677  0.183   2.276   1.00 44.43 ? 22  THR B N   1 
ATOM   990  C CA  . THR B 1 25  ? 24.966  -0.485  1.015   1.00 44.31 ? 22  THR B CA  1 
ATOM   991  C C   . THR B 1 25  ? 26.461  -0.518  0.905   1.00 44.62 ? 22  THR B C   1 
ATOM   992  O O   . THR B 1 25  ? 27.145  0.159   1.670   1.00 45.25 ? 22  THR B O   1 
ATOM   993  C CB  . THR B 1 25  ? 24.384  0.259   -0.191  1.00 44.63 ? 22  THR B CB  1 
ATOM   994  O OG1 . THR B 1 25  ? 25.272  1.316   -0.590  1.00 43.29 ? 22  THR B OG1 1 
ATOM   995  C CG2 . THR B 1 25  ? 22.971  0.816   0.133   1.00 43.42 ? 22  THR B CG2 1 
ATOM   996  N N   . PRO B 1 26  ? 26.999  -1.311  -0.033  1.00 44.60 ? 23  PRO B N   1 
ATOM   997  C CA  . PRO B 1 26  ? 28.461  -1.309  -0.132  1.00 44.02 ? 23  PRO B CA  1 
ATOM   998  C C   . PRO B 1 26  ? 28.962  0.087   -0.470  1.00 44.04 ? 23  PRO B C   1 
ATOM   999  O O   . PRO B 1 26  ? 30.063  0.456   -0.081  1.00 44.06 ? 23  PRO B O   1 
ATOM   1000 C CB  . PRO B 1 26  ? 28.745  -2.275  -1.285  1.00 43.82 ? 23  PRO B CB  1 
ATOM   1001 C CG  . PRO B 1 26  ? 27.517  -3.128  -1.397  1.00 44.35 ? 23  PRO B CG  1 
ATOM   1002 C CD  . PRO B 1 26  ? 26.362  -2.243  -0.981  1.00 44.46 ? 23  PRO B CD  1 
ATOM   1003 N N   . ALA B 1 27  ? 28.144  0.863   -1.182  1.00 44.31 ? 24  ALA B N   1 
ATOM   1004 C CA  . ALA B 1 27  ? 28.525  2.215   -1.636  1.00 44.38 ? 24  ALA B CA  1 
ATOM   1005 C C   . ALA B 1 27  ? 28.521  3.278   -0.538  1.00 44.54 ? 24  ALA B C   1 
ATOM   1006 O O   . ALA B 1 27  ? 28.920  4.411   -0.793  1.00 44.71 ? 24  ALA B O   1 
ATOM   1007 C CB  . ALA B 1 27  ? 27.657  2.677   -2.827  1.00 43.92 ? 24  ALA B CB  1 
ATOM   1008 N N   . GLY B 1 28  ? 28.085  2.918   0.672   1.00 44.64 ? 25  GLY B N   1 
ATOM   1009 C CA  . GLY B 1 28  ? 28.036  3.861   1.805   1.00 44.66 ? 25  GLY B CA  1 
ATOM   1010 C C   . GLY B 1 28  ? 26.628  4.203   2.290   1.00 44.96 ? 25  GLY B C   1 
ATOM   1011 O O   . GLY B 1 28  ? 26.371  4.279   3.502   1.00 44.62 ? 25  GLY B O   1 
ATOM   1012 N N   . ILE B 1 29  ? 25.716  4.400   1.337   1.00 45.06 ? 26  ILE B N   1 
ATOM   1013 C CA  . ILE B 1 29  ? 24.337  4.804   1.618   1.00 45.53 ? 26  ILE B CA  1 
ATOM   1014 C C   . ILE B 1 29  ? 23.691  4.116   2.839   1.00 45.78 ? 26  ILE B C   1 
ATOM   1015 O O   . ILE B 1 29  ? 23.706  2.891   2.955   1.00 45.91 ? 26  ILE B O   1 
ATOM   1016 C CB  . ILE B 1 29  ? 23.451  4.567   0.384   1.00 45.67 ? 26  ILE B CB  1 
ATOM   1017 C CG1 . ILE B 1 29  ? 24.192  5.002   -0.881  1.00 46.35 ? 26  ILE B CG1 1 
ATOM   1018 C CG2 . ILE B 1 29  ? 22.130  5.288   0.525   1.00 45.07 ? 26  ILE B CG2 1 
ATOM   1019 C CD1 . ILE B 1 29  ? 23.413  4.766   -2.147  1.00 45.79 ? 26  ILE B CD1 1 
ATOM   1020 N N   . PRO B 1 30  ? 23.105  4.915   3.747   1.00 45.93 ? 27  PRO B N   1 
ATOM   1021 C CA  . PRO B 1 30  ? 22.463  4.423   4.971   1.00 45.93 ? 27  PRO B CA  1 
ATOM   1022 C C   . PRO B 1 30  ? 21.054  3.878   4.727   1.00 46.05 ? 27  PRO B C   1 
ATOM   1023 O O   . PRO B 1 30  ? 20.216  4.552   4.119   1.00 45.90 ? 27  PRO B O   1 
ATOM   1024 C CB  . PRO B 1 30  ? 22.390  5.671   5.866   1.00 45.72 ? 27  PRO B CB  1 
ATOM   1025 C CG  . PRO B 1 30  ? 23.154  6.753   5.136   1.00 45.92 ? 27  PRO B CG  1 
ATOM   1026 C CD  . PRO B 1 30  ? 23.114  6.386   3.692   1.00 46.10 ? 27  PRO B CD  1 
ATOM   1027 N N   . VAL B 1 31  ? 20.817  2.657   5.205   1.00 46.10 ? 28  VAL B N   1 
ATOM   1028 C CA  . VAL B 1 31  ? 19.558  1.950   5.010   1.00 45.68 ? 28  VAL B CA  1 
ATOM   1029 C C   . VAL B 1 31  ? 18.980  1.615   6.378   1.00 45.62 ? 28  VAL B C   1 
ATOM   1030 O O   . VAL B 1 31  ? 19.650  1.003   7.221   1.00 45.80 ? 28  VAL B O   1 
ATOM   1031 C CB  . VAL B 1 31  ? 19.745  0.644   4.180   1.00 45.75 ? 28  VAL B CB  1 
ATOM   1032 C CG1 . VAL B 1 31  ? 18.388  -0.001  3.852   1.00 45.48 ? 28  VAL B CG1 1 
ATOM   1033 C CG2 . VAL B 1 31  ? 20.488  0.929   2.901   1.00 45.32 ? 28  VAL B CG2 1 
ATOM   1034 N N   . LEU B 1 32  ? 17.744  2.037   6.595   1.00 45.35 ? 29  LEU B N   1 
ATOM   1035 C CA  . LEU B 1 32  ? 17.051  1.773   7.838   1.00 45.66 ? 29  LEU B CA  1 
ATOM   1036 C C   . LEU B 1 32  ? 15.773  0.971   7.612   1.00 46.28 ? 29  LEU B C   1 
ATOM   1037 O O   . LEU B 1 32  ? 14.804  1.496   7.062   1.00 46.86 ? 29  LEU B O   1 
ATOM   1038 C CB  . LEU B 1 32  ? 16.685  3.078   8.522   1.00 45.43 ? 29  LEU B CB  1 
ATOM   1039 C CG  . LEU B 1 32  ? 15.815  2.882   9.760   1.00 44.41 ? 29  LEU B CG  1 
ATOM   1040 C CD1 . LEU B 1 32  ? 16.586  2.118   10.834  1.00 43.48 ? 29  LEU B CD1 1 
ATOM   1041 C CD2 . LEU B 1 32  ? 15.314  4.217   10.282  1.00 43.55 ? 29  LEU B CD2 1 
ATOM   1042 N N   . ASP B 1 33  ? 15.773  -0.290  8.040   1.00 46.63 ? 30  ASP B N   1 
ATOM   1043 C CA  . ASP B 1 33  ? 14.614  -1.159  7.916   1.00 47.03 ? 30  ASP B CA  1 
ATOM   1044 C C   . ASP B 1 33  ? 13.698  -1.013  9.121   1.00 47.90 ? 30  ASP B C   1 
ATOM   1045 O O   . ASP B 1 33  ? 14.176  -0.869  10.252  1.00 48.53 ? 30  ASP B O   1 
ATOM   1046 C CB  . ASP B 1 33  ? 15.068  -2.601  7.769   1.00 46.88 ? 30  ASP B CB  1 
ATOM   1047 C CG  . ASP B 1 33  ? 15.689  -2.865  6.421   1.00 47.43 ? 30  ASP B CG  1 
ATOM   1048 O OD1 . ASP B 1 33  ? 15.132  -2.385  5.416   1.00 47.93 ? 30  ASP B OD1 1 
ATOM   1049 O OD2 . ASP B 1 33  ? 16.744  -3.525  6.360   1.00 49.78 ? 30  ASP B OD2 1 
ATOM   1050 N N   . ILE B 1 34  ? 12.390  -1.076  8.896   1.00 48.31 ? 31  ILE B N   1 
ATOM   1051 C CA  . ILE B 1 34  ? 11.436  -0.768  9.941   1.00 49.06 ? 31  ILE B CA  1 
ATOM   1052 C C   . ILE B 1 34  ? 10.182  -1.608  9.813   1.00 49.39 ? 31  ILE B C   1 
ATOM   1053 O O   . ILE B 1 34  ? 9.797   -1.982  8.704   1.00 49.04 ? 31  ILE B O   1 
ATOM   1054 C CB  . ILE B 1 34  ? 11.053  0.714   9.815   1.00 49.69 ? 31  ILE B CB  1 
ATOM   1055 C CG1 . ILE B 1 34  ? 11.992  1.553   10.648  1.00 49.82 ? 31  ILE B CG1 1 
ATOM   1056 C CG2 . ILE B 1 34  ? 9.619   0.995   10.219  1.00 49.60 ? 31  ILE B CG2 1 
ATOM   1057 C CD1 . ILE B 1 34  ? 12.410  2.791   9.917   1.00 51.87 ? 31  ILE B CD1 1 
ATOM   1058 N N   . ILE B 1 35  ? 9.541   -1.903  10.940  1.00 49.60 ? 32  ILE B N   1 
ATOM   1059 C CA  . ILE B 1 35  ? 8.178   -2.414  10.885  1.00 50.44 ? 32  ILE B CA  1 
ATOM   1060 C C   . ILE B 1 35  ? 7.149   -1.360  11.330  1.00 51.32 ? 32  ILE B C   1 
ATOM   1061 O O   . ILE B 1 35  ? 7.236   -0.816  12.441  1.00 51.31 ? 32  ILE B O   1 
ATOM   1062 C CB  . ILE B 1 35  ? 7.979   -3.688  11.706  1.00 50.29 ? 32  ILE B CB  1 
ATOM   1063 C CG1 . ILE B 1 35  ? 9.064   -4.702  11.410  1.00 49.49 ? 32  ILE B CG1 1 
ATOM   1064 C CG2 . ILE B 1 35  ? 6.645   -4.324  11.371  1.00 49.66 ? 32  ILE B CG2 1 
ATOM   1065 C CD1 . ILE B 1 35  ? 8.828   -5.999  12.140  1.00 50.05 ? 32  ILE B CD1 1 
ATOM   1066 N N   . LEU B 1 36  ? 6.175   -1.099  10.453  1.00 52.05 ? 33  LEU B N   1 
ATOM   1067 C CA  . LEU B 1 36  ? 5.125   -0.103  10.675  1.00 52.95 ? 33  LEU B CA  1 
ATOM   1068 C C   . LEU B 1 36  ? 3.821   -0.738  11.152  1.00 53.77 ? 33  LEU B C   1 
ATOM   1069 O O   . LEU B 1 36  ? 3.390   -1.749  10.612  1.00 54.31 ? 33  LEU B O   1 
ATOM   1070 C CB  . LEU B 1 36  ? 4.854   0.673   9.390   1.00 52.62 ? 33  LEU B CB  1 
ATOM   1071 C CG  . LEU B 1 36  ? 5.882   1.750   9.068   1.00 51.87 ? 33  LEU B CG  1 
ATOM   1072 C CD1 . LEU B 1 36  ? 5.334   2.678   8.031   1.00 51.23 ? 33  LEU B CD1 1 
ATOM   1073 C CD2 . LEU B 1 36  ? 6.204   2.516   10.333  1.00 52.62 ? 33  LEU B CD2 1 
ATOM   1074 N N   . LYS B 1 37  ? 3.184   -0.133  12.151  1.00 54.35 ? 34  LYS B N   1 
ATOM   1075 C CA  . LYS B 1 37  ? 1.993   -0.719  12.742  1.00 54.84 ? 34  LYS B CA  1 
ATOM   1076 C C   . LYS B 1 37  ? 0.876   0.303   12.839  1.00 55.13 ? 34  LYS B C   1 
ATOM   1077 O O   . LYS B 1 37  ? 0.868   1.149   13.743  1.00 55.46 ? 34  LYS B O   1 
ATOM   1078 C CB  . LYS B 1 37  ? 2.301   -1.274  14.129  1.00 54.94 ? 34  LYS B CB  1 
ATOM   1079 C CG  . LYS B 1 37  ? 1.096   -1.835  14.864  1.00 55.58 ? 34  LYS B CG  1 
ATOM   1080 C CD  . LYS B 1 37  ? 0.953   -3.330  14.618  1.00 57.41 ? 34  LYS B CD  1 
ATOM   1081 C CE  . LYS B 1 37  ? -0.377  -3.854  15.147  1.00 58.51 ? 34  LYS B CE  1 
ATOM   1082 N NZ  . LYS B 1 37  ? -1.451  -3.761  14.118  1.00 60.55 ? 34  LYS B NZ  1 
ATOM   1083 N N   . HIS B 1 38  ? -0.085  0.186   11.931  1.00 55.06 ? 35  HIS B N   1 
ATOM   1084 C CA  . HIS B 1 38  ? -1.176  1.131   11.832  1.00 55.08 ? 35  HIS B CA  1 
ATOM   1085 C C   . HIS B 1 38  ? -2.506  0.598   12.383  1.00 55.66 ? 35  HIS B C   1 
ATOM   1086 O O   . HIS B 1 38  ? -2.873  -0.554  12.146  1.00 55.98 ? 35  HIS B O   1 
ATOM   1087 C CB  . HIS B 1 38  ? -1.351  1.520   10.369  1.00 54.72 ? 35  HIS B CB  1 
ATOM   1088 C CG  . HIS B 1 38  ? -2.556  2.364   10.112  1.00 52.46 ? 35  HIS B CG  1 
ATOM   1089 N ND1 . HIS B 1 38  ? -3.780  1.828   9.783   1.00 52.21 ? 35  HIS B ND1 1 
ATOM   1090 C CD2 . HIS B 1 38  ? -2.725  3.705   10.135  1.00 51.35 ? 35  HIS B CD2 1 
ATOM   1091 C CE1 . HIS B 1 38  ? -4.652  2.805   9.603   1.00 51.42 ? 35  HIS B CE1 1 
ATOM   1092 N NE2 . HIS B 1 38  ? -4.038  3.953   9.820   1.00 51.36 ? 35  HIS B NE2 1 
ATOM   1093 N N   . GLU B 1 39  ? -3.224  1.454   13.108  1.00 55.73 ? 36  GLU B N   1 
ATOM   1094 C CA  . GLU B 1 39  ? -4.596  1.180   13.536  1.00 56.05 ? 36  GLU B CA  1 
ATOM   1095 C C   . GLU B 1 39  ? -5.478  2.346   13.106  1.00 55.24 ? 36  GLU B C   1 
ATOM   1096 O O   . GLU B 1 39  ? -5.064  3.501   13.152  1.00 55.04 ? 36  GLU B O   1 
ATOM   1097 C CB  . GLU B 1 39  ? -4.661  1.051   15.057  1.00 56.63 ? 36  GLU B CB  1 
ATOM   1098 C CG  . GLU B 1 39  ? -4.157  2.327   15.794  1.00 59.89 ? 36  GLU B CG  1 
ATOM   1099 C CD  . GLU B 1 39  ? -2.616  2.377   15.967  1.00 64.26 ? 36  GLU B CD  1 
ATOM   1100 O OE1 . GLU B 1 39  ? -2.010  1.299   16.164  1.00 67.34 ? 36  GLU B OE1 1 
ATOM   1101 O OE2 . GLU B 1 39  ? -2.008  3.480   15.924  1.00 64.58 ? 36  GLU B OE2 1 
ATOM   1102 N N   . SER B 1 40  ? -6.695  2.065   12.673  1.00 54.79 ? 37  SER B N   1 
ATOM   1103 C CA  . SER B 1 40  ? -7.613  3.166   12.374  1.00 54.52 ? 37  SER B CA  1 
ATOM   1104 C C   . SER B 1 40  ? -9.026  2.720   12.042  1.00 54.20 ? 37  SER B C   1 
ATOM   1105 O O   . SER B 1 40  ? -9.305  1.534   11.905  1.00 53.95 ? 37  SER B O   1 
ATOM   1106 C CB  . SER B 1 40  ? -7.074  4.071   11.258  1.00 54.57 ? 37  SER B CB  1 
ATOM   1107 O OG  . SER B 1 40  ? -7.140  3.445   9.972   1.00 55.06 ? 37  SER B OG  1 
ATOM   1108 N N   . TRP B 1 41  ? -9.904  3.709   11.935  1.00 54.22 ? 38  TRP B N   1 
ATOM   1109 C CA  . TRP B 1 41  ? -11.298 3.518   11.595  1.00 54.08 ? 38  TRP B CA  1 
ATOM   1110 C C   . TRP B 1 41  ? -11.532 4.176   10.248  1.00 54.58 ? 38  TRP B C   1 
ATOM   1111 O O   . TRP B 1 41  ? -11.547 5.395   10.168  1.00 54.83 ? 38  TRP B O   1 
ATOM   1112 C CB  . TRP B 1 41  ? -12.184 4.181   12.647  1.00 53.65 ? 38  TRP B CB  1 
ATOM   1113 C CG  . TRP B 1 41  ? -12.309 3.400   13.932  1.00 53.00 ? 38  TRP B CG  1 
ATOM   1114 C CD1 . TRP B 1 41  ? -11.651 3.639   15.099  1.00 51.93 ? 38  TRP B CD1 1 
ATOM   1115 C CD2 . TRP B 1 41  ? -13.145 2.250   14.169  1.00 51.66 ? 38  TRP B CD2 1 
ATOM   1116 N NE1 . TRP B 1 41  ? -12.027 2.717   16.049  1.00 51.56 ? 38  TRP B NE1 1 
ATOM   1117 C CE2 . TRP B 1 41  ? -12.942 1.856   15.502  1.00 50.95 ? 38  TRP B CE2 1 
ATOM   1118 C CE3 . TRP B 1 41  ? -14.043 1.518   13.379  1.00 51.39 ? 38  TRP B CE3 1 
ATOM   1119 C CZ2 . TRP B 1 41  ? -13.599 0.764   16.065  1.00 50.58 ? 38  TRP B CZ2 1 
ATOM   1120 C CZ3 . TRP B 1 41  ? -14.701 0.435   13.944  1.00 49.83 ? 38  TRP B CZ3 1 
ATOM   1121 C CH2 . TRP B 1 41  ? -14.477 0.071   15.272  1.00 49.48 ? 38  TRP B CH2 1 
ATOM   1122 N N   . GLN B 1 42  ? -11.691 3.379   9.189   1.00 54.93 ? 39  GLN B N   1 
ATOM   1123 C CA  . GLN B 1 42  ? -11.948 3.917   7.855   1.00 55.20 ? 39  GLN B CA  1 
ATOM   1124 C C   . GLN B 1 42  ? -13.398 3.714   7.449   1.00 55.08 ? 39  GLN B C   1 
ATOM   1125 O O   . GLN B 1 42  ? -14.066 2.822   7.960   1.00 54.84 ? 39  GLN B O   1 
ATOM   1126 C CB  . GLN B 1 42  ? -11.047 3.259   6.820   1.00 55.27 ? 39  GLN B CB  1 
ATOM   1127 C CG  . GLN B 1 42  ? -9.579  3.357   7.132   1.00 57.40 ? 39  GLN B CG  1 
ATOM   1128 C CD  . GLN B 1 42  ? -9.054  4.745   6.940   1.00 58.33 ? 39  GLN B CD  1 
ATOM   1129 O OE1 . GLN B 1 42  ? -9.324  5.375   5.922   1.00 60.33 ? 39  GLN B OE1 1 
ATOM   1130 N NE2 . GLN B 1 42  ? -8.293  5.236   7.910   1.00 57.61 ? 39  GLN B NE2 1 
ATOM   1131 N N   . GLU B 1 43  ? -13.861 4.555   6.523   1.00 55.30 ? 40  GLU B N   1 
ATOM   1132 C CA  . GLU B 1 43  ? -15.202 4.488   5.939   1.00 55.49 ? 40  GLU B CA  1 
ATOM   1133 C C   . GLU B 1 43  ? -15.219 3.510   4.761   1.00 55.29 ? 40  GLU B C   1 
ATOM   1134 O O   . GLU B 1 43  ? -14.295 3.489   3.954   1.00 55.46 ? 40  GLU B O   1 
ATOM   1135 C CB  . GLU B 1 43  ? -15.651 5.883   5.468   1.00 55.46 ? 40  GLU B CB  1 
ATOM   1136 C CG  . GLU B 1 43  ? -17.131 5.994   5.110   1.00 56.29 ? 40  GLU B CG  1 
ATOM   1137 C CD  . GLU B 1 43  ? -18.025 5.922   6.339   1.00 57.61 ? 40  GLU B CD  1 
ATOM   1138 O OE1 . GLU B 1 43  ? -17.482 5.733   7.449   1.00 58.92 ? 40  GLU B OE1 1 
ATOM   1139 O OE2 . GLU B 1 43  ? -19.264 6.050   6.207   1.00 57.69 ? 40  GLU B OE2 1 
ATOM   1140 N N   . GLU B 1 44  ? -16.255 2.683   4.685   1.00 55.12 ? 41  GLU B N   1 
ATOM   1141 C CA  . GLU B 1 44  ? -16.419 1.768   3.563   1.00 54.90 ? 41  GLU B CA  1 
ATOM   1142 C C   . GLU B 1 44  ? -17.875 1.373   3.363   1.00 54.55 ? 41  GLU B C   1 
ATOM   1143 O O   . GLU B 1 44  ? -18.469 0.677   4.189   1.00 54.24 ? 41  GLU B O   1 
ATOM   1144 C CB  . GLU B 1 44  ? -15.571 0.517   3.741   1.00 54.80 ? 41  GLU B CB  1 
ATOM   1145 C CG  . GLU B 1 44  ? -15.480 -0.298  2.456   1.00 57.04 ? 41  GLU B CG  1 
ATOM   1146 C CD  . GLU B 1 44  ? -14.742 -1.619  2.626   1.00 59.49 ? 41  GLU B CD  1 
ATOM   1147 O OE1 . GLU B 1 44  ? -14.927 -2.280  3.674   1.00 60.92 ? 41  GLU B OE1 1 
ATOM   1148 O OE2 . GLU B 1 44  ? -13.992 -2.005  1.701   1.00 59.60 ? 41  GLU B OE2 1 
ATOM   1149 N N   . ASN B 1 45  ? -18.444 1.811   2.251   1.00 54.56 ? 42  ASN B N   1 
ATOM   1150 C CA  . ASN B 1 45  ? -19.832 1.512   1.969   1.00 54.82 ? 42  ASN B CA  1 
ATOM   1151 C C   . ASN B 1 45  ? -20.704 1.962   3.131   1.00 54.95 ? 42  ASN B C   1 
ATOM   1152 O O   . ASN B 1 45  ? -21.504 1.192   3.647   1.00 54.69 ? 42  ASN B O   1 
ATOM   1153 C CB  . ASN B 1 45  ? -20.020 0.017   1.731   1.00 54.51 ? 42  ASN B CB  1 
ATOM   1154 C CG  . ASN B 1 45  ? -21.075 -0.268  0.691   1.00 54.74 ? 42  ASN B CG  1 
ATOM   1155 O OD1 . ASN B 1 45  ? -21.345 0.555   -0.177  1.00 55.05 ? 42  ASN B OD1 1 
ATOM   1156 N ND2 . ASN B 1 45  ? -21.678 -1.435  0.769   1.00 55.89 ? 42  ASN B ND2 1 
ATOM   1157 N N   . GLY B 1 46  ? -20.515 3.207   3.554   1.00 55.28 ? 43  GLY B N   1 
ATOM   1158 C CA  . GLY B 1 46  ? -21.325 3.798   4.610   1.00 55.76 ? 43  GLY B CA  1 
ATOM   1159 C C   . GLY B 1 46  ? -21.146 3.250   6.020   1.00 56.12 ? 43  GLY B C   1 
ATOM   1160 O O   . GLY B 1 46  ? -21.868 3.660   6.931   1.00 56.04 ? 43  GLY B O   1 
ATOM   1161 N N   . GLN B 1 47  ? -20.204 2.323   6.214   1.00 56.49 ? 44  GLN B N   1 
ATOM   1162 C CA  . GLN B 1 47  ? -19.904 1.799   7.560   1.00 56.70 ? 44  GLN B CA  1 
ATOM   1163 C C   . GLN B 1 47  ? -18.510 2.205   8.033   1.00 56.70 ? 44  GLN B C   1 
ATOM   1164 O O   . GLN B 1 47  ? -17.562 2.234   7.262   1.00 56.36 ? 44  GLN B O   1 
ATOM   1165 C CB  . GLN B 1 47  ? -20.031 0.276   7.609   1.00 56.77 ? 44  GLN B CB  1 
ATOM   1166 C CG  . GLN B 1 47  ? -21.103 -0.295  6.700   1.00 57.89 ? 44  GLN B CG  1 
ATOM   1167 C CD  . GLN B 1 47  ? -22.506 0.180   7.066   1.00 59.67 ? 44  GLN B CD  1 
ATOM   1168 O OE1 . GLN B 1 47  ? -22.840 0.301   8.248   1.00 60.52 ? 44  GLN B OE1 1 
ATOM   1169 N NE2 . GLN B 1 47  ? -23.340 0.441   6.049   1.00 59.35 ? 44  GLN B NE2 1 
ATOM   1170 N N   . GLN B 1 48  ? -18.404 2.526   9.313   1.00 57.15 ? 45  GLN B N   1 
ATOM   1171 C CA  . GLN B 1 48  ? -17.126 2.769   9.950   1.00 57.52 ? 45  GLN B CA  1 
ATOM   1172 C C   . GLN B 1 48  ? -16.405 1.426   10.140  1.00 57.32 ? 45  GLN B C   1 
ATOM   1173 O O   . GLN B 1 48  ? -17.043 0.422   10.432  1.00 57.38 ? 45  GLN B O   1 
ATOM   1174 C CB  . GLN B 1 48  ? -17.368 3.444   11.298  1.00 58.08 ? 45  GLN B CB  1 
ATOM   1175 C CG  . GLN B 1 48  ? -17.527 4.961   11.251  1.00 59.72 ? 45  GLN B CG  1 
ATOM   1176 C CD  . GLN B 1 48  ? -16.202 5.675   11.550  1.00 62.76 ? 45  GLN B CD  1 
ATOM   1177 O OE1 . GLN B 1 48  ? -16.022 6.270   12.625  1.00 64.41 ? 45  GLN B OE1 1 
ATOM   1178 N NE2 . GLN B 1 48  ? -15.261 5.589   10.613  1.00 62.36 ? 45  GLN B NE2 1 
ATOM   1179 N N   . CYS B 1 49  ? -15.081 1.411   9.981   1.00 57.14 ? 46  CYS B N   1 
ATOM   1180 C CA  . CYS B 1 49  ? -14.309 0.163   9.966   1.00 56.73 ? 46  CYS B CA  1 
ATOM   1181 C C   . CYS B 1 49  ? -13.003 0.184   10.706  1.00 55.86 ? 46  CYS B C   1 
ATOM   1182 O O   . CYS B 1 49  ? -12.154 1.026   10.449  1.00 55.74 ? 46  CYS B O   1 
ATOM   1183 C CB  . CYS B 1 49  ? -13.967 -0.209  8.545   1.00 56.84 ? 46  CYS B CB  1 
ATOM   1184 S SG  . CYS B 1 49  ? -15.187 -1.287  7.956   1.00 60.21 ? 46  CYS B SG  1 
ATOM   1185 N N   . LEU B 1 50  ? -12.817 -0.788  11.584  1.00 55.03 ? 47  LEU B N   1 
ATOM   1186 C CA  . LEU B 1 50  ? -11.577 -0.896  12.319  1.00 53.91 ? 47  LEU B CA  1 
ATOM   1187 C C   . LEU B 1 50  ? -10.561 -1.652  11.481  1.00 53.57 ? 47  LEU B C   1 
ATOM   1188 O O   . LEU B 1 50  ? -10.787 -2.785  11.109  1.00 53.56 ? 47  LEU B O   1 
ATOM   1189 C CB  . LEU B 1 50  ? -11.803 -1.596  13.648  1.00 53.34 ? 47  LEU B CB  1 
ATOM   1190 C CG  . LEU B 1 50  ? -10.504 -1.855  14.386  1.00 52.34 ? 47  LEU B CG  1 
ATOM   1191 C CD1 . LEU B 1 50  ? -9.714  -0.558  14.546  1.00 51.73 ? 47  LEU B CD1 1 
ATOM   1192 C CD2 . LEU B 1 50  ? -10.793 -2.481  15.711  1.00 51.12 ? 47  LEU B CD2 1 
ATOM   1193 N N   . VAL B 1 51  ? -9.442  -1.003  11.196  1.00 53.38 ? 48  VAL B N   1 
ATOM   1194 C CA  . VAL B 1 51  ? -8.429  -1.533  10.296  1.00 53.42 ? 48  VAL B CA  1 
ATOM   1195 C C   . VAL B 1 51  ? -7.086  -1.713  11.016  1.00 53.45 ? 48  VAL B C   1 
ATOM   1196 O O   . VAL B 1 51  ? -6.585  -0.779  11.630  1.00 54.02 ? 48  VAL B O   1 
ATOM   1197 C CB  . VAL B 1 51  ? -8.227  -0.580  9.113   1.00 53.31 ? 48  VAL B CB  1 
ATOM   1198 C CG1 . VAL B 1 51  ? -6.975  -0.926  8.379   1.00 53.09 ? 48  VAL B CG1 1 
ATOM   1199 C CG2 . VAL B 1 51  ? -9.438  -0.626  8.175   1.00 53.86 ? 48  VAL B CG2 1 
ATOM   1200 N N   . GLN B 1 52  ? -6.525  -2.917  10.964  1.00 53.22 ? 49  GLN B N   1 
ATOM   1201 C CA  . GLN B 1 52  ? -5.245  -3.198  11.583  1.00 53.10 ? 49  GLN B CA  1 
ATOM   1202 C C   . GLN B 1 52  ? -4.304  -3.617  10.464  1.00 52.69 ? 49  GLN B C   1 
ATOM   1203 O O   . GLN B 1 52  ? -4.668  -4.358  9.578   1.00 52.00 ? 49  GLN B O   1 
ATOM   1204 C CB  . GLN B 1 52  ? -5.327  -4.290  12.679  1.00 53.19 ? 49  GLN B CB  1 
ATOM   1205 C CG  . GLN B 1 52  ? -6.450  -4.124  13.794  1.00 55.21 ? 49  GLN B CG  1 
ATOM   1206 C CD  . GLN B 1 52  ? -6.166  -3.127  15.016  1.00 56.82 ? 49  GLN B CD  1 
ATOM   1207 O OE1 . GLN B 1 52  ? -5.053  -2.622  15.253  1.00 56.47 ? 49  GLN B OE1 1 
ATOM   1208 N NE2 . GLN B 1 52  ? -7.213  -2.880  15.778  1.00 55.61 ? 49  GLN B NE2 1 
ATOM   1209 N N   . LEU B 1 53  ? -3.080  -3.115  10.521  1.00 52.94 ? 50  LEU B N   1 
ATOM   1210 C CA  . LEU B 1 53  ? -2.099  -3.342  9.490   1.00 52.64 ? 50  LEU B CA  1 
ATOM   1211 C C   . LEU B 1 53  ? -0.691  -3.254  10.061  1.00 53.03 ? 50  LEU B C   1 
ATOM   1212 O O   . LEU B 1 53  ? -0.332  -2.275  10.717  1.00 53.00 ? 50  LEU B O   1 
ATOM   1213 C CB  . LEU B 1 53  ? -2.267  -2.310  8.380   1.00 52.50 ? 50  LEU B CB  1 
ATOM   1214 C CG  . LEU B 1 53  ? -1.161  -2.287  7.340   1.00 51.21 ? 50  LEU B CG  1 
ATOM   1215 C CD1 . LEU B 1 53  ? -1.323  -3.454  6.418   1.00 50.77 ? 50  LEU B CD1 1 
ATOM   1216 C CD2 . LEU B 1 53  ? -1.207  -1.005  6.577   1.00 49.08 ? 50  LEU B CD2 1 
ATOM   1217 N N   . GLU B 1 54  ? 0.088   -4.303  9.807   1.00 53.44 ? 51  GLU B N   1 
ATOM   1218 C CA  . GLU B 1 54  ? 1.505   -4.372  10.150  1.00 53.31 ? 51  GLU B CA  1 
ATOM   1219 C C   . GLU B 1 54  ? 2.295   -4.593  8.860   1.00 52.94 ? 51  GLU B C   1 
ATOM   1220 O O   . GLU B 1 54  ? 2.103   -5.600  8.190   1.00 52.71 ? 51  GLU B O   1 
ATOM   1221 C CB  . GLU B 1 54  ? 1.739   -5.534  11.096  1.00 53.18 ? 51  GLU B CB  1 
ATOM   1222 C CG  . GLU B 1 54  ? 2.974   -5.414  11.936  1.00 55.27 ? 51  GLU B CG  1 
ATOM   1223 C CD  . GLU B 1 54  ? 3.126   -6.591  12.875  1.00 58.24 ? 51  GLU B CD  1 
ATOM   1224 O OE1 . GLU B 1 54  ? 3.260   -7.713  12.355  1.00 59.56 ? 51  GLU B OE1 1 
ATOM   1225 O OE2 . GLU B 1 54  ? 3.113   -6.408  14.120  1.00 60.01 ? 51  GLU B OE2 1 
ATOM   1226 N N   . ILE B 1 55  ? 3.174   -3.654  8.509   1.00 52.52 ? 52  ILE B N   1 
ATOM   1227 C CA  . ILE B 1 55  ? 3.830   -3.673  7.207   1.00 52.03 ? 52  ILE B CA  1 
ATOM   1228 C C   . ILE B 1 55  ? 5.321   -3.344  7.293   1.00 52.21 ? 52  ILE B C   1 
ATOM   1229 O O   . ILE B 1 55  ? 5.711   -2.322  7.853   1.00 52.34 ? 52  ILE B O   1 
ATOM   1230 C CB  . ILE B 1 55  ? 3.126   -2.699  6.244   1.00 52.14 ? 52  ILE B CB  1 
ATOM   1231 C CG1 . ILE B 1 55  ? 3.454   -3.011  4.781   1.00 52.49 ? 52  ILE B CG1 1 
ATOM   1232 C CG2 . ILE B 1 55  ? 3.445   -1.244  6.588   1.00 51.16 ? 52  ILE B CG2 1 
ATOM   1233 C CD1 . ILE B 1 55  ? 2.692   -2.115  3.789   1.00 50.74 ? 52  ILE B CD1 1 
ATOM   1234 N N   . PRO B 1 56  ? 6.169   -4.203  6.721   1.00 51.99 ? 53  PRO B N   1 
ATOM   1235 C CA  . PRO B 1 56  ? 7.581   -3.855  6.738   1.00 52.12 ? 53  PRO B CA  1 
ATOM   1236 C C   . PRO B 1 56  ? 7.772   -2.576  5.931   1.00 52.32 ? 53  PRO B C   1 
ATOM   1237 O O   . PRO B 1 56  ? 6.913   -2.257  5.120   1.00 52.57 ? 53  PRO B O   1 
ATOM   1238 C CB  . PRO B 1 56  ? 8.260   -5.038  6.035   1.00 51.83 ? 53  PRO B CB  1 
ATOM   1239 C CG  . PRO B 1 56  ? 7.148   -5.930  5.532   1.00 52.02 ? 53  PRO B CG  1 
ATOM   1240 C CD  . PRO B 1 56  ? 5.844   -5.249  5.743   1.00 51.87 ? 53  PRO B CD  1 
ATOM   1241 N N   . ALA B 1 57  ? 8.873   -1.858  6.149   1.00 52.39 ? 54  ALA B N   1 
ATOM   1242 C CA  . ALA B 1 57  ? 9.147   -0.618  5.432   1.00 52.77 ? 54  ALA B CA  1 
ATOM   1243 C C   . ALA B 1 57  ? 10.635  -0.294  5.435   1.00 53.58 ? 54  ALA B C   1 
ATOM   1244 O O   . ALA B 1 57  ? 11.401  -0.848  6.227   1.00 53.68 ? 54  ALA B O   1 
ATOM   1245 C CB  . ALA B 1 57  ? 8.392   0.519   6.059   1.00 52.81 ? 54  ALA B CB  1 
ATOM   1246 N N   . ARG B 1 58  ? 11.030  0.652   4.590   1.00 53.88 ? 55  ARG B N   1 
ATOM   1247 C CA  . ARG B 1 58  ? 12.436  0.922   4.396   1.00 54.63 ? 55  ARG B CA  1 
ATOM   1248 C C   . ARG B 1 58  ? 12.729  2.368   3.971   1.00 54.86 ? 55  ARG B C   1 
ATOM   1249 O O   . ARG B 1 58  ? 12.156  2.864   2.996   1.00 54.70 ? 55  ARG B O   1 
ATOM   1250 C CB  . ARG B 1 58  ? 12.975  -0.031  3.339   1.00 55.03 ? 55  ARG B CB  1 
ATOM   1251 C CG  . ARG B 1 58  ? 14.437  -0.290  3.453   1.00 56.02 ? 55  ARG B CG  1 
ATOM   1252 C CD  . ARG B 1 58  ? 15.090  0.031   2.144   1.00 59.87 ? 55  ARG B CD  1 
ATOM   1253 N NE  . ARG B 1 58  ? 15.002  -1.030  1.151   1.00 61.90 ? 55  ARG B NE  1 
ATOM   1254 C CZ  . ARG B 1 58  ? 15.150  -0.833  -0.161  1.00 63.67 ? 55  ARG B CZ  1 
ATOM   1255 N NH1 . ARG B 1 58  ? 15.372  0.392   -0.640  1.00 63.35 ? 55  ARG B NH1 1 
ATOM   1256 N NH2 . ARG B 1 58  ? 15.058  -1.858  -1.003  1.00 64.28 ? 55  ARG B NH2 1 
ATOM   1257 N N   . ILE B 1 59  ? 13.634  3.028   4.694   1.00 54.58 ? 56  ILE B N   1 
ATOM   1258 C CA  . ILE B 1 59  ? 14.052  4.380   4.348   1.00 54.58 ? 56  ILE B CA  1 
ATOM   1259 C C   . ILE B 1 59  ? 15.499  4.385   3.877   1.00 54.33 ? 56  ILE B C   1 
ATOM   1260 O O   . ILE B 1 59  ? 16.233  3.442   4.138   1.00 54.47 ? 56  ILE B O   1 
ATOM   1261 C CB  . ILE B 1 59  ? 13.940  5.336   5.543   1.00 54.67 ? 56  ILE B CB  1 
ATOM   1262 C CG1 . ILE B 1 59  ? 12.746  4.956   6.420   1.00 54.84 ? 56  ILE B CG1 1 
ATOM   1263 C CG2 . ILE B 1 59  ? 13.824  6.770   5.051   1.00 55.08 ? 56  ILE B CG2 1 
ATOM   1264 C CD1 . ILE B 1 59  ? 12.531  5.879   7.598   1.00 53.10 ? 56  ILE B CD1 1 
ATOM   1265 N N   . LEU B 1 60  ? 15.908  5.453   3.196   1.00 54.05 ? 57  LEU B N   1 
ATOM   1266 C CA  . LEU B 1 60  ? 17.296  5.582   2.704   1.00 53.50 ? 57  LEU B CA  1 
ATOM   1267 C C   . LEU B 1 60  ? 17.961  6.890   3.098   1.00 52.98 ? 57  LEU B C   1 
ATOM   1268 O O   . LEU B 1 60  ? 17.321  7.814   3.573   1.00 52.86 ? 57  LEU B O   1 
ATOM   1269 C CB  . LEU B 1 60  ? 17.373  5.440   1.176   1.00 53.29 ? 57  LEU B CB  1 
ATOM   1270 C CG  . LEU B 1 60  ? 17.209  4.049   0.562   1.00 53.36 ? 57  LEU B CG  1 
ATOM   1271 C CD1 . LEU B 1 60  ? 17.330  4.153   -0.956  1.00 54.16 ? 57  LEU B CD1 1 
ATOM   1272 C CD2 . LEU B 1 60  ? 18.235  3.063   1.116   1.00 53.07 ? 57  LEU B CD2 1 
ATOM   1273 N N   . GLY B 1 61  ? 19.269  6.943   2.889   1.00 53.09 ? 58  GLY B N   1 
ATOM   1274 C CA  . GLY B 1 61  ? 20.059  8.153   3.080   1.00 52.45 ? 58  GLY B CA  1 
ATOM   1275 C C   . GLY B 1 61  ? 19.671  9.007   4.265   1.00 52.18 ? 58  GLY B C   1 
ATOM   1276 O O   . GLY B 1 61  ? 19.520  8.538   5.388   1.00 51.93 ? 58  GLY B O   1 
ATOM   1277 N N   . ARG B 1 62  ? 19.505  10.286  3.997   1.00 52.33 ? 59  ARG B N   1 
ATOM   1278 C CA  . ARG B 1 62  ? 19.404  11.279  5.045   1.00 52.84 ? 59  ARG B CA  1 
ATOM   1279 C C   . ARG B 1 62  ? 18.431  10.940  6.191   1.00 53.23 ? 59  ARG B C   1 
ATOM   1280 O O   . ARG B 1 62  ? 18.843  10.834  7.342   1.00 52.68 ? 59  ARG B O   1 
ATOM   1281 C CB  . ARG B 1 62  ? 19.096  12.633  4.410   1.00 52.93 ? 59  ARG B CB  1 
ATOM   1282 C CG  . ARG B 1 62  ? 19.177  13.753  5.367   1.00 53.57 ? 59  ARG B CG  1 
ATOM   1283 C CD  . ARG B 1 62  ? 19.390  15.054  4.665   1.00 56.40 ? 59  ARG B CD  1 
ATOM   1284 N NE  . ARG B 1 62  ? 19.213  16.085  5.666   1.00 59.39 ? 59  ARG B NE  1 
ATOM   1285 C CZ  . ARG B 1 62  ? 18.198  16.067  6.520   1.00 61.08 ? 59  ARG B CZ  1 
ATOM   1286 N NH1 . ARG B 1 62  ? 17.275  15.114  6.405   1.00 62.48 ? 59  ARG B NH1 1 
ATOM   1287 N NH2 . ARG B 1 62  ? 18.095  16.988  7.472   1.00 61.82 ? 59  ARG B NH2 1 
ATOM   1288 N N   . GLN B 1 63  ? 17.144  10.775  5.874   1.00 53.94 ? 60  GLN B N   1 
ATOM   1289 C CA  . GLN B 1 63  ? 16.128  10.509  6.893   1.00 54.40 ? 60  GLN B CA  1 
ATOM   1290 C C   . GLN B 1 63  ? 16.302  9.182   7.627   1.00 54.74 ? 60  GLN B C   1 
ATOM   1291 O O   . GLN B 1 63  ? 15.946  9.065   8.799   1.00 54.98 ? 60  GLN B O   1 
ATOM   1292 C CB  . GLN B 1 63  ? 14.749  10.567  6.271   1.00 54.90 ? 60  GLN B CB  1 
ATOM   1293 C CG  . GLN B 1 63  ? 14.439  11.918  5.647   1.00 55.40 ? 60  GLN B CG  1 
ATOM   1294 C CD  . GLN B 1 63  ? 13.131  11.907  4.889   1.00 54.80 ? 60  GLN B CD  1 
ATOM   1295 O OE1 . GLN B 1 63  ? 12.289  12.775  5.088   1.00 55.45 ? 60  GLN B OE1 1 
ATOM   1296 N NE2 . GLN B 1 63  ? 12.954  10.912  4.014   1.00 53.64 ? 60  GLN B NE2 1 
ATOM   1297 N N   . ALA B 1 64  ? 16.839  8.177   6.949   1.00 54.99 ? 61  ALA B N   1 
ATOM   1298 C CA  . ALA B 1 64  ? 17.260  6.959   7.646   1.00 55.53 ? 61  ALA B CA  1 
ATOM   1299 C C   . ALA B 1 64  ? 18.146  7.275   8.862   1.00 56.07 ? 61  ALA B C   1 
ATOM   1300 O O   . ALA B 1 64  ? 18.161  6.515   9.825   1.00 56.43 ? 61  ALA B O   1 
ATOM   1301 C CB  . ALA B 1 64  ? 17.961  5.993   6.698   1.00 54.99 ? 61  ALA B CB  1 
ATOM   1302 N N   . GLU B 1 65  ? 18.875  8.394   8.818   1.00 56.44 ? 62  GLU B N   1 
ATOM   1303 C CA  . GLU B 1 65  ? 19.692  8.849   9.951   1.00 56.87 ? 62  GLU B CA  1 
ATOM   1304 C C   . GLU B 1 65  ? 18.884  9.424   11.094  1.00 56.82 ? 62  GLU B C   1 
ATOM   1305 O O   . GLU B 1 65  ? 19.096  9.073   12.254  1.00 56.77 ? 62  GLU B O   1 
ATOM   1306 C CB  . GLU B 1 65  ? 20.658  9.956   9.522   1.00 57.33 ? 62  GLU B CB  1 
ATOM   1307 C CG  . GLU B 1 65  ? 22.101  9.567   9.547   1.00 58.88 ? 62  GLU B CG  1 
ATOM   1308 C CD  . GLU B 1 65  ? 22.342  8.335   8.725   1.00 62.03 ? 62  GLU B CD  1 
ATOM   1309 O OE1 . GLU B 1 65  ? 21.625  8.189   7.701   1.00 63.65 ? 62  GLU B OE1 1 
ATOM   1310 O OE2 . GLU B 1 65  ? 23.218  7.511   9.113   1.00 62.33 ? 62  GLU B OE2 1 
ATOM   1311 N N   . GLU B 1 66  ? 17.995  10.353  10.758  1.00 56.76 ? 63  GLU B N   1 
ATOM   1312 C CA  . GLU B 1 66  ? 17.235  11.082  11.755  1.00 56.54 ? 63  GLU B CA  1 
ATOM   1313 C C   . GLU B 1 66  ? 16.205  10.203  12.416  1.00 56.20 ? 63  GLU B C   1 
ATOM   1314 O O   . GLU B 1 66  ? 15.743  10.502  13.502  1.00 56.33 ? 63  GLU B O   1 
ATOM   1315 C CB  . GLU B 1 66  ? 16.547  12.265  11.102  1.00 56.86 ? 63  GLU B CB  1 
ATOM   1316 C CG  . GLU B 1 66  ? 17.532  13.193  10.415  1.00 58.02 ? 63  GLU B CG  1 
ATOM   1317 C CD  . GLU B 1 66  ? 16.948  13.870  9.197   1.00 59.74 ? 63  GLU B CD  1 
ATOM   1318 O OE1 . GLU B 1 66  ? 15.727  13.710  8.934   1.00 60.86 ? 63  GLU B OE1 1 
ATOM   1319 O OE2 . GLU B 1 66  ? 17.721  14.558  8.498   1.00 59.79 ? 63  GLU B OE2 1 
ATOM   1320 N N   . TRP B 1 67  ? 15.853  9.104   11.770  1.00 55.86 ? 64  TRP B N   1 
ATOM   1321 C CA  . TRP B 1 67  ? 14.764  8.285   12.288  1.00 56.01 ? 64  TRP B CA  1 
ATOM   1322 C C   . TRP B 1 67  ? 15.179  6.972   12.942  1.00 55.74 ? 64  TRP B C   1 
ATOM   1323 O O   . TRP B 1 67  ? 14.328  6.258   13.453  1.00 55.82 ? 64  TRP B O   1 
ATOM   1324 C CB  . TRP B 1 67  ? 13.677  8.072   11.218  1.00 55.97 ? 64  TRP B CB  1 
ATOM   1325 C CG  . TRP B 1 67  ? 12.883  9.335   11.025  1.00 56.63 ? 64  TRP B CG  1 
ATOM   1326 C CD1 . TRP B 1 67  ? 13.211  10.404  10.234  1.00 56.51 ? 64  TRP B CD1 1 
ATOM   1327 C CD2 . TRP B 1 67  ? 11.670  9.690   11.698  1.00 56.84 ? 64  TRP B CD2 1 
ATOM   1328 N NE1 . TRP B 1 67  ? 12.263  11.392  10.357  1.00 56.56 ? 64  TRP B NE1 1 
ATOM   1329 C CE2 . TRP B 1 67  ? 11.307  10.982  11.249  1.00 56.99 ? 64  TRP B CE2 1 
ATOM   1330 C CE3 . TRP B 1 67  ? 10.844  9.034   12.620  1.00 54.79 ? 64  TRP B CE3 1 
ATOM   1331 C CZ2 . TRP B 1 67  ? 10.152  11.623  11.687  1.00 56.34 ? 64  TRP B CZ2 1 
ATOM   1332 C CZ3 . TRP B 1 67  ? 9.712   9.664   13.049  1.00 55.45 ? 64  TRP B CZ3 1 
ATOM   1333 C CH2 . TRP B 1 67  ? 9.368   10.952  12.581  1.00 56.47 ? 64  TRP B CH2 1 
ATOM   1334 N N   . GLN B 1 68  ? 16.471  6.666   12.966  1.00 55.05 ? 65  GLN B N   1 
ATOM   1335 C CA  . GLN B 1 68  ? 16.905  5.392   13.520  1.00 54.55 ? 65  GLN B CA  1 
ATOM   1336 C C   . GLN B 1 68  ? 16.587  5.199   15.008  1.00 54.54 ? 65  GLN B C   1 
ATOM   1337 O O   . GLN B 1 68  ? 16.459  4.069   15.460  1.00 54.62 ? 65  GLN B O   1 
ATOM   1338 C CB  . GLN B 1 68  ? 18.395  5.153   13.256  1.00 54.42 ? 65  GLN B CB  1 
ATOM   1339 C CG  . GLN B 1 68  ? 19.300  6.232   13.788  1.00 53.52 ? 65  GLN B CG  1 
ATOM   1340 C CD  . GLN B 1 68  ? 20.740  6.004   13.411  1.00 52.04 ? 65  GLN B CD  1 
ATOM   1341 O OE1 . GLN B 1 68  ? 21.264  4.913   13.572  1.00 51.94 ? 65  GLN B OE1 1 
ATOM   1342 N NE2 . GLN B 1 68  ? 21.388  7.037   12.904  1.00 51.83 ? 65  GLN B NE2 1 
ATOM   1343 N N   . TYR B 1 69  ? 16.461  6.269   15.782  1.00 54.40 ? 66  TYR B N   1 
ATOM   1344 C CA  . TYR B 1 69  ? 16.179  6.074   17.208  1.00 54.38 ? 66  TYR B CA  1 
ATOM   1345 C C   . TYR B 1 69  ? 14.699  6.190   17.630  1.00 54.43 ? 66  TYR B C   1 
ATOM   1346 O O   . TYR B 1 69  ? 14.368  6.054   18.806  1.00 54.39 ? 66  TYR B O   1 
ATOM   1347 C CB  . TYR B 1 69  ? 17.089  6.941   18.075  1.00 54.07 ? 66  TYR B CB  1 
ATOM   1348 C CG  . TYR B 1 69  ? 18.549  6.663   17.818  1.00 54.40 ? 66  TYR B CG  1 
ATOM   1349 C CD1 . TYR B 1 69  ? 19.076  5.383   17.997  1.00 54.15 ? 66  TYR B CD1 1 
ATOM   1350 C CD2 . TYR B 1 69  ? 19.407  7.678   17.395  1.00 54.13 ? 66  TYR B CD2 1 
ATOM   1351 C CE1 . TYR B 1 69  ? 20.403  5.126   17.751  1.00 53.19 ? 66  TYR B CE1 1 
ATOM   1352 C CE2 . TYR B 1 69  ? 20.730  7.428   17.149  1.00 52.94 ? 66  TYR B CE2 1 
ATOM   1353 C CZ  . TYR B 1 69  ? 21.220  6.154   17.326  1.00 53.35 ? 66  TYR B CZ  1 
ATOM   1354 O OH  . TYR B 1 69  ? 22.545  5.916   17.079  1.00 54.82 ? 66  TYR B OH  1 
ATOM   1355 N N   . ARG B 1 70  ? 13.812  6.411   16.670  1.00 54.49 ? 67  ARG B N   1 
ATOM   1356 C CA  . ARG B 1 70  ? 12.384  6.568   16.972  1.00 54.88 ? 67  ARG B CA  1 
ATOM   1357 C C   . ARG B 1 70  ? 11.632  5.235   17.153  1.00 55.33 ? 67  ARG B C   1 
ATOM   1358 O O   . ARG B 1 70  ? 11.142  4.656   16.198  1.00 55.61 ? 67  ARG B O   1 
ATOM   1359 C CB  . ARG B 1 70  ? 11.713  7.389   15.873  1.00 54.60 ? 67  ARG B CB  1 
ATOM   1360 C CG  . ARG B 1 70  ? 12.562  8.534   15.333  1.00 53.27 ? 67  ARG B CG  1 
ATOM   1361 C CD  . ARG B 1 70  ? 12.677  9.622   16.337  1.00 50.98 ? 67  ARG B CD  1 
ATOM   1362 N NE  . ARG B 1 70  ? 12.853  10.932  15.718  1.00 51.51 ? 67  ARG B NE  1 
ATOM   1363 C CZ  . ARG B 1 70  ? 11.859  11.784  15.458  1.00 51.48 ? 67  ARG B CZ  1 
ATOM   1364 N NH1 . ARG B 1 70  ? 10.601  11.464  15.738  1.00 50.92 ? 67  ARG B NH1 1 
ATOM   1365 N NH2 . ARG B 1 70  ? 12.122  12.965  14.916  1.00 50.55 ? 67  ARG B NH2 1 
ATOM   1366 N N   . GLN B 1 71  ? 11.580  4.770   18.491  1.00 55.86 ? 68  GLN B N   1 
ATOM   1367 C CA  . GLN B 1 71  ? 10.953  3.480   18.643  1.00 56.06 ? 68  GLN B CA  1 
ATOM   1368 C C   . GLN B 1 71  ? 9.458   3.668   18.717  1.00 56.96 ? 68  GLN B C   1 
ATOM   1369 O O   . GLN B 1 71  ? 8.716   3.229   17.841  1.00 57.19 ? 68  GLN B O   1 
ATOM   1370 C CB  . GLN B 1 71  ? 11.455  2.777   19.900  1.00 56.05 ? 68  GLN B CB  1 
ATOM   1371 C CG  . GLN B 1 71  ? 11.163  1.274   19.926  1.00 54.86 ? 68  GLN B CG  1 
ATOM   1372 C CD  . GLN B 1 71  ? 11.642  0.553   18.669  1.00 53.01 ? 68  GLN B CD  1 
ATOM   1373 O OE1 . GLN B 1 71  ? 11.608  1.102   17.563  1.00 52.41 ? 68  GLN B OE1 1 
ATOM   1374 N NE2 . GLN B 1 71  ? 12.083  -0.683  18.836  1.00 50.98 ? 68  GLN B NE2 1 
ATOM   1375 N N   . GLY B 1 72  ? 8.969   4.320   19.686  1.00 57.71 ? 69  GLY B N   1 
ATOM   1376 C CA  . GLY B 1 72  ? 7.535   4.408   19.931  1.00 58.42 ? 69  GLY B CA  1 
ATOM   1377 C C   . GLY B 1 72  ? 6.894   5.600   19.260  1.00 58.82 ? 69  GLY B C   1 
ATOM   1378 O O   . GLY B 1 72  ? 5.838   6.065   19.686  1.00 59.24 ? 69  GLY B O   1 
ATOM   1379 N N   . ASP B 1 73  ? 7.524   6.096   18.203  1.00 59.10 ? 70  ASP B N   1 
ATOM   1380 C CA  . ASP B 1 73  ? 7.045   7.305   17.541  1.00 59.22 ? 70  ASP B CA  1 
ATOM   1381 C C   . ASP B 1 73  ? 6.027   7.021   16.459  1.00 58.80 ? 70  ASP B C   1 
ATOM   1382 O O   . ASP B 1 73  ? 6.120   6.023   15.770  1.00 58.86 ? 70  ASP B O   1 
ATOM   1383 C CB  . ASP B 1 73  ? 8.221   8.091   16.979  1.00 59.22 ? 70  ASP B CB  1 
ATOM   1384 C CG  . ASP B 1 73  ? 9.068   8.662   18.061  1.00 60.51 ? 70  ASP B CG  1 
ATOM   1385 O OD1 . ASP B 1 73  ? 8.482   9.024   19.103  1.00 62.26 ? 70  ASP B OD1 1 
ATOM   1386 O OD2 . ASP B 1 73  ? 10.305  8.741   17.897  1.00 62.78 ? 70  ASP B OD2 1 
ATOM   1387 N N   . CYS B 1 74  ? 5.055   7.916   16.337  1.00 58.81 ? 71  CYS B N   1 
ATOM   1388 C CA  . CYS B 1 74  ? 4.006   7.839   15.322  1.00 59.14 ? 71  CYS B CA  1 
ATOM   1389 C C   . CYS B 1 74  ? 4.355   8.775   14.154  1.00 59.01 ? 71  CYS B C   1 
ATOM   1390 O O   . CYS B 1 74  ? 4.692   9.942   14.364  1.00 59.10 ? 71  CYS B O   1 
ATOM   1391 C CB  . CYS B 1 74  ? 2.651   8.224   15.939  1.00 58.85 ? 71  CYS B CB  1 
ATOM   1392 S SG  . CYS B 1 74  ? 1.265   8.373   14.755  1.00 61.13 ? 71  CYS B SG  1 
ATOM   1393 N N   . ALA B 1 75  ? 4.277   8.282   12.922  1.00 58.73 ? 72  ALA B N   1 
ATOM   1394 C CA  . ALA B 1 75  ? 4.726   9.106   11.796  1.00 58.71 ? 72  ALA B CA  1 
ATOM   1395 C C   . ALA B 1 75  ? 3.775   9.103   10.603  1.00 58.58 ? 72  ALA B C   1 
ATOM   1396 O O   . ALA B 1 75  ? 3.142   8.089   10.345  1.00 58.78 ? 72  ALA B O   1 
ATOM   1397 C CB  . ALA B 1 75  ? 6.110   8.656   11.354  1.00 58.55 ? 72  ALA B CB  1 
ATOM   1398 N N   . THR B 1 76  ? 3.659   10.221  9.883   1.00 58.24 ? 73  THR B N   1 
ATOM   1399 C CA  . THR B 1 76  ? 3.157   10.137  8.513   1.00 58.05 ? 73  THR B CA  1 
ATOM   1400 C C   . THR B 1 76  ? 4.283   9.733   7.598   1.00 57.50 ? 73  THR B C   1 
ATOM   1401 O O   . THR B 1 76  ? 5.372   10.281  7.632   1.00 57.41 ? 73  THR B O   1 
ATOM   1402 C CB  . THR B 1 76  ? 2.648   11.438  7.934   1.00 58.20 ? 73  THR B CB  1 
ATOM   1403 O OG1 . THR B 1 76  ? 1.843   12.112  8.895   1.00 60.94 ? 73  THR B OG1 1 
ATOM   1404 C CG2 . THR B 1 76  ? 1.819   11.146  6.677   1.00 57.97 ? 73  THR B CG2 1 
ATOM   1405 N N   . VAL B 1 77  ? 3.980   8.798   6.730   1.00 57.19 ? 74  VAL B N   1 
ATOM   1406 C CA  . VAL B 1 77  ? 4.959   8.240   5.852   1.00 56.83 ? 74  VAL B CA  1 
ATOM   1407 C C   . VAL B 1 77  ? 4.383   8.349   4.450   1.00 56.41 ? 74  VAL B C   1 
ATOM   1408 O O   . VAL B 1 77  ? 3.188   8.207   4.270   1.00 57.01 ? 74  VAL B O   1 
ATOM   1409 C CB  . VAL B 1 77  ? 5.202   6.770   6.258   1.00 56.94 ? 74  VAL B CB  1 
ATOM   1410 C CG1 . VAL B 1 77  ? 4.828   5.812   5.128   1.00 57.30 ? 74  VAL B CG1 1 
ATOM   1411 C CG2 . VAL B 1 77  ? 6.617   6.582   6.752   1.00 55.95 ? 74  VAL B CG2 1 
ATOM   1412 N N   . GLU B 1 78  ? 5.222   8.617   3.465   1.00 55.84 ? 75  GLU B N   1 
ATOM   1413 C CA  . GLU B 1 78  ? 4.778   8.726   2.088   1.00 55.44 ? 75  GLU B CA  1 
ATOM   1414 C C   . GLU B 1 78  ? 5.736   7.929   1.247   1.00 54.55 ? 75  GLU B C   1 
ATOM   1415 O O   . GLU B 1 78  ? 6.938   8.018   1.441   1.00 54.23 ? 75  GLU B O   1 
ATOM   1416 C CB  . GLU B 1 78  ? 4.878   10.164  1.647   1.00 56.02 ? 75  GLU B CB  1 
ATOM   1417 C CG  . GLU B 1 78  ? 3.672   10.685  0.963   1.00 60.04 ? 75  GLU B CG  1 
ATOM   1418 C CD  . GLU B 1 78  ? 3.366   12.101  1.414   1.00 64.56 ? 75  GLU B CD  1 
ATOM   1419 O OE1 . GLU B 1 78  ? 4.267   12.968  1.334   1.00 65.29 ? 75  GLU B OE1 1 
ATOM   1420 O OE2 . GLU B 1 78  ? 2.222   12.337  1.868   1.00 67.81 ? 75  GLU B OE2 1 
ATOM   1421 N N   . GLY B 1 79  ? 5.223   7.148   0.309   1.00 53.76 ? 76  GLY B N   1 
ATOM   1422 C CA  . GLY B 1 79  ? 6.103   6.398   -0.584  1.00 52.41 ? 76  GLY B CA  1 
ATOM   1423 C C   . GLY B 1 79  ? 5.365   5.587   -1.627  1.00 51.42 ? 76  GLY B C   1 
ATOM   1424 O O   . GLY B 1 79  ? 4.386   6.032   -2.199  1.00 49.62 ? 76  GLY B O   1 
ATOM   1425 N N   . PHE B 1 80  ? 5.855   4.378   -1.861  1.00 51.42 ? 77  PHE B N   1 
ATOM   1426 C CA  . PHE B 1 80  ? 5.203   3.477   -2.779  1.00 51.68 ? 77  PHE B CA  1 
ATOM   1427 C C   . PHE B 1 80  ? 5.443   2.031   -2.373  1.00 52.10 ? 77  PHE B C   1 
ATOM   1428 O O   . PHE B 1 80  ? 6.442   1.713   -1.744  1.00 51.45 ? 77  PHE B O   1 
ATOM   1429 C CB  . PHE B 1 80  ? 5.700   3.731   -4.188  1.00 50.70 ? 77  PHE B CB  1 
ATOM   1430 C CG  . PHE B 1 80  ? 7.178   3.671   -4.305  1.00 51.52 ? 77  PHE B CG  1 
ATOM   1431 C CD1 . PHE B 1 80  ? 7.939   4.831   -4.296  1.00 50.09 ? 77  PHE B CD1 1 
ATOM   1432 C CD2 . PHE B 1 80  ? 7.826   2.446   -4.393  1.00 51.40 ? 77  PHE B CD2 1 
ATOM   1433 C CE1 . PHE B 1 80  ? 9.289   4.765   -4.386  1.00 50.15 ? 77  PHE B CE1 1 
ATOM   1434 C CE2 . PHE B 1 80  ? 9.190   2.376   -4.498  1.00 49.92 ? 77  PHE B CE2 1 
ATOM   1435 C CZ  . PHE B 1 80  ? 9.926   3.528   -4.490  1.00 50.94 ? 77  PHE B CZ  1 
ATOM   1436 N N   . LEU B 1 81  ? 4.499   1.170   -2.746  1.00 53.35 ? 78  LEU B N   1 
ATOM   1437 C CA  . LEU B 1 81  ? 4.518   -0.244  -2.403  1.00 54.48 ? 78  LEU B CA  1 
ATOM   1438 C C   . LEU B 1 81  ? 5.346   -1.035  -3.368  1.00 55.61 ? 78  LEU B C   1 
ATOM   1439 O O   . LEU B 1 81  ? 5.391   -0.727  -4.556  1.00 55.33 ? 78  LEU B O   1 
ATOM   1440 C CB  . LEU B 1 81  ? 3.100   -0.801  -2.408  1.00 54.22 ? 78  LEU B CB  1 
ATOM   1441 C CG  . LEU B 1 81  ? 2.265   -0.355  -1.210  1.00 55.66 ? 78  LEU B CG  1 
ATOM   1442 C CD1 . LEU B 1 81  ? 0.806   -0.774  -1.369  1.00 55.96 ? 78  LEU B CD1 1 
ATOM   1443 C CD2 . LEU B 1 81  ? 2.862   -0.896  0.103   1.00 55.78 ? 78  LEU B CD2 1 
ATOM   1444 N N   . ALA B 1 82  ? 5.995   -2.072  -2.856  1.00 57.69 ? 79  ALA B N   1 
ATOM   1445 C CA  . ALA B 1 82  ? 6.803   -2.963  -3.700  1.00 59.91 ? 79  ALA B CA  1 
ATOM   1446 C C   . ALA B 1 82  ? 7.065   -4.293  -2.999  1.00 61.63 ? 79  ALA B C   1 
ATOM   1447 O O   . ALA B 1 82  ? 7.020   -4.390  -1.775  1.00 61.57 ? 79  ALA B O   1 
ATOM   1448 C CB  . ALA B 1 82  ? 8.114   -2.289  -4.104  1.00 58.86 ? 79  ALA B CB  1 
ATOM   1449 N N   . GLN B 1 83  ? 7.319   -5.321  -3.786  1.00 64.56 ? 80  GLN B N   1 
ATOM   1450 C CA  . GLN B 1 83  ? 7.643   -6.616  -3.234  1.00 68.14 ? 80  GLN B CA  1 
ATOM   1451 C C   . GLN B 1 83  ? 9.090   -6.662  -2.867  1.00 70.21 ? 80  GLN B C   1 
ATOM   1452 O O   . GLN B 1 83  ? 9.945   -6.586  -3.747  1.00 70.57 ? 80  GLN B O   1 
ATOM   1453 C CB  . GLN B 1 83  ? 7.390   -7.699  -4.266  1.00 68.07 ? 80  GLN B CB  1 
ATOM   1454 C CG  . GLN B 1 83  ? 5.961   -7.702  -4.726  1.00 70.32 ? 80  GLN B CG  1 
ATOM   1455 C CD  . GLN B 1 83  ? 5.335   -9.032  -4.500  1.00 71.92 ? 80  GLN B CD  1 
ATOM   1456 O OE1 . GLN B 1 83  ? 5.243   -9.834  -5.427  1.00 73.81 ? 80  GLN B OE1 1 
ATOM   1457 N NE2 . GLN B 1 83  ? 4.930   -9.307  -3.252  1.00 71.57 ? 80  GLN B NE2 1 
ATOM   1458 N N   . LYS B 1 84  ? 9.380   -6.792  -1.579  1.00 73.00 ? 81  LYS B N   1 
ATOM   1459 C CA  . LYS B 1 84  ? 10.752  -7.081  -1.178  1.00 76.01 ? 81  LYS B CA  1 
ATOM   1460 C C   . LYS B 1 84  ? 11.153  -8.487  -1.673  1.00 77.31 ? 81  LYS B C   1 
ATOM   1461 O O   . LYS B 1 84  ? 10.396  -9.450  -1.507  1.00 77.96 ? 81  LYS B O   1 
ATOM   1462 C CB  . LYS B 1 84  ? 10.901  -6.914  0.343   1.00 76.45 ? 81  LYS B CB  1 
ATOM   1463 C CG  . LYS B 1 84  ? 9.918   -7.724  1.214   1.00 77.92 ? 81  LYS B CG  1 
ATOM   1464 C CD  . LYS B 1 84  ? 10.679  -8.880  1.900   1.00 80.82 ? 81  LYS B CD  1 
ATOM   1465 C CE  . LYS B 1 84  ? 11.684  -8.309  2.961   1.00 82.58 ? 81  LYS B CE  1 
ATOM   1466 N NZ  . LYS B 1 84  ? 12.946  -9.138  3.076   1.00 83.18 ? 81  LYS B NZ  1 
ATOM   1467 N N   . SER B 1 85  ? 12.308  -8.607  -2.321  1.00 79.01 ? 82  SER B N   1 
ATOM   1468 C CA  . SER B 1 85  ? 12.758  -9.914  -2.831  1.00 80.73 ? 82  SER B CA  1 
ATOM   1469 C C   . SER B 1 85  ? 11.981  -10.287 -4.071  1.00 81.61 ? 82  SER B C   1 
ATOM   1470 O O   . SER B 1 85  ? 10.975  -9.666  -4.405  1.00 81.65 ? 82  SER B O   1 
ATOM   1471 C CB  . SER B 1 85  ? 12.783  -10.966 -1.720  1.00 80.76 ? 82  SER B CB  1 
ATOM   1472 O OG  . SER B 1 85  ? 13.777  -10.666 -0.758  1.00 81.89 ? 82  SER B OG  1 
ATOM   1473 N N   . ARG B 1 86  ? 12.428  -11.348 -4.725  1.00 82.95 ? 83  ARG B N   1 
ATOM   1474 C CA  . ARG B 1 86  ? 11.745  -11.843 -5.910  1.00 84.18 ? 83  ARG B CA  1 
ATOM   1475 C C   . ARG B 1 86  ? 10.763  -12.892 -5.362  1.00 84.37 ? 83  ARG B C   1 
ATOM   1476 O O   . ARG B 1 86  ? 11.147  -13.831 -4.639  1.00 84.24 ? 83  ARG B O   1 
ATOM   1477 C CB  . ARG B 1 86  ? 12.702  -12.442 -6.964  1.00 84.56 ? 83  ARG B CB  1 
ATOM   1478 C CG  . ARG B 1 86  ? 12.066  -12.727 -8.342  1.00 86.33 ? 83  ARG B CG  1 
ATOM   1479 C CD  . ARG B 1 86  ? 11.064  -11.628 -8.758  1.00 88.88 ? 83  ARG B CD  1 
ATOM   1480 N NE  . ARG B 1 86  ? 10.485  -11.858 -10.087 1.00 90.63 ? 83  ARG B NE  1 
ATOM   1481 C CZ  . ARG B 1 86  ? 9.440   -12.649 -10.335 1.00 91.15 ? 83  ARG B CZ  1 
ATOM   1482 N NH1 . ARG B 1 86  ? 8.842   -13.308 -9.348  1.00 91.70 ? 83  ARG B NH1 1 
ATOM   1483 N NH2 . ARG B 1 86  ? 8.992   -12.785 -11.575 1.00 91.07 ? 83  ARG B NH2 1 
ATOM   1484 N N   . ARG B 1 87  ? 9.487   -12.691 -5.692  1.00 84.58 ? 84  ARG B N   1 
ATOM   1485 C CA  . ARG B 1 87  ? 8.460   -13.698 -5.469  1.00 84.53 ? 84  ARG B CA  1 
ATOM   1486 C C   . ARG B 1 87  ? 7.982   -13.690 -4.005  1.00 84.38 ? 84  ARG B C   1 
ATOM   1487 O O   . ARG B 1 87  ? 7.086   -14.444 -3.617  1.00 84.51 ? 84  ARG B O   1 
ATOM   1488 C CB  . ARG B 1 87  ? 8.994   -15.076 -5.913  1.00 84.49 ? 84  ARG B CB  1 
ATOM   1489 C CG  . ARG B 1 87  ? 7.976   -15.946 -6.646  1.00 84.65 ? 84  ARG B CG  1 
ATOM   1490 C CD  . ARG B 1 87  ? 6.946   -15.087 -7.378  1.00 84.78 ? 84  ARG B CD  1 
ATOM   1491 N NE  . ARG B 1 87  ? 5.738   -15.840 -7.710  1.00 85.09 ? 84  ARG B NE  1 
ATOM   1492 C CZ  . ARG B 1 87  ? 4.910   -16.369 -6.812  1.00 85.18 ? 84  ARG B CZ  1 
ATOM   1493 N NH1 . ARG B 1 87  ? 5.146   -16.249 -5.511  1.00 85.07 ? 84  ARG B NH1 1 
ATOM   1494 N NH2 . ARG B 1 87  ? 3.840   -17.032 -7.218  1.00 85.62 ? 84  ARG B NH2 1 
ATOM   1495 N N   . SER B 1 88  ? 8.568   -12.804 -3.206  1.00 84.05 ? 85  SER B N   1 
ATOM   1496 C CA  . SER B 1 88  ? 8.303   -12.769 -1.768  1.00 83.65 ? 85  SER B CA  1 
ATOM   1497 C C   . SER B 1 88  ? 6.813   -12.903 -1.371  1.00 83.28 ? 85  SER B C   1 
ATOM   1498 O O   . SER B 1 88  ? 6.503   -13.195 -0.214  1.00 83.33 ? 85  SER B O   1 
ATOM   1499 C CB  . SER B 1 88  ? 8.910   -11.494 -1.166  1.00 83.67 ? 85  SER B CB  1 
ATOM   1500 O OG  . SER B 1 88  ? 8.491   -11.305 0.176   1.00 83.82 ? 85  SER B OG  1 
ATOM   1501 N N   . LEU B 1 89  ? 5.903   -12.696 -2.319  1.00 82.62 ? 86  LEU B N   1 
ATOM   1502 C CA  . LEU B 1 89  ? 4.470   -12.632 -2.003  1.00 81.97 ? 86  LEU B CA  1 
ATOM   1503 C C   . LEU B 1 89  ? 4.174   -11.515 -0.999  1.00 81.35 ? 86  LEU B C   1 
ATOM   1504 O O   . LEU B 1 89  ? 3.012   -11.222 -0.699  1.00 81.29 ? 86  LEU B O   1 
ATOM   1505 C CB  . LEU B 1 89  ? 3.961   -13.938 -1.376  1.00 82.11 ? 86  LEU B CB  1 
ATOM   1506 C CG  . LEU B 1 89  ? 4.263   -15.297 -2.011  1.00 82.92 ? 86  LEU B CG  1 
ATOM   1507 C CD1 . LEU B 1 89  ? 3.186   -16.322 -1.642  1.00 82.46 ? 86  LEU B CD1 1 
ATOM   1508 C CD2 . LEU B 1 89  ? 4.402   -15.175 -3.524  1.00 84.06 ? 86  LEU B CD2 1 
ATOM   1509 N N   . MET B 1 90  ? 5.234   -10.898 -0.480  1.00 80.22 ? 87  MET B N   1 
ATOM   1510 C CA  . MET B 1 90  ? 5.106   -9.972  0.636   1.00 79.25 ? 87  MET B CA  1 
ATOM   1511 C C   . MET B 1 90  ? 5.538   -8.545  0.253   1.00 77.72 ? 87  MET B C   1 
ATOM   1512 O O   . MET B 1 90  ? 6.718   -8.302  -0.048  1.00 77.98 ? 87  MET B O   1 
ATOM   1513 C CB  . MET B 1 90  ? 5.892   -10.471 1.854   1.00 79.76 ? 87  MET B CB  1 
ATOM   1514 C CG  . MET B 1 90  ? 5.729   -9.604  3.103   1.00 82.19 ? 87  MET B CG  1 
ATOM   1515 S SD  . MET B 1 90  ? 4.043   -9.606  3.773   1.00 87.41 ? 87  MET B SD  1 
ATOM   1516 C CE  . MET B 1 90  ? 4.233   -8.555  5.223   1.00 86.47 ? 87  MET B CE  1 
ATOM   1517 N N   . PRO B 1 91  ? 4.573   -7.599  0.251   1.00 75.94 ? 88  PRO B N   1 
ATOM   1518 C CA  . PRO B 1 91  ? 4.788   -6.201  -0.097  1.00 74.10 ? 88  PRO B CA  1 
ATOM   1519 C C   . PRO B 1 91  ? 5.478   -5.447  1.011   1.00 72.43 ? 88  PRO B C   1 
ATOM   1520 O O   . PRO B 1 91  ? 5.432   -5.856  2.159   1.00 72.38 ? 88  PRO B O   1 
ATOM   1521 C CB  . PRO B 1 91  ? 3.364   -5.648  -0.247  1.00 73.82 ? 88  PRO B CB  1 
ATOM   1522 C CG  . PRO B 1 91  ? 2.491   -6.813  -0.367  1.00 74.80 ? 88  PRO B CG  1 
ATOM   1523 C CD  . PRO B 1 91  ? 3.142   -7.892  0.423   1.00 75.95 ? 88  PRO B CD  1 
ATOM   1524 N N   . MET B 1 92  ? 6.099   -4.334  0.661   1.00 70.60 ? 89  MET B N   1 
ATOM   1525 C CA  . MET B 1 92  ? 6.663   -3.450  1.654   1.00 69.03 ? 89  MET B CA  1 
ATOM   1526 C C   . MET B 1 92  ? 6.530   -1.997  1.224   1.00 67.31 ? 89  MET B C   1 
ATOM   1527 O O   . MET B 1 92  ? 6.335   -1.705  0.058   1.00 67.16 ? 89  MET B O   1 
ATOM   1528 C CB  . MET B 1 92  ? 8.130   -3.758  1.844   1.00 69.28 ? 89  MET B CB  1 
ATOM   1529 C CG  . MET B 1 92  ? 8.947   -3.332  0.667   1.00 70.59 ? 89  MET B CG  1 
ATOM   1530 S SD  . MET B 1 92  ? 10.599  -3.044  1.238   1.00 74.27 ? 89  MET B SD  1 
ATOM   1531 C CE  . MET B 1 92  ? 10.254  -2.329  2.847   1.00 73.72 ? 89  MET B CE  1 
ATOM   1532 N N   . LEU B 1 93  ? 6.648   -1.095  2.180   1.00 65.50 ? 90  LEU B N   1 
ATOM   1533 C CA  . LEU B 1 93  ? 6.608   0.315   1.900   1.00 64.12 ? 90  LEU B CA  1 
ATOM   1534 C C   . LEU B 1 93  ? 8.020   0.936   1.846   1.00 63.49 ? 90  LEU B C   1 
ATOM   1535 O O   . LEU B 1 93  ? 8.803   0.852   2.803   1.00 63.31 ? 90  LEU B O   1 
ATOM   1536 C CB  . LEU B 1 93  ? 5.774   1.005   2.962   1.00 63.87 ? 90  LEU B CB  1 
ATOM   1537 C CG  . LEU B 1 93  ? 5.581   2.493   2.718   1.00 64.34 ? 90  LEU B CG  1 
ATOM   1538 C CD1 . LEU B 1 93  ? 4.949   2.736   1.357   1.00 65.56 ? 90  LEU B CD1 1 
ATOM   1539 C CD2 . LEU B 1 93  ? 4.747   3.086   3.819   1.00 64.38 ? 90  LEU B CD2 1 
ATOM   1540 N N   . ARG B 1 94  ? 8.341   1.556   0.717   1.00 62.20 ? 91  ARG B N   1 
ATOM   1541 C CA  . ARG B 1 94  ? 9.590   2.287   0.576   1.00 60.80 ? 91  ARG B CA  1 
ATOM   1542 C C   . ARG B 1 94  ? 9.327   3.780   0.684   1.00 60.41 ? 91  ARG B C   1 
ATOM   1543 O O   . ARG B 1 94  ? 8.831   4.425   -0.241  1.00 60.23 ? 91  ARG B O   1 
ATOM   1544 C CB  . ARG B 1 94  ? 10.265  1.917   -0.730  1.00 60.33 ? 91  ARG B CB  1 
ATOM   1545 C CG  . ARG B 1 94  ? 10.131  0.449   -0.953  1.00 60.13 ? 91  ARG B CG  1 
ATOM   1546 C CD  . ARG B 1 94  ? 11.455  -0.226  -1.165  1.00 59.17 ? 91  ARG B CD  1 
ATOM   1547 N NE  . ARG B 1 94  ? 11.663  -0.504  -2.570  1.00 59.26 ? 91  ARG B NE  1 
ATOM   1548 C CZ  . ARG B 1 94  ? 12.500  0.178   -3.330  1.00 61.59 ? 91  ARG B CZ  1 
ATOM   1549 N NH1 . ARG B 1 94  ? 13.223  1.158   -2.800  1.00 63.19 ? 91  ARG B NH1 1 
ATOM   1550 N NH2 . ARG B 1 94  ? 12.635  -0.133  -4.610  1.00 62.63 ? 91  ARG B NH2 1 
ATOM   1551 N N   . ILE B 1 95  ? 9.668   4.296   1.856   1.00 59.93 ? 92  ILE B N   1 
ATOM   1552 C CA  . ILE B 1 95  ? 9.383   5.654   2.279   1.00 59.36 ? 92  ILE B CA  1 
ATOM   1553 C C   . ILE B 1 95  ? 10.274  6.685   1.604   1.00 59.30 ? 92  ILE B C   1 
ATOM   1554 O O   . ILE B 1 95  ? 11.482  6.618   1.727   1.00 59.16 ? 92  ILE B O   1 
ATOM   1555 C CB  . ILE B 1 95  ? 9.570   5.752   3.807   1.00 59.08 ? 92  ILE B CB  1 
ATOM   1556 C CG1 . ILE B 1 95  ? 8.717   4.682   4.502   1.00 58.73 ? 92  ILE B CG1 1 
ATOM   1557 C CG2 . ILE B 1 95  ? 9.272   7.162   4.315   1.00 59.19 ? 92  ILE B CG2 1 
ATOM   1558 C CD1 . ILE B 1 95  ? 9.123   4.369   5.916   1.00 57.43 ? 92  ILE B CD1 1 
ATOM   1559 N N   . GLN B 1 96  ? 9.649   7.626   0.895   1.00 59.58 ? 93  GLN B N   1 
ATOM   1560 C CA  . GLN B 1 96  ? 10.299  8.772   0.268   1.00 59.83 ? 93  GLN B CA  1 
ATOM   1561 C C   . GLN B 1 96  ? 10.359  9.916   1.238   1.00 59.51 ? 93  GLN B C   1 
ATOM   1562 O O   . GLN B 1 96  ? 11.178  10.820  1.102   1.00 60.09 ? 93  GLN B O   1 
ATOM   1563 C CB  . GLN B 1 96  ? 9.438   9.293   -0.862  1.00 60.30 ? 93  GLN B CB  1 
ATOM   1564 C CG  . GLN B 1 96  ? 8.775   8.227   -1.668  1.00 63.01 ? 93  GLN B CG  1 
ATOM   1565 C CD  . GLN B 1 96  ? 9.652   7.819   -2.805  1.00 66.28 ? 93  GLN B CD  1 
ATOM   1566 O OE1 . GLN B 1 96  ? 10.819  7.446   -2.599  1.00 66.94 ? 93  GLN B OE1 1 
ATOM   1567 N NE2 . GLN B 1 96  ? 9.116   7.908   -4.028  1.00 66.80 ? 93  GLN B NE2 1 
ATOM   1568 N N   . ASN B 1 97  ? 9.445   9.909   2.195   1.00 58.93 ? 94  ASN B N   1 
ATOM   1569 C CA  . ASN B 1 97  ? 9.343   11.016  3.110   1.00 58.35 ? 94  ASN B CA  1 
ATOM   1570 C C   . ASN B 1 97  ? 8.673   10.604  4.412   1.00 57.57 ? 94  ASN B C   1 
ATOM   1571 O O   . ASN B 1 97  ? 7.669   9.909   4.410   1.00 56.96 ? 94  ASN B O   1 
ATOM   1572 C CB  . ASN B 1 97  ? 8.592   12.173  2.448   1.00 58.55 ? 94  ASN B CB  1 
ATOM   1573 C CG  . ASN B 1 97  ? 8.524   13.392  3.338   1.00 59.75 ? 94  ASN B CG  1 
ATOM   1574 O OD1 . ASN B 1 97  ? 7.468   13.719  3.894   1.00 61.26 ? 94  ASN B OD1 1 
ATOM   1575 N ND2 . ASN B 1 97  ? 9.662   14.061  3.508   1.00 59.99 ? 94  ASN B ND2 1 
ATOM   1576 N N   . ILE B 1 98  ? 9.238   11.039  5.528   1.00 56.98 ? 95  ILE B N   1 
ATOM   1577 C CA  . ILE B 1 98  ? 8.661   10.700  6.821   1.00 56.51 ? 95  ILE B CA  1 
ATOM   1578 C C   . ILE B 1 98  ? 8.778   11.883  7.793   1.00 56.16 ? 95  ILE B C   1 
ATOM   1579 O O   . ILE B 1 98  ? 9.821   12.510  7.888   1.00 56.17 ? 95  ILE B O   1 
ATOM   1580 C CB  . ILE B 1 98  ? 9.294   9.410   7.391   1.00 56.33 ? 95  ILE B CB  1 
ATOM   1581 C CG1 . ILE B 1 98  ? 8.991   9.269   8.879   1.00 55.66 ? 95  ILE B CG1 1 
ATOM   1582 C CG2 . ILE B 1 98  ? 10.789  9.435   7.194   1.00 56.62 ? 95  ILE B CG2 1 
ATOM   1583 C CD1 . ILE B 1 98  ? 9.482   7.972   9.458   1.00 54.08 ? 95  ILE B CD1 1 
ATOM   1584 N N   . LYS B 1 99  ? 7.683   12.201  8.478   1.00 55.91 ? 96  LYS B N   1 
ATOM   1585 C CA  . LYS B 1 99  ? 7.650   13.273  9.467   1.00 55.49 ? 96  LYS B CA  1 
ATOM   1586 C C   . LYS B 1 99  ? 6.755   12.881  10.630  1.00 55.45 ? 96  LYS B C   1 
ATOM   1587 O O   . LYS B 1 99  ? 5.976   11.946  10.531  1.00 55.12 ? 96  LYS B O   1 
ATOM   1588 C CB  . LYS B 1 99  ? 7.179   14.594  8.843   1.00 55.40 ? 96  LYS B CB  1 
ATOM   1589 C CG  . LYS B 1 99  ? 5.901   14.510  8.045   1.00 55.14 ? 96  LYS B CG  1 
ATOM   1590 C CD  . LYS B 1 99  ? 5.934   15.458  6.859   1.00 54.91 ? 96  LYS B CD  1 
ATOM   1591 C CE  . LYS B 1 99  ? 4.678   15.293  6.009   1.00 54.96 ? 96  LYS B CE  1 
ATOM   1592 N NZ  . LYS B 1 99  ? 3.489   15.878  6.677   1.00 53.42 ? 96  LYS B NZ  1 
ATOM   1593 N N   . GLU B 1 100 ? 6.891   13.587  11.743  1.00 55.84 ? 97  GLU B N   1 
ATOM   1594 C CA  . GLU B 1 100 ? 6.028   13.383  12.900  1.00 56.25 ? 97  GLU B CA  1 
ATOM   1595 C C   . GLU B 1 100 ? 4.575   13.617  12.536  1.00 55.72 ? 97  GLU B C   1 
ATOM   1596 O O   . GLU B 1 100 ? 4.261   14.659  11.991  1.00 55.77 ? 97  GLU B O   1 
ATOM   1597 C CB  . GLU B 1 100 ? 6.391   14.402  13.976  1.00 56.76 ? 97  GLU B CB  1 
ATOM   1598 C CG  . GLU B 1 100 ? 7.735   14.201  14.612  1.00 58.95 ? 97  GLU B CG  1 
ATOM   1599 C CD  . GLU B 1 100 ? 7.651   13.290  15.813  1.00 62.03 ? 97  GLU B CD  1 
ATOM   1600 O OE1 . GLU B 1 100 ? 6.773   12.392  15.813  1.00 62.00 ? 97  GLU B OE1 1 
ATOM   1601 O OE2 . GLU B 1 100 ? 8.456   13.480  16.757  1.00 63.70 ? 97  GLU B OE2 1 
ATOM   1602 N N   . TYR B 1 101 ? 3.687   12.684  12.870  1.00 55.43 ? 98  TYR B N   1 
ATOM   1603 C CA  . TYR B 1 101 ? 2.247   12.891  12.667  1.00 55.36 ? 98  TYR B CA  1 
ATOM   1604 C C   . TYR B 1 101 ? 1.691   14.178  13.289  1.00 55.76 ? 98  TYR B C   1 
ATOM   1605 O O   . TYR B 1 101 ? 1.959   14.477  14.454  1.00 55.79 ? 98  TYR B O   1 
ATOM   1606 C CB  . TYR B 1 101 ? 1.454   11.720  13.232  1.00 55.17 ? 98  TYR B CB  1 
ATOM   1607 C CG  . TYR B 1 101 ? -0.013  11.766  12.872  1.00 54.80 ? 98  TYR B CG  1 
ATOM   1608 C CD1 . TYR B 1 101 ? -0.428  11.536  11.570  1.00 54.92 ? 98  TYR B CD1 1 
ATOM   1609 C CD2 . TYR B 1 101 ? -0.980  12.040  13.825  1.00 55.12 ? 98  TYR B CD2 1 
ATOM   1610 C CE1 . TYR B 1 101 ? -1.771  11.577  11.219  1.00 55.20 ? 98  TYR B CE1 1 
ATOM   1611 C CE2 . TYR B 1 101 ? -2.334  12.083  13.490  1.00 55.67 ? 98  TYR B CE2 1 
ATOM   1612 C CZ  . TYR B 1 101 ? -2.725  11.846  12.178  1.00 55.74 ? 98  TYR B CZ  1 
ATOM   1613 O OH  . TYR B 1 101 ? -4.063  11.889  11.813  1.00 55.04 ? 98  TYR B OH  1 
ATOM   1614 N N   . LYS B 1 102 ? 0.912   14.935  12.513  1.00 56.19 ? 99  LYS B N   1 
ATOM   1615 C CA  . LYS B 1 102 ? 0.095   16.039  13.057  1.00 56.46 ? 99  LYS B CA  1 
ATOM   1616 C C   . LYS B 1 102 ? -1.340  15.930  12.564  1.00 56.48 ? 99  LYS B C   1 
ATOM   1617 O O   . LYS B 1 102 ? -2.229  16.568  13.099  1.00 56.61 ? 99  LYS B O   1 
ATOM   1618 C CB  . LYS B 1 102 ? 0.655   17.413  12.688  1.00 56.43 ? 99  LYS B CB  1 
ATOM   1619 C CG  . LYS B 1 102 ? 2.049   17.669  13.214  1.00 57.36 ? 99  LYS B CG  1 
ATOM   1620 C CD  . LYS B 1 102 ? 2.131   17.391  14.711  1.00 58.54 ? 99  LYS B CD  1 
ATOM   1621 C CE  . LYS B 1 102 ? 3.568   17.521  15.235  1.00 59.24 ? 99  LYS B CE  1 
ATOM   1622 N NZ  . LYS B 1 102 ? 3.972   18.937  15.469  1.00 58.98 ? 99  LYS B NZ  1 
ATOM   1623 N N   . GLY B 1 103 ? -1.550  15.120  11.533  1.00 56.62 ? 100 GLY B N   1 
ATOM   1624 C CA  . GLY B 1 103 ? -2.876  14.898  10.989  1.00 57.11 ? 100 GLY B CA  1 
ATOM   1625 C C   . GLY B 1 103 ? -3.306  15.987  10.034  1.00 57.72 ? 100 GLY B C   1 
ATOM   1626 O O   . GLY B 1 103 ? -4.161  16.812  10.375  1.00 58.11 ? 100 GLY B O   1 
HETATM 1627 O O   . HOH C 2 .   ? -8.092  8.778   8.343   1.00 40.95 ? 101 HOH A O   1 
HETATM 1628 O O   . HOH C 2 .   ? 0.796   -2.252  -14.198 1.00 32.85 ? 102 HOH A O   1 
HETATM 1629 O O   . HOH C 2 .   ? 6.163   3.494   -15.494 1.00 13.64 ? 103 HOH A O   1 
HETATM 1630 O O   . HOH C 2 .   ? -22.956 -2.055  -2.608  1.00 15.24 ? 104 HOH A O   1 
HETATM 1631 O O   . HOH C 2 .   ? -13.173 -10.616 -15.978 1.00 36.90 ? 105 HOH A O   1 
HETATM 1632 O O   . HOH C 2 .   ? -7.538  6.621   -6.936  1.00 31.99 ? 106 HOH A O   1 
HETATM 1633 O O   . HOH C 2 .   ? 0.539   7.169   -14.022 1.00 46.31 ? 107 HOH A O   1 
HETATM 1634 O O   . HOH D 2 .   ? 5.411   6.846   -5.116  1.00 18.30 ? 101 HOH B O   1 
# 
loop_
_pdbx_poly_seq_scheme.asym_id 
_pdbx_poly_seq_scheme.entity_id 
_pdbx_poly_seq_scheme.seq_id 
_pdbx_poly_seq_scheme.mon_id 
_pdbx_poly_seq_scheme.ndb_seq_num 
_pdbx_poly_seq_scheme.pdb_seq_num 
_pdbx_poly_seq_scheme.auth_seq_num 
_pdbx_poly_seq_scheme.pdb_mon_id 
_pdbx_poly_seq_scheme.auth_mon_id 
_pdbx_poly_seq_scheme.pdb_strand_id 
_pdbx_poly_seq_scheme.pdb_ins_code 
_pdbx_poly_seq_scheme.hetero 
A 1 1   GLY 1   -2  ?   ?   ?   A . n 
A 1 2   SER 2   -1  ?   ?   ?   A . n 
A 1 3   HIS 3   0   ?   ?   ?   A . n 
A 1 4   MET 4   1   1   MET MET A . n 
A 1 5   GLY 5   2   2   GLY GLY A . n 
A 1 6   PHE 6   3   3   PHE PHE A . n 
A 1 7   THR 7   4   4   THR THR A . n 
A 1 8   ASN 8   5   5   ASN ASN A . n 
A 1 9   LEU 9   6   6   LEU LEU A . n 
A 1 10  VAL 10  7   7   VAL VAL A . n 
A 1 11  SER 11  8   8   SER SER A . n 
A 1 12  LEU 12  9   9   LEU LEU A . n 
A 1 13  ALA 13  10  10  ALA ALA A . n 
A 1 14  ALA 14  11  11  ALA ALA A . n 
A 1 15  LEU 15  12  12  LEU LEU A . n 
A 1 16  ILE 16  13  13  ILE ILE A . n 
A 1 17  GLU 17  14  14  GLU GLU A . n 
A 1 18  LYS 18  15  15  LYS LYS A . n 
A 1 19  ALA 19  16  16  ALA ALA A . n 
A 1 20  PHE 20  17  17  PHE PHE A . n 
A 1 21  PRO 21  18  18  PRO PRO A . n 
A 1 22  ILE 22  19  19  ILE ILE A . n 
A 1 23  ARG 23  20  20  ARG ARG A . n 
A 1 24  TYR 24  21  21  TYR TYR A . n 
A 1 25  THR 25  22  22  THR THR A . n 
A 1 26  PRO 26  23  23  PRO PRO A . n 
A 1 27  ALA 27  24  24  ALA ALA A . n 
A 1 28  GLY 28  25  25  GLY GLY A . n 
A 1 29  ILE 29  26  26  ILE ILE A . n 
A 1 30  PRO 30  27  27  PRO PRO A . n 
A 1 31  VAL 31  28  28  VAL VAL A . n 
A 1 32  LEU 32  29  29  LEU LEU A . n 
A 1 33  ASP 33  30  30  ASP ASP A . n 
A 1 34  ILE 34  31  31  ILE ILE A . n 
A 1 35  ILE 35  32  32  ILE ILE A . n 
A 1 36  LEU 36  33  33  LEU LEU A . n 
A 1 37  LYS 37  34  34  LYS LYS A . n 
A 1 38  HIS 38  35  35  HIS HIS A . n 
A 1 39  GLU 39  36  36  GLU GLU A . n 
A 1 40  SER 40  37  37  SER SER A . n 
A 1 41  TRP 41  38  38  TRP TRP A . n 
A 1 42  GLN 42  39  39  GLN GLN A . n 
A 1 43  GLU 43  40  40  GLU GLU A . n 
A 1 44  GLU 44  41  41  GLU GLU A . n 
A 1 45  ASN 45  42  42  ASN ASN A . n 
A 1 46  GLY 46  43  43  GLY GLY A . n 
A 1 47  GLN 47  44  44  GLN GLN A . n 
A 1 48  GLN 48  45  45  GLN GLN A . n 
A 1 49  CYS 49  46  46  CYS CYS A . n 
A 1 50  LEU 50  47  47  LEU LEU A . n 
A 1 51  VAL 51  48  48  VAL VAL A . n 
A 1 52  GLN 52  49  49  GLN GLN A . n 
A 1 53  LEU 53  50  50  LEU LEU A . n 
A 1 54  GLU 54  51  51  GLU GLU A . n 
A 1 55  ILE 55  52  52  ILE ILE A . n 
A 1 56  PRO 56  53  53  PRO PRO A . n 
A 1 57  ALA 57  54  54  ALA ALA A . n 
A 1 58  ARG 58  55  55  ARG ARG A . n 
A 1 59  ILE 59  56  56  ILE ILE A . n 
A 1 60  LEU 60  57  57  LEU LEU A . n 
A 1 61  GLY 61  58  58  GLY GLY A . n 
A 1 62  ARG 62  59  59  ARG ARG A . n 
A 1 63  GLN 63  60  60  GLN GLN A . n 
A 1 64  ALA 64  61  61  ALA ALA A . n 
A 1 65  GLU 65  62  62  GLU GLU A . n 
A 1 66  GLU 66  63  63  GLU GLU A . n 
A 1 67  TRP 67  64  64  TRP TRP A . n 
A 1 68  GLN 68  65  65  GLN GLN A . n 
A 1 69  TYR 69  66  66  TYR TYR A . n 
A 1 70  ARG 70  67  67  ARG ARG A . n 
A 1 71  GLN 71  68  68  GLN GLN A . n 
A 1 72  GLY 72  69  69  GLY GLY A . n 
A 1 73  ASP 73  70  70  ASP ASP A . n 
A 1 74  CYS 74  71  71  CYS CYS A . n 
A 1 75  ALA 75  72  72  ALA ALA A . n 
A 1 76  THR 76  73  73  THR THR A . n 
A 1 77  VAL 77  74  74  VAL VAL A . n 
A 1 78  GLU 78  75  75  GLU GLU A . n 
A 1 79  GLY 79  76  76  GLY GLY A . n 
A 1 80  PHE 80  77  77  PHE PHE A . n 
A 1 81  LEU 81  78  78  LEU LEU A . n 
A 1 82  ALA 82  79  79  ALA ALA A . n 
A 1 83  GLN 83  80  80  GLN GLN A . n 
A 1 84  LYS 84  81  81  LYS LYS A . n 
A 1 85  SER 85  82  82  SER SER A . n 
A 1 86  ARG 86  83  83  ARG ARG A . n 
A 1 87  ARG 87  84  84  ARG ARG A . n 
A 1 88  SER 88  85  85  SER SER A . n 
A 1 89  LEU 89  86  86  LEU LEU A . n 
A 1 90  MET 90  87  87  MET MET A . n 
A 1 91  PRO 91  88  88  PRO PRO A . n 
A 1 92  MET 92  89  89  MET MET A . n 
A 1 93  LEU 93  90  90  LEU LEU A . n 
A 1 94  ARG 94  91  91  ARG ARG A . n 
A 1 95  ILE 95  92  92  ILE ILE A . n 
A 1 96  GLN 96  93  93  GLN GLN A . n 
A 1 97  ASN 97  94  94  ASN ASN A . n 
A 1 98  ILE 98  95  95  ILE ILE A . n 
A 1 99  LYS 99  96  96  LYS LYS A . n 
A 1 100 GLU 100 97  97  GLU GLU A . n 
A 1 101 TYR 101 98  98  TYR TYR A . n 
A 1 102 LYS 102 99  99  LYS LYS A . n 
A 1 103 GLY 103 100 100 GLY GLY A . n 
B 1 1   GLY 1   -2  -2  GLY GLY B . n 
B 1 2   SER 2   -1  -1  SER SER B . n 
B 1 3   HIS 3   0   0   HIS HIS B . n 
B 1 4   MET 4   1   1   MET MET B . n 
B 1 5   GLY 5   2   2   GLY GLY B . n 
B 1 6   PHE 6   3   3   PHE PHE B . n 
B 1 7   THR 7   4   4   THR THR B . n 
B 1 8   ASN 8   5   5   ASN ASN B . n 
B 1 9   LEU 9   6   6   LEU LEU B . n 
B 1 10  VAL 10  7   7   VAL VAL B . n 
B 1 11  SER 11  8   8   SER SER B . n 
B 1 12  LEU 12  9   9   LEU LEU B . n 
B 1 13  ALA 13  10  10  ALA ALA B . n 
B 1 14  ALA 14  11  11  ALA ALA B . n 
B 1 15  LEU 15  12  12  LEU LEU B . n 
B 1 16  ILE 16  13  13  ILE ILE B . n 
B 1 17  GLU 17  14  14  GLU GLU B . n 
B 1 18  LYS 18  15  15  LYS LYS B . n 
B 1 19  ALA 19  16  16  ALA ALA B . n 
B 1 20  PHE 20  17  17  PHE PHE B . n 
B 1 21  PRO 21  18  18  PRO PRO B . n 
B 1 22  ILE 22  19  19  ILE ILE B . n 
B 1 23  ARG 23  20  20  ARG ARG B . n 
B 1 24  TYR 24  21  21  TYR TYR B . n 
B 1 25  THR 25  22  22  THR THR B . n 
B 1 26  PRO 26  23  23  PRO PRO B . n 
B 1 27  ALA 27  24  24  ALA ALA B . n 
B 1 28  GLY 28  25  25  GLY GLY B . n 
B 1 29  ILE 29  26  26  ILE ILE B . n 
B 1 30  PRO 30  27  27  PRO PRO B . n 
B 1 31  VAL 31  28  28  VAL VAL B . n 
B 1 32  LEU 32  29  29  LEU LEU B . n 
B 1 33  ASP 33  30  30  ASP ASP B . n 
B 1 34  ILE 34  31  31  ILE ILE B . n 
B 1 35  ILE 35  32  32  ILE ILE B . n 
B 1 36  LEU 36  33  33  LEU LEU B . n 
B 1 37  LYS 37  34  34  LYS LYS B . n 
B 1 38  HIS 38  35  35  HIS HIS B . n 
B 1 39  GLU 39  36  36  GLU GLU B . n 
B 1 40  SER 40  37  37  SER SER B . n 
B 1 41  TRP 41  38  38  TRP TRP B . n 
B 1 42  GLN 42  39  39  GLN GLN B . n 
B 1 43  GLU 43  40  40  GLU GLU B . n 
B 1 44  GLU 44  41  41  GLU GLU B . n 
B 1 45  ASN 45  42  42  ASN ASN B . n 
B 1 46  GLY 46  43  43  GLY GLY B . n 
B 1 47  GLN 47  44  44  GLN GLN B . n 
B 1 48  GLN 48  45  45  GLN GLN B . n 
B 1 49  CYS 49  46  46  CYS CYS B . n 
B 1 50  LEU 50  47  47  LEU LEU B . n 
B 1 51  VAL 51  48  48  VAL VAL B . n 
B 1 52  GLN 52  49  49  GLN GLN B . n 
B 1 53  LEU 53  50  50  LEU LEU B . n 
B 1 54  GLU 54  51  51  GLU GLU B . n 
B 1 55  ILE 55  52  52  ILE ILE B . n 
B 1 56  PRO 56  53  53  PRO PRO B . n 
B 1 57  ALA 57  54  54  ALA ALA B . n 
B 1 58  ARG 58  55  55  ARG ARG B . n 
B 1 59  ILE 59  56  56  ILE ILE B . n 
B 1 60  LEU 60  57  57  LEU LEU B . n 
B 1 61  GLY 61  58  58  GLY GLY B . n 
B 1 62  ARG 62  59  59  ARG ARG B . n 
B 1 63  GLN 63  60  60  GLN GLN B . n 
B 1 64  ALA 64  61  61  ALA ALA B . n 
B 1 65  GLU 65  62  62  GLU GLU B . n 
B 1 66  GLU 66  63  63  GLU GLU B . n 
B 1 67  TRP 67  64  64  TRP TRP B . n 
B 1 68  GLN 68  65  65  GLN GLN B . n 
B 1 69  TYR 69  66  66  TYR TYR B . n 
B 1 70  ARG 70  67  67  ARG ARG B . n 
B 1 71  GLN 71  68  68  GLN GLN B . n 
B 1 72  GLY 72  69  69  GLY GLY B . n 
B 1 73  ASP 73  70  70  ASP ASP B . n 
B 1 74  CYS 74  71  71  CYS CYS B . n 
B 1 75  ALA 75  72  72  ALA ALA B . n 
B 1 76  THR 76  73  73  THR THR B . n 
B 1 77  VAL 77  74  74  VAL VAL B . n 
B 1 78  GLU 78  75  75  GLU GLU B . n 
B 1 79  GLY 79  76  76  GLY GLY B . n 
B 1 80  PHE 80  77  77  PHE PHE B . n 
B 1 81  LEU 81  78  78  LEU LEU B . n 
B 1 82  ALA 82  79  79  ALA ALA B . n 
B 1 83  GLN 83  80  80  GLN GLN B . n 
B 1 84  LYS 84  81  81  LYS LYS B . n 
B 1 85  SER 85  82  82  SER SER B . n 
B 1 86  ARG 86  83  83  ARG ARG B . n 
B 1 87  ARG 87  84  84  ARG ARG B . n 
B 1 88  SER 88  85  85  SER SER B . n 
B 1 89  LEU 89  86  86  LEU LEU B . n 
B 1 90  MET 90  87  87  MET MET B . n 
B 1 91  PRO 91  88  88  PRO PRO B . n 
B 1 92  MET 92  89  89  MET MET B . n 
B 1 93  LEU 93  90  90  LEU LEU B . n 
B 1 94  ARG 94  91  91  ARG ARG B . n 
B 1 95  ILE 95  92  92  ILE ILE B . n 
B 1 96  GLN 96  93  93  GLN GLN B . n 
B 1 97  ASN 97  94  94  ASN ASN B . n 
B 1 98  ILE 98  95  95  ILE ILE B . n 
B 1 99  LYS 99  96  96  LYS LYS B . n 
B 1 100 GLU 100 97  97  GLU GLU B . n 
B 1 101 TYR 101 98  98  TYR TYR B . n 
B 1 102 LYS 102 99  99  LYS LYS B . n 
B 1 103 GLY 103 100 100 GLY GLY B . n 
# 
loop_
_pdbx_nonpoly_scheme.asym_id 
_pdbx_nonpoly_scheme.entity_id 
_pdbx_nonpoly_scheme.mon_id 
_pdbx_nonpoly_scheme.ndb_seq_num 
_pdbx_nonpoly_scheme.pdb_seq_num 
_pdbx_nonpoly_scheme.auth_seq_num 
_pdbx_nonpoly_scheme.pdb_mon_id 
_pdbx_nonpoly_scheme.auth_mon_id 
_pdbx_nonpoly_scheme.pdb_strand_id 
_pdbx_nonpoly_scheme.pdb_ins_code 
C 2 HOH 1 101 1 HOH HOH A . 
C 2 HOH 2 102 2 HOH HOH A . 
C 2 HOH 3 103 3 HOH HOH A . 
C 2 HOH 4 104 4 HOH HOH A . 
C 2 HOH 5 105 5 HOH HOH A . 
C 2 HOH 6 106 6 HOH HOH A . 
C 2 HOH 7 107 7 HOH HOH A . 
D 2 HOH 1 101 8 HOH HOH B . 
# 
_pdbx_struct_assembly.id                   1 
_pdbx_struct_assembly.details              author_and_software_defined_assembly 
_pdbx_struct_assembly.method_details       PISA 
_pdbx_struct_assembly.oligomeric_details   dimeric 
_pdbx_struct_assembly.oligomeric_count     2 
# 
_pdbx_struct_assembly_gen.assembly_id       1 
_pdbx_struct_assembly_gen.oper_expression   1 
_pdbx_struct_assembly_gen.asym_id_list      A,B,C,D 
# 
loop_
_pdbx_struct_assembly_prop.biol_id 
_pdbx_struct_assembly_prop.type 
_pdbx_struct_assembly_prop.value 
_pdbx_struct_assembly_prop.details 
1 'ABSA (A^2)' 3390  ? 
1 MORE         -20   ? 
1 'SSA (A^2)'  11200 ? 
# 
_pdbx_struct_oper_list.id                   1 
_pdbx_struct_oper_list.type                 'identity operation' 
_pdbx_struct_oper_list.name                 1_555 
_pdbx_struct_oper_list.symmetry_operation   x,y,z 
_pdbx_struct_oper_list.matrix[1][1]         1.0000000000 
_pdbx_struct_oper_list.matrix[1][2]         0.0000000000 
_pdbx_struct_oper_list.matrix[1][3]         0.0000000000 
_pdbx_struct_oper_list.vector[1]            0.0000000000 
_pdbx_struct_oper_list.matrix[2][1]         0.0000000000 
_pdbx_struct_oper_list.matrix[2][2]         1.0000000000 
_pdbx_struct_oper_list.matrix[2][3]         0.0000000000 
_pdbx_struct_oper_list.vector[2]            0.0000000000 
_pdbx_struct_oper_list.matrix[3][1]         0.0000000000 
_pdbx_struct_oper_list.matrix[3][2]         0.0000000000 
_pdbx_struct_oper_list.matrix[3][3]         1.0000000000 
_pdbx_struct_oper_list.vector[3]            0.0000000000 
# 
loop_
_pdbx_audit_revision_history.ordinal 
_pdbx_audit_revision_history.data_content_type 
_pdbx_audit_revision_history.major_revision 
_pdbx_audit_revision_history.minor_revision 
_pdbx_audit_revision_history.revision_date 
1 'Structure model' 1 0 2010-01-12 
2 'Structure model' 1 1 2011-07-13 
3 'Structure model' 1 2 2017-11-01 
4 'Structure model' 1 3 2023-09-06 
# 
_pdbx_audit_revision_details.ordinal             1 
_pdbx_audit_revision_details.revision_ordinal    1 
_pdbx_audit_revision_details.data_content_type   'Structure model' 
_pdbx_audit_revision_details.provider            repository 
_pdbx_audit_revision_details.type                'Initial release' 
_pdbx_audit_revision_details.description         ? 
_pdbx_audit_revision_details.details             ? 
# 
loop_
_pdbx_audit_revision_group.ordinal 
_pdbx_audit_revision_group.revision_ordinal 
_pdbx_audit_revision_group.data_content_type 
_pdbx_audit_revision_group.group 
1 2 'Structure model' Advisory                    
2 2 'Structure model' 'Refinement description'    
3 2 'Structure model' 'Version format compliance' 
4 3 'Structure model' 'Refinement description'    
5 4 'Structure model' 'Data collection'           
6 4 'Structure model' 'Database references'       
7 4 'Structure model' 'Refinement description'    
# 
loop_
_pdbx_audit_revision_category.ordinal 
_pdbx_audit_revision_category.revision_ordinal 
_pdbx_audit_revision_category.data_content_type 
_pdbx_audit_revision_category.category 
1 3 'Structure model' software                      
2 4 'Structure model' chem_comp_atom                
3 4 'Structure model' chem_comp_bond                
4 4 'Structure model' database_2                    
5 4 'Structure model' pdbx_initial_refinement_model 
6 4 'Structure model' struct_ref_seq_dif            
# 
loop_
_pdbx_audit_revision_item.ordinal 
_pdbx_audit_revision_item.revision_ordinal 
_pdbx_audit_revision_item.data_content_type 
_pdbx_audit_revision_item.item 
1 4 'Structure model' '_database_2.pdbx_DOI'                
2 4 'Structure model' '_database_2.pdbx_database_accession' 
3 4 'Structure model' '_struct_ref_seq_dif.details'         
# 
loop_
_pdbx_refine_tls.pdbx_refine_id 
_pdbx_refine_tls.id 
_pdbx_refine_tls.details 
_pdbx_refine_tls.method 
_pdbx_refine_tls.origin_x 
_pdbx_refine_tls.origin_y 
_pdbx_refine_tls.origin_z 
_pdbx_refine_tls.T[1][1] 
_pdbx_refine_tls.T[2][2] 
_pdbx_refine_tls.T[3][3] 
_pdbx_refine_tls.T[1][2] 
_pdbx_refine_tls.T[1][3] 
_pdbx_refine_tls.T[2][3] 
_pdbx_refine_tls.L[1][1] 
_pdbx_refine_tls.L[2][2] 
_pdbx_refine_tls.L[3][3] 
_pdbx_refine_tls.L[1][2] 
_pdbx_refine_tls.L[1][3] 
_pdbx_refine_tls.L[2][3] 
_pdbx_refine_tls.S[1][1] 
_pdbx_refine_tls.S[2][2] 
_pdbx_refine_tls.S[3][3] 
_pdbx_refine_tls.S[1][2] 
_pdbx_refine_tls.S[1][3] 
_pdbx_refine_tls.S[2][3] 
_pdbx_refine_tls.S[2][1] 
_pdbx_refine_tls.S[3][1] 
_pdbx_refine_tls.S[3][2] 
'X-RAY DIFFRACTION' 1 ? refined -6.6266 -3.1431 -5.5379 0.0272 0.0109 0.0283 -0.0078 -0.0094 -0.0070 3.9637 3.0823 1.8720 0.6266  0.0002  -0.1652 -0.0406 0.0530  -0.0123 0.1173  -0.2973 0.0861  -0.2808 0.0695  -0.1164 
'X-RAY DIFFRACTION' 2 ? refined 6.5364  2.7915  5.5356  0.0130 0.0066 0.0227 0.0000  -0.0167 0.0007  4.7780 2.5777 2.2236 -0.0235 -0.0495 -0.3837 0.0112  -0.0062 -0.0050 -0.1035 -0.0883 -0.2283 0.1827  -0.0122 0.0985 
# 
loop_
_pdbx_refine_tls_group.pdbx_refine_id 
_pdbx_refine_tls_group.id 
_pdbx_refine_tls_group.refine_tls_id 
_pdbx_refine_tls_group.beg_auth_asym_id 
_pdbx_refine_tls_group.beg_auth_seq_id 
_pdbx_refine_tls_group.end_auth_asym_id 
_pdbx_refine_tls_group.end_auth_seq_id 
_pdbx_refine_tls_group.selection_details 
_pdbx_refine_tls_group.beg_label_asym_id 
_pdbx_refine_tls_group.beg_label_seq_id 
_pdbx_refine_tls_group.end_label_asym_id 
_pdbx_refine_tls_group.end_label_seq_id 
_pdbx_refine_tls_group.selection 
'X-RAY DIFFRACTION' 1 1 A 1   A 100 ? . . . . ? 
'X-RAY DIFFRACTION' 2 1 A 101 A 107 ? . . . . ? 
'X-RAY DIFFRACTION' 3 2 B -2  B 100 ? . . . . ? 
'X-RAY DIFFRACTION' 4 2 B 101 B 101 ? . . . . ? 
# 
_pdbx_phasing_MR.entry_id                     3K8A 
_pdbx_phasing_MR.method_rotation              ? 
_pdbx_phasing_MR.method_translation           ? 
_pdbx_phasing_MR.model_details                'Phaser MODE: MR_AUTO' 
_pdbx_phasing_MR.R_factor                     33.070 
_pdbx_phasing_MR.R_rigid_body                 ? 
_pdbx_phasing_MR.correlation_coeff_Fo_to_Fc   ? 
_pdbx_phasing_MR.correlation_coeff_Io_to_Ic   ? 
_pdbx_phasing_MR.d_res_high_rotation          2.700 
_pdbx_phasing_MR.d_res_low_rotation           26.260 
_pdbx_phasing_MR.d_res_high_translation       2.700 
_pdbx_phasing_MR.d_res_low_translation        26.260 
_pdbx_phasing_MR.packing                      ? 
_pdbx_phasing_MR.reflns_percent_rotation      ? 
_pdbx_phasing_MR.reflns_percent_translation   ? 
_pdbx_phasing_MR.sigma_F_rotation             ? 
_pdbx_phasing_MR.sigma_F_translation          ? 
_pdbx_phasing_MR.sigma_I_rotation             ? 
_pdbx_phasing_MR.sigma_I_translation          ? 
# 
_phasing.method   MR 
# 
loop_
_software.pdbx_ordinal 
_software.name 
_software.version 
_software.date 
_software.type 
_software.contact_author 
_software.contact_author_email 
_software.classification 
_software.location 
_software.language 
_software.citation_id 
1 DENZO       .     ?                          package 'Zbyszek Otwinowski' hkl@hkl-xray.com            'data reduction'  
http://www.hkl-xray.com/                     ?          ? 
2 SCALEPACK   .     ?                          package 'Zbyszek Otwinowski' hkl@hkl-xray.com            'data scaling'    
http://www.hkl-xray.com/                     ?          ? 
3 PHASER      2.1.4 'Mon Jan 29 16:49:23 2007' program 'Randy J. Read'      cimr-phaser@lists.cam.ac.uk phasing           
http://www-structmed.cimr.cam.ac.uk/phaser/  ?          ? 
4 REFMAC      .     ?                          program 'Garib N. Murshudov' garib@ysbl.york.ac.uk       refinement        
http://www.ccp4.ac.uk/dist/html/refmac5.html Fortran_77 ? 
5 PDB_EXTRACT 3.005 'June 11, 2008'            package PDB                  help@deposit.rcsb.org       'data extraction' 
http://sw-tools.pdb.org/apps/PDB_EXTRACT/    C++        ? 
6 HKL-2000    .     ?                          ?       ?                    ?                           'data collection' ? ? ? 
7 HKL-2000    .     ?                          ?       ?                    ?                           'data reduction'  ? ? ? 
8 HKL-2000    .     ?                          ?       ?                    ?                           'data scaling'    ? ? ? 
# 
loop_
_pdbx_validate_torsion.id 
_pdbx_validate_torsion.PDB_model_num 
_pdbx_validate_torsion.auth_comp_id 
_pdbx_validate_torsion.auth_asym_id 
_pdbx_validate_torsion.auth_seq_id 
_pdbx_validate_torsion.PDB_ins_code 
_pdbx_validate_torsion.label_alt_id 
_pdbx_validate_torsion.phi 
_pdbx_validate_torsion.psi 
1  1 ALA A 11 ? ? -172.80 146.77 
2  1 GLU A 36 ? ? -166.75 87.45  
3  1 ARG A 67 ? ? -107.20 50.85  
4  1 LYS A 81 ? ? -45.45  103.56 
5  1 SER A 82 ? ? 73.24   118.27 
6  1 ARG A 84 ? ? 74.00   42.40  
7  1 LEU A 86 ? ? 53.26   12.03  
8  1 SER B -1 ? ? 170.60  115.59 
9  1 MET B 1  ? ? -47.38  163.18 
10 1 ILE B 13 ? ? -66.59  89.19  
11 1 SER B 82 ? ? 75.44   170.79 
12 1 ARG B 84 ? ? 80.56   -0.43  
13 1 SER B 85 ? ? -44.19  -16.66 
14 1 LEU B 86 ? ? 58.98   -6.79  
# 
loop_
_pdbx_unobs_or_zero_occ_residues.id 
_pdbx_unobs_or_zero_occ_residues.PDB_model_num 
_pdbx_unobs_or_zero_occ_residues.polymer_flag 
_pdbx_unobs_or_zero_occ_residues.occupancy_flag 
_pdbx_unobs_or_zero_occ_residues.auth_asym_id 
_pdbx_unobs_or_zero_occ_residues.auth_comp_id 
_pdbx_unobs_or_zero_occ_residues.auth_seq_id 
_pdbx_unobs_or_zero_occ_residues.PDB_ins_code 
_pdbx_unobs_or_zero_occ_residues.label_asym_id 
_pdbx_unobs_or_zero_occ_residues.label_comp_id 
_pdbx_unobs_or_zero_occ_residues.label_seq_id 
1 1 Y 1 A GLY -2 ? A GLY 1 
2 1 Y 1 A SER -1 ? A SER 2 
3 1 Y 1 A HIS 0  ? A HIS 3 
# 
loop_
_chem_comp_atom.comp_id 
_chem_comp_atom.atom_id 
_chem_comp_atom.type_symbol 
_chem_comp_atom.pdbx_aromatic_flag 
_chem_comp_atom.pdbx_stereo_config 
_chem_comp_atom.pdbx_ordinal 
ALA N    N N N 1   
ALA CA   C N S 2   
ALA C    C N N 3   
ALA O    O N N 4   
ALA CB   C N N 5   
ALA OXT  O N N 6   
ALA H    H N N 7   
ALA H2   H N N 8   
ALA HA   H N N 9   
ALA HB1  H N N 10  
ALA HB2  H N N 11  
ALA HB3  H N N 12  
ALA HXT  H N N 13  
ARG N    N N N 14  
ARG CA   C N S 15  
ARG C    C N N 16  
ARG O    O N N 17  
ARG CB   C N N 18  
ARG CG   C N N 19  
ARG CD   C N N 20  
ARG NE   N N N 21  
ARG CZ   C N N 22  
ARG NH1  N N N 23  
ARG NH2  N N N 24  
ARG OXT  O N N 25  
ARG H    H N N 26  
ARG H2   H N N 27  
ARG HA   H N N 28  
ARG HB2  H N N 29  
ARG HB3  H N N 30  
ARG HG2  H N N 31  
ARG HG3  H N N 32  
ARG HD2  H N N 33  
ARG HD3  H N N 34  
ARG HE   H N N 35  
ARG HH11 H N N 36  
ARG HH12 H N N 37  
ARG HH21 H N N 38  
ARG HH22 H N N 39  
ARG HXT  H N N 40  
ASN N    N N N 41  
ASN CA   C N S 42  
ASN C    C N N 43  
ASN O    O N N 44  
ASN CB   C N N 45  
ASN CG   C N N 46  
ASN OD1  O N N 47  
ASN ND2  N N N 48  
ASN OXT  O N N 49  
ASN H    H N N 50  
ASN H2   H N N 51  
ASN HA   H N N 52  
ASN HB2  H N N 53  
ASN HB3  H N N 54  
ASN HD21 H N N 55  
ASN HD22 H N N 56  
ASN HXT  H N N 57  
ASP N    N N N 58  
ASP CA   C N S 59  
ASP C    C N N 60  
ASP O    O N N 61  
ASP CB   C N N 62  
ASP CG   C N N 63  
ASP OD1  O N N 64  
ASP OD2  O N N 65  
ASP OXT  O N N 66  
ASP H    H N N 67  
ASP H2   H N N 68  
ASP HA   H N N 69  
ASP HB2  H N N 70  
ASP HB3  H N N 71  
ASP HD2  H N N 72  
ASP HXT  H N N 73  
CYS N    N N N 74  
CYS CA   C N R 75  
CYS C    C N N 76  
CYS O    O N N 77  
CYS CB   C N N 78  
CYS SG   S N N 79  
CYS OXT  O N N 80  
CYS H    H N N 81  
CYS H2   H N N 82  
CYS HA   H N N 83  
CYS HB2  H N N 84  
CYS HB3  H N N 85  
CYS HG   H N N 86  
CYS HXT  H N N 87  
GLN N    N N N 88  
GLN CA   C N S 89  
GLN C    C N N 90  
GLN O    O N N 91  
GLN CB   C N N 92  
GLN CG   C N N 93  
GLN CD   C N N 94  
GLN OE1  O N N 95  
GLN NE2  N N N 96  
GLN OXT  O N N 97  
GLN H    H N N 98  
GLN H2   H N N 99  
GLN HA   H N N 100 
GLN HB2  H N N 101 
GLN HB3  H N N 102 
GLN HG2  H N N 103 
GLN HG3  H N N 104 
GLN HE21 H N N 105 
GLN HE22 H N N 106 
GLN HXT  H N N 107 
GLU N    N N N 108 
GLU CA   C N S 109 
GLU C    C N N 110 
GLU O    O N N 111 
GLU CB   C N N 112 
GLU CG   C N N 113 
GLU CD   C N N 114 
GLU OE1  O N N 115 
GLU OE2  O N N 116 
GLU OXT  O N N 117 
GLU H    H N N 118 
GLU H2   H N N 119 
GLU HA   H N N 120 
GLU HB2  H N N 121 
GLU HB3  H N N 122 
GLU HG2  H N N 123 
GLU HG3  H N N 124 
GLU HE2  H N N 125 
GLU HXT  H N N 126 
GLY N    N N N 127 
GLY CA   C N N 128 
GLY C    C N N 129 
GLY O    O N N 130 
GLY OXT  O N N 131 
GLY H    H N N 132 
GLY H2   H N N 133 
GLY HA2  H N N 134 
GLY HA3  H N N 135 
GLY HXT  H N N 136 
HIS N    N N N 137 
HIS CA   C N S 138 
HIS C    C N N 139 
HIS O    O N N 140 
HIS CB   C N N 141 
HIS CG   C Y N 142 
HIS ND1  N Y N 143 
HIS CD2  C Y N 144 
HIS CE1  C Y N 145 
HIS NE2  N Y N 146 
HIS OXT  O N N 147 
HIS H    H N N 148 
HIS H2   H N N 149 
HIS HA   H N N 150 
HIS HB2  H N N 151 
HIS HB3  H N N 152 
HIS HD1  H N N 153 
HIS HD2  H N N 154 
HIS HE1  H N N 155 
HIS HE2  H N N 156 
HIS HXT  H N N 157 
HOH O    O N N 158 
HOH H1   H N N 159 
HOH H2   H N N 160 
ILE N    N N N 161 
ILE CA   C N S 162 
ILE C    C N N 163 
ILE O    O N N 164 
ILE CB   C N S 165 
ILE CG1  C N N 166 
ILE CG2  C N N 167 
ILE CD1  C N N 168 
ILE OXT  O N N 169 
ILE H    H N N 170 
ILE H2   H N N 171 
ILE HA   H N N 172 
ILE HB   H N N 173 
ILE HG12 H N N 174 
ILE HG13 H N N 175 
ILE HG21 H N N 176 
ILE HG22 H N N 177 
ILE HG23 H N N 178 
ILE HD11 H N N 179 
ILE HD12 H N N 180 
ILE HD13 H N N 181 
ILE HXT  H N N 182 
LEU N    N N N 183 
LEU CA   C N S 184 
LEU C    C N N 185 
LEU O    O N N 186 
LEU CB   C N N 187 
LEU CG   C N N 188 
LEU CD1  C N N 189 
LEU CD2  C N N 190 
LEU OXT  O N N 191 
LEU H    H N N 192 
LEU H2   H N N 193 
LEU HA   H N N 194 
LEU HB2  H N N 195 
LEU HB3  H N N 196 
LEU HG   H N N 197 
LEU HD11 H N N 198 
LEU HD12 H N N 199 
LEU HD13 H N N 200 
LEU HD21 H N N 201 
LEU HD22 H N N 202 
LEU HD23 H N N 203 
LEU HXT  H N N 204 
LYS N    N N N 205 
LYS CA   C N S 206 
LYS C    C N N 207 
LYS O    O N N 208 
LYS CB   C N N 209 
LYS CG   C N N 210 
LYS CD   C N N 211 
LYS CE   C N N 212 
LYS NZ   N N N 213 
LYS OXT  O N N 214 
LYS H    H N N 215 
LYS H2   H N N 216 
LYS HA   H N N 217 
LYS HB2  H N N 218 
LYS HB3  H N N 219 
LYS HG2  H N N 220 
LYS HG3  H N N 221 
LYS HD2  H N N 222 
LYS HD3  H N N 223 
LYS HE2  H N N 224 
LYS HE3  H N N 225 
LYS HZ1  H N N 226 
LYS HZ2  H N N 227 
LYS HZ3  H N N 228 
LYS HXT  H N N 229 
MET N    N N N 230 
MET CA   C N S 231 
MET C    C N N 232 
MET O    O N N 233 
MET CB   C N N 234 
MET CG   C N N 235 
MET SD   S N N 236 
MET CE   C N N 237 
MET OXT  O N N 238 
MET H    H N N 239 
MET H2   H N N 240 
MET HA   H N N 241 
MET HB2  H N N 242 
MET HB3  H N N 243 
MET HG2  H N N 244 
MET HG3  H N N 245 
MET HE1  H N N 246 
MET HE2  H N N 247 
MET HE3  H N N 248 
MET HXT  H N N 249 
PHE N    N N N 250 
PHE CA   C N S 251 
PHE C    C N N 252 
PHE O    O N N 253 
PHE CB   C N N 254 
PHE CG   C Y N 255 
PHE CD1  C Y N 256 
PHE CD2  C Y N 257 
PHE CE1  C Y N 258 
PHE CE2  C Y N 259 
PHE CZ   C Y N 260 
PHE OXT  O N N 261 
PHE H    H N N 262 
PHE H2   H N N 263 
PHE HA   H N N 264 
PHE HB2  H N N 265 
PHE HB3  H N N 266 
PHE HD1  H N N 267 
PHE HD2  H N N 268 
PHE HE1  H N N 269 
PHE HE2  H N N 270 
PHE HZ   H N N 271 
PHE HXT  H N N 272 
PRO N    N N N 273 
PRO CA   C N S 274 
PRO C    C N N 275 
PRO O    O N N 276 
PRO CB   C N N 277 
PRO CG   C N N 278 
PRO CD   C N N 279 
PRO OXT  O N N 280 
PRO H    H N N 281 
PRO HA   H N N 282 
PRO HB2  H N N 283 
PRO HB3  H N N 284 
PRO HG2  H N N 285 
PRO HG3  H N N 286 
PRO HD2  H N N 287 
PRO HD3  H N N 288 
PRO HXT  H N N 289 
SER N    N N N 290 
SER CA   C N S 291 
SER C    C N N 292 
SER O    O N N 293 
SER CB   C N N 294 
SER OG   O N N 295 
SER OXT  O N N 296 
SER H    H N N 297 
SER H2   H N N 298 
SER HA   H N N 299 
SER HB2  H N N 300 
SER HB3  H N N 301 
SER HG   H N N 302 
SER HXT  H N N 303 
THR N    N N N 304 
THR CA   C N S 305 
THR C    C N N 306 
THR O    O N N 307 
THR CB   C N R 308 
THR OG1  O N N 309 
THR CG2  C N N 310 
THR OXT  O N N 311 
THR H    H N N 312 
THR H2   H N N 313 
THR HA   H N N 314 
THR HB   H N N 315 
THR HG1  H N N 316 
THR HG21 H N N 317 
THR HG22 H N N 318 
THR HG23 H N N 319 
THR HXT  H N N 320 
TRP N    N N N 321 
TRP CA   C N S 322 
TRP C    C N N 323 
TRP O    O N N 324 
TRP CB   C N N 325 
TRP CG   C Y N 326 
TRP CD1  C Y N 327 
TRP CD2  C Y N 328 
TRP NE1  N Y N 329 
TRP CE2  C Y N 330 
TRP CE3  C Y N 331 
TRP CZ2  C Y N 332 
TRP CZ3  C Y N 333 
TRP CH2  C Y N 334 
TRP OXT  O N N 335 
TRP H    H N N 336 
TRP H2   H N N 337 
TRP HA   H N N 338 
TRP HB2  H N N 339 
TRP HB3  H N N 340 
TRP HD1  H N N 341 
TRP HE1  H N N 342 
TRP HE3  H N N 343 
TRP HZ2  H N N 344 
TRP HZ3  H N N 345 
TRP HH2  H N N 346 
TRP HXT  H N N 347 
TYR N    N N N 348 
TYR CA   C N S 349 
TYR C    C N N 350 
TYR O    O N N 351 
TYR CB   C N N 352 
TYR CG   C Y N 353 
TYR CD1  C Y N 354 
TYR CD2  C Y N 355 
TYR CE1  C Y N 356 
TYR CE2  C Y N 357 
TYR CZ   C Y N 358 
TYR OH   O N N 359 
TYR OXT  O N N 360 
TYR H    H N N 361 
TYR H2   H N N 362 
TYR HA   H N N 363 
TYR HB2  H N N 364 
TYR HB3  H N N 365 
TYR HD1  H N N 366 
TYR HD2  H N N 367 
TYR HE1  H N N 368 
TYR HE2  H N N 369 
TYR HH   H N N 370 
TYR HXT  H N N 371 
VAL N    N N N 372 
VAL CA   C N S 373 
VAL C    C N N 374 
VAL O    O N N 375 
VAL CB   C N N 376 
VAL CG1  C N N 377 
VAL CG2  C N N 378 
VAL OXT  O N N 379 
VAL H    H N N 380 
VAL H2   H N N 381 
VAL HA   H N N 382 
VAL HB   H N N 383 
VAL HG11 H N N 384 
VAL HG12 H N N 385 
VAL HG13 H N N 386 
VAL HG21 H N N 387 
VAL HG22 H N N 388 
VAL HG23 H N N 389 
VAL HXT  H N N 390 
# 
loop_
_chem_comp_bond.comp_id 
_chem_comp_bond.atom_id_1 
_chem_comp_bond.atom_id_2 
_chem_comp_bond.value_order 
_chem_comp_bond.pdbx_aromatic_flag 
_chem_comp_bond.pdbx_stereo_config 
_chem_comp_bond.pdbx_ordinal 
ALA N   CA   sing N N 1   
ALA N   H    sing N N 2   
ALA N   H2   sing N N 3   
ALA CA  C    sing N N 4   
ALA CA  CB   sing N N 5   
ALA CA  HA   sing N N 6   
ALA C   O    doub N N 7   
ALA C   OXT  sing N N 8   
ALA CB  HB1  sing N N 9   
ALA CB  HB2  sing N N 10  
ALA CB  HB3  sing N N 11  
ALA OXT HXT  sing N N 12  
ARG N   CA   sing N N 13  
ARG N   H    sing N N 14  
ARG N   H2   sing N N 15  
ARG CA  C    sing N N 16  
ARG CA  CB   sing N N 17  
ARG CA  HA   sing N N 18  
ARG C   O    doub N N 19  
ARG C   OXT  sing N N 20  
ARG CB  CG   sing N N 21  
ARG CB  HB2  sing N N 22  
ARG CB  HB3  sing N N 23  
ARG CG  CD   sing N N 24  
ARG CG  HG2  sing N N 25  
ARG CG  HG3  sing N N 26  
ARG CD  NE   sing N N 27  
ARG CD  HD2  sing N N 28  
ARG CD  HD3  sing N N 29  
ARG NE  CZ   sing N N 30  
ARG NE  HE   sing N N 31  
ARG CZ  NH1  sing N N 32  
ARG CZ  NH2  doub N N 33  
ARG NH1 HH11 sing N N 34  
ARG NH1 HH12 sing N N 35  
ARG NH2 HH21 sing N N 36  
ARG NH2 HH22 sing N N 37  
ARG OXT HXT  sing N N 38  
ASN N   CA   sing N N 39  
ASN N   H    sing N N 40  
ASN N   H2   sing N N 41  
ASN CA  C    sing N N 42  
ASN CA  CB   sing N N 43  
ASN CA  HA   sing N N 44  
ASN C   O    doub N N 45  
ASN C   OXT  sing N N 46  
ASN CB  CG   sing N N 47  
ASN CB  HB2  sing N N 48  
ASN CB  HB3  sing N N 49  
ASN CG  OD1  doub N N 50  
ASN CG  ND2  sing N N 51  
ASN ND2 HD21 sing N N 52  
ASN ND2 HD22 sing N N 53  
ASN OXT HXT  sing N N 54  
ASP N   CA   sing N N 55  
ASP N   H    sing N N 56  
ASP N   H2   sing N N 57  
ASP CA  C    sing N N 58  
ASP CA  CB   sing N N 59  
ASP CA  HA   sing N N 60  
ASP C   O    doub N N 61  
ASP C   OXT  sing N N 62  
ASP CB  CG   sing N N 63  
ASP CB  HB2  sing N N 64  
ASP CB  HB3  sing N N 65  
ASP CG  OD1  doub N N 66  
ASP CG  OD2  sing N N 67  
ASP OD2 HD2  sing N N 68  
ASP OXT HXT  sing N N 69  
CYS N   CA   sing N N 70  
CYS N   H    sing N N 71  
CYS N   H2   sing N N 72  
CYS CA  C    sing N N 73  
CYS CA  CB   sing N N 74  
CYS CA  HA   sing N N 75  
CYS C   O    doub N N 76  
CYS C   OXT  sing N N 77  
CYS CB  SG   sing N N 78  
CYS CB  HB2  sing N N 79  
CYS CB  HB3  sing N N 80  
CYS SG  HG   sing N N 81  
CYS OXT HXT  sing N N 82  
GLN N   CA   sing N N 83  
GLN N   H    sing N N 84  
GLN N   H2   sing N N 85  
GLN CA  C    sing N N 86  
GLN CA  CB   sing N N 87  
GLN CA  HA   sing N N 88  
GLN C   O    doub N N 89  
GLN C   OXT  sing N N 90  
GLN CB  CG   sing N N 91  
GLN CB  HB2  sing N N 92  
GLN CB  HB3  sing N N 93  
GLN CG  CD   sing N N 94  
GLN CG  HG2  sing N N 95  
GLN CG  HG3  sing N N 96  
GLN CD  OE1  doub N N 97  
GLN CD  NE2  sing N N 98  
GLN NE2 HE21 sing N N 99  
GLN NE2 HE22 sing N N 100 
GLN OXT HXT  sing N N 101 
GLU N   CA   sing N N 102 
GLU N   H    sing N N 103 
GLU N   H2   sing N N 104 
GLU CA  C    sing N N 105 
GLU CA  CB   sing N N 106 
GLU CA  HA   sing N N 107 
GLU C   O    doub N N 108 
GLU C   OXT  sing N N 109 
GLU CB  CG   sing N N 110 
GLU CB  HB2  sing N N 111 
GLU CB  HB3  sing N N 112 
GLU CG  CD   sing N N 113 
GLU CG  HG2  sing N N 114 
GLU CG  HG3  sing N N 115 
GLU CD  OE1  doub N N 116 
GLU CD  OE2  sing N N 117 
GLU OE2 HE2  sing N N 118 
GLU OXT HXT  sing N N 119 
GLY N   CA   sing N N 120 
GLY N   H    sing N N 121 
GLY N   H2   sing N N 122 
GLY CA  C    sing N N 123 
GLY CA  HA2  sing N N 124 
GLY CA  HA3  sing N N 125 
GLY C   O    doub N N 126 
GLY C   OXT  sing N N 127 
GLY OXT HXT  sing N N 128 
HIS N   CA   sing N N 129 
HIS N   H    sing N N 130 
HIS N   H2   sing N N 131 
HIS CA  C    sing N N 132 
HIS CA  CB   sing N N 133 
HIS CA  HA   sing N N 134 
HIS C   O    doub N N 135 
HIS C   OXT  sing N N 136 
HIS CB  CG   sing N N 137 
HIS CB  HB2  sing N N 138 
HIS CB  HB3  sing N N 139 
HIS CG  ND1  sing Y N 140 
HIS CG  CD2  doub Y N 141 
HIS ND1 CE1  doub Y N 142 
HIS ND1 HD1  sing N N 143 
HIS CD2 NE2  sing Y N 144 
HIS CD2 HD2  sing N N 145 
HIS CE1 NE2  sing Y N 146 
HIS CE1 HE1  sing N N 147 
HIS NE2 HE2  sing N N 148 
HIS OXT HXT  sing N N 149 
HOH O   H1   sing N N 150 
HOH O   H2   sing N N 151 
ILE N   CA   sing N N 152 
ILE N   H    sing N N 153 
ILE N   H2   sing N N 154 
ILE CA  C    sing N N 155 
ILE CA  CB   sing N N 156 
ILE CA  HA   sing N N 157 
ILE C   O    doub N N 158 
ILE C   OXT  sing N N 159 
ILE CB  CG1  sing N N 160 
ILE CB  CG2  sing N N 161 
ILE CB  HB   sing N N 162 
ILE CG1 CD1  sing N N 163 
ILE CG1 HG12 sing N N 164 
ILE CG1 HG13 sing N N 165 
ILE CG2 HG21 sing N N 166 
ILE CG2 HG22 sing N N 167 
ILE CG2 HG23 sing N N 168 
ILE CD1 HD11 sing N N 169 
ILE CD1 HD12 sing N N 170 
ILE CD1 HD13 sing N N 171 
ILE OXT HXT  sing N N 172 
LEU N   CA   sing N N 173 
LEU N   H    sing N N 174 
LEU N   H2   sing N N 175 
LEU CA  C    sing N N 176 
LEU CA  CB   sing N N 177 
LEU CA  HA   sing N N 178 
LEU C   O    doub N N 179 
LEU C   OXT  sing N N 180 
LEU CB  CG   sing N N 181 
LEU CB  HB2  sing N N 182 
LEU CB  HB3  sing N N 183 
LEU CG  CD1  sing N N 184 
LEU CG  CD2  sing N N 185 
LEU CG  HG   sing N N 186 
LEU CD1 HD11 sing N N 187 
LEU CD1 HD12 sing N N 188 
LEU CD1 HD13 sing N N 189 
LEU CD2 HD21 sing N N 190 
LEU CD2 HD22 sing N N 191 
LEU CD2 HD23 sing N N 192 
LEU OXT HXT  sing N N 193 
LYS N   CA   sing N N 194 
LYS N   H    sing N N 195 
LYS N   H2   sing N N 196 
LYS CA  C    sing N N 197 
LYS CA  CB   sing N N 198 
LYS CA  HA   sing N N 199 
LYS C   O    doub N N 200 
LYS C   OXT  sing N N 201 
LYS CB  CG   sing N N 202 
LYS CB  HB2  sing N N 203 
LYS CB  HB3  sing N N 204 
LYS CG  CD   sing N N 205 
LYS CG  HG2  sing N N 206 
LYS CG  HG3  sing N N 207 
LYS CD  CE   sing N N 208 
LYS CD  HD2  sing N N 209 
LYS CD  HD3  sing N N 210 
LYS CE  NZ   sing N N 211 
LYS CE  HE2  sing N N 212 
LYS CE  HE3  sing N N 213 
LYS NZ  HZ1  sing N N 214 
LYS NZ  HZ2  sing N N 215 
LYS NZ  HZ3  sing N N 216 
LYS OXT HXT  sing N N 217 
MET N   CA   sing N N 218 
MET N   H    sing N N 219 
MET N   H2   sing N N 220 
MET CA  C    sing N N 221 
MET CA  CB   sing N N 222 
MET CA  HA   sing N N 223 
MET C   O    doub N N 224 
MET C   OXT  sing N N 225 
MET CB  CG   sing N N 226 
MET CB  HB2  sing N N 227 
MET CB  HB3  sing N N 228 
MET CG  SD   sing N N 229 
MET CG  HG2  sing N N 230 
MET CG  HG3  sing N N 231 
MET SD  CE   sing N N 232 
MET CE  HE1  sing N N 233 
MET CE  HE2  sing N N 234 
MET CE  HE3  sing N N 235 
MET OXT HXT  sing N N 236 
PHE N   CA   sing N N 237 
PHE N   H    sing N N 238 
PHE N   H2   sing N N 239 
PHE CA  C    sing N N 240 
PHE CA  CB   sing N N 241 
PHE CA  HA   sing N N 242 
PHE C   O    doub N N 243 
PHE C   OXT  sing N N 244 
PHE CB  CG   sing N N 245 
PHE CB  HB2  sing N N 246 
PHE CB  HB3  sing N N 247 
PHE CG  CD1  doub Y N 248 
PHE CG  CD2  sing Y N 249 
PHE CD1 CE1  sing Y N 250 
PHE CD1 HD1  sing N N 251 
PHE CD2 CE2  doub Y N 252 
PHE CD2 HD2  sing N N 253 
PHE CE1 CZ   doub Y N 254 
PHE CE1 HE1  sing N N 255 
PHE CE2 CZ   sing Y N 256 
PHE CE2 HE2  sing N N 257 
PHE CZ  HZ   sing N N 258 
PHE OXT HXT  sing N N 259 
PRO N   CA   sing N N 260 
PRO N   CD   sing N N 261 
PRO N   H    sing N N 262 
PRO CA  C    sing N N 263 
PRO CA  CB   sing N N 264 
PRO CA  HA   sing N N 265 
PRO C   O    doub N N 266 
PRO C   OXT  sing N N 267 
PRO CB  CG   sing N N 268 
PRO CB  HB2  sing N N 269 
PRO CB  HB3  sing N N 270 
PRO CG  CD   sing N N 271 
PRO CG  HG2  sing N N 272 
PRO CG  HG3  sing N N 273 
PRO CD  HD2  sing N N 274 
PRO CD  HD3  sing N N 275 
PRO OXT HXT  sing N N 276 
SER N   CA   sing N N 277 
SER N   H    sing N N 278 
SER N   H2   sing N N 279 
SER CA  C    sing N N 280 
SER CA  CB   sing N N 281 
SER CA  HA   sing N N 282 
SER C   O    doub N N 283 
SER C   OXT  sing N N 284 
SER CB  OG   sing N N 285 
SER CB  HB2  sing N N 286 
SER CB  HB3  sing N N 287 
SER OG  HG   sing N N 288 
SER OXT HXT  sing N N 289 
THR N   CA   sing N N 290 
THR N   H    sing N N 291 
THR N   H2   sing N N 292 
THR CA  C    sing N N 293 
THR CA  CB   sing N N 294 
THR CA  HA   sing N N 295 
THR C   O    doub N N 296 
THR C   OXT  sing N N 297 
THR CB  OG1  sing N N 298 
THR CB  CG2  sing N N 299 
THR CB  HB   sing N N 300 
THR OG1 HG1  sing N N 301 
THR CG2 HG21 sing N N 302 
THR CG2 HG22 sing N N 303 
THR CG2 HG23 sing N N 304 
THR OXT HXT  sing N N 305 
TRP N   CA   sing N N 306 
TRP N   H    sing N N 307 
TRP N   H2   sing N N 308 
TRP CA  C    sing N N 309 
TRP CA  CB   sing N N 310 
TRP CA  HA   sing N N 311 
TRP C   O    doub N N 312 
TRP C   OXT  sing N N 313 
TRP CB  CG   sing N N 314 
TRP CB  HB2  sing N N 315 
TRP CB  HB3  sing N N 316 
TRP CG  CD1  doub Y N 317 
TRP CG  CD2  sing Y N 318 
TRP CD1 NE1  sing Y N 319 
TRP CD1 HD1  sing N N 320 
TRP CD2 CE2  doub Y N 321 
TRP CD2 CE3  sing Y N 322 
TRP NE1 CE2  sing Y N 323 
TRP NE1 HE1  sing N N 324 
TRP CE2 CZ2  sing Y N 325 
TRP CE3 CZ3  doub Y N 326 
TRP CE3 HE3  sing N N 327 
TRP CZ2 CH2  doub Y N 328 
TRP CZ2 HZ2  sing N N 329 
TRP CZ3 CH2  sing Y N 330 
TRP CZ3 HZ3  sing N N 331 
TRP CH2 HH2  sing N N 332 
TRP OXT HXT  sing N N 333 
TYR N   CA   sing N N 334 
TYR N   H    sing N N 335 
TYR N   H2   sing N N 336 
TYR CA  C    sing N N 337 
TYR CA  CB   sing N N 338 
TYR CA  HA   sing N N 339 
TYR C   O    doub N N 340 
TYR C   OXT  sing N N 341 
TYR CB  CG   sing N N 342 
TYR CB  HB2  sing N N 343 
TYR CB  HB3  sing N N 344 
TYR CG  CD1  doub Y N 345 
TYR CG  CD2  sing Y N 346 
TYR CD1 CE1  sing Y N 347 
TYR CD1 HD1  sing N N 348 
TYR CD2 CE2  doub Y N 349 
TYR CD2 HD2  sing N N 350 
TYR CE1 CZ   doub Y N 351 
TYR CE1 HE1  sing N N 352 
TYR CE2 CZ   sing Y N 353 
TYR CE2 HE2  sing N N 354 
TYR CZ  OH   sing N N 355 
TYR OH  HH   sing N N 356 
TYR OXT HXT  sing N N 357 
VAL N   CA   sing N N 358 
VAL N   H    sing N N 359 
VAL N   H2   sing N N 360 
VAL CA  C    sing N N 361 
VAL CA  CB   sing N N 362 
VAL CA  HA   sing N N 363 
VAL C   O    doub N N 364 
VAL C   OXT  sing N N 365 
VAL CB  CG1  sing N N 366 
VAL CB  CG2  sing N N 367 
VAL CB  HB   sing N N 368 
VAL CG1 HG11 sing N N 369 
VAL CG1 HG12 sing N N 370 
VAL CG1 HG13 sing N N 371 
VAL CG2 HG21 sing N N 372 
VAL CG2 HG22 sing N N 373 
VAL CG2 HG23 sing N N 374 
VAL OXT HXT  sing N N 375 
# 
_pdbx_entity_nonpoly.entity_id   2 
_pdbx_entity_nonpoly.name        water 
_pdbx_entity_nonpoly.comp_id     HOH 
# 
_pdbx_initial_refinement_model.id               1 
_pdbx_initial_refinement_model.entity_id_list   ? 
_pdbx_initial_refinement_model.type             'experimental model' 
_pdbx_initial_refinement_model.source_name      PDB 
_pdbx_initial_refinement_model.accession_code   1V1Q 
_pdbx_initial_refinement_model.details          'PDB entry 1V1Q' 
# 
